data_8IED
#
_entry.id   8IED
#
_cell.length_a   1.00
_cell.length_b   1.00
_cell.length_c   1.00
_cell.angle_alpha   90.00
_cell.angle_beta   90.00
_cell.angle_gamma   90.00
#
_symmetry.space_group_name_H-M   'P 1'
#
loop_
_entity.id
_entity.type
_entity.pdbx_description
1 polymer 'Probable G-protein coupled receptor 156'
2 polymer 'Guanine nucleotide-binding protein G(o) subunit alpha'
3 polymer 'Guanine nucleotide-binding protein G(I)/G(S)/G(T) subunit beta-1'
4 polymer 'Single-chain variable fragment scFv16'
5 polymer 'Guanine nucleotide-binding protein G(I)/G(S)/G(O) subunit gamma-2'
6 non-polymer '[(2R)-3-[(E)-hexadec-9-enoyl]oxy-2-octadecanoyloxy-propyl] 2-(trimethylazaniumyl)ethyl phosphate'
#
loop_
_entity_poly.entity_id
_entity_poly.type
_entity_poly.pdbx_seq_one_letter_code
_entity_poly.pdbx_strand_id
1 'polypeptide(L)'
;MEPEINCSELCDSFPGQELDRRPLHDLCKTTITSSHHSSKTISSLSPVLLGIVWTFLSCGLLLILFFLAFTIHCRKNRIV
KMSSPNLNIVTLLGSCLTYSSAYLFGIQDVLVGSSMETLIQTRLSMLCIGTSLVFGPILGKSWRLYKVFTQRVPDKRVII
KDLQLLGLVAALLMADVILLMTWVLTDPIQCLQILSVSMTVTGKDVSCTSTSTHFCASRYSDVWIALIWGCKGLLLLYGA
YLAGLTGHVSSPPVNQSLTIMVGVNLLVLAAGLLFVVTRYLHSWPNLVFGLTSGGIFVCTTTINCFIFIPQLKQWKAFEE
ENQTIRRMAKYFSTPNKSFHTQYGEEENCHPRGEKSSMERLLTEKNAVIESLQEQVNNAKEKIVRLMSAECTYDLPEGAA
PPASSPNKDVQAVASVHTLAAAQGPSGHLSDFQNDPGMAARDSQCTSGPSSYAQSLEGPGKDSSFSPGKEEKISDSKDFS
DHLDSGCSQKPWTEQSLGPERGDQVPMNPSQSLLPERGGSDPQRQRHLENSEEPPERRSRVSSVIREKLQEVLQDLGSGS
GSGRGRGGSENLYFQGGSGSGGDYKDDDDKDYKDDDDK
;
A,B
2 'polypeptide(L)'
;MGCTLSAEDKAAVERSKMIEKNLKEDGISAAKDVKLLLLGADNSGKSTIVKQMKIIHGGSGGSGGTTGIVETHFTFKNLH
FRLFDVGGQRSERKKWIHCFEDVTAIIFCVDLSDYNRMHESLMLFDSICNNKFFIDTSIILFLNKKDLFGEKIKKSPLTI
CFPEYTGPNTYEDAAAYIQAQFESKNRSPNKEIYCHMTCATDTNNAQVIFDAVTDIIIANNLRGCGLY
;
C
3 'polypeptide(L)'
;MHHHHHHLEVLFQGPGSSGSELDQLRQEAEQLKNQIRDARKACADATLSQITNNIDPVGRIQMRTRRTLRGHLAKIYAMH
WGTDSRLLVSASQDGKLIIWDSYTTNKVHAIPLRSSWVMTCAYAPSGNYVACGGLDNICSIYNLKTREGNVRVSRELAGH
TGYLSCCRFLDDNQIVTSSGDTTCALWDIETGQQTTTFTGHTGDVMSLSLAPDTRLFVSGACDASAKLWDVREGMCRQTF
TGHESDINAICFFPNGNAFATGSDDATCRLFDLRADQELMTYSHDNIICGITSVSFSKSGRLLLAGYDDFNCNVWDALKA
DRAGVLAGHDNRVSCLGVTDDGMAVATGSWDSFLKIWN
;
D
4 'polypeptide(L)'
;DVQLVESGGGLVQPGGSRKLSCSASGFAFSSFGMHWVRQAPEKGLEWVAYISSGSGTIYYADTVKGRFTISRDDPKNTLF
LQMTSLTSEDTAMYYCVRSIYYYGSSPFDFWGQGTTLTVSSGGGGSGGGGSGGGGSDIVMTQATSSVPVIPGESVSISCR
SSKSLLHSNGNTYLYWFLQRPGQSPQLLIYRMSNLASGVPDRFSGSGSGTAFTLTISRLEAEDVGVYYCMQHLEYPLTFG
AGTKLELKAAAHHHHHHHH
;
N
5 'polypeptide(L)' MASNNTASIAQARKLVEQLKMEANIDRIKVSKAAADLMAYCEAHAKEDPLLTPVPASENPFREKKFFCAIL Y
#
# COMPACT_ATOMS: atom_id res chain seq x y z
N SER A 44 11.02 -48.75 -30.97
CA SER A 44 11.99 -47.65 -30.99
C SER A 44 11.85 -46.77 -29.75
N LEU A 45 10.91 -47.13 -28.89
CA LEU A 45 10.67 -46.41 -27.64
C LEU A 45 11.40 -47.12 -26.50
N SER A 46 12.15 -46.35 -25.72
CA SER A 46 12.91 -46.93 -24.62
C SER A 46 11.96 -47.45 -23.54
N PRO A 47 12.22 -48.64 -22.99
CA PRO A 47 11.35 -49.17 -21.93
C PRO A 47 11.32 -48.32 -20.67
N VAL A 48 12.41 -47.64 -20.34
CA VAL A 48 12.43 -46.82 -19.12
C VAL A 48 11.47 -45.64 -19.24
N LEU A 49 11.49 -44.97 -20.40
CA LEU A 49 10.55 -43.86 -20.64
C LEU A 49 9.12 -44.36 -20.64
N LEU A 50 8.88 -45.51 -21.26
CA LEU A 50 7.54 -46.10 -21.28
C LEU A 50 7.05 -46.41 -19.86
N GLY A 51 7.93 -46.97 -19.03
CA GLY A 51 7.54 -47.28 -17.66
C GLY A 51 7.28 -46.04 -16.83
N ILE A 52 8.12 -45.00 -16.98
CA ILE A 52 7.93 -43.77 -16.23
C ILE A 52 6.59 -43.12 -16.60
N VAL A 53 6.31 -43.06 -17.91
CA VAL A 53 5.07 -42.47 -18.39
C VAL A 53 3.86 -43.26 -17.88
N TRP A 54 3.93 -44.59 -17.96
CA TRP A 54 2.80 -45.42 -17.54
C TRP A 54 2.56 -45.30 -16.04
N THR A 55 3.62 -45.23 -15.24
CA THR A 55 3.45 -45.05 -13.80
C THR A 55 2.83 -43.70 -13.48
N PHE A 56 3.27 -42.64 -14.16
CA PHE A 56 2.68 -41.32 -13.91
C PHE A 56 1.21 -41.27 -14.30
N LEU A 57 0.87 -41.87 -15.45
CA LEU A 57 -0.52 -41.87 -15.88
C LEU A 57 -1.38 -42.76 -14.99
N SER A 58 -0.81 -43.84 -14.46
CA SER A 58 -1.54 -44.68 -13.52
C SER A 58 -1.80 -43.94 -12.21
N CYS A 59 -0.82 -43.16 -11.75
CA CYS A 59 -1.03 -42.35 -10.56
C CYS A 59 -2.13 -41.31 -10.81
N GLY A 60 -2.11 -40.70 -11.99
CA GLY A 60 -3.18 -39.77 -12.35
C GLY A 60 -4.54 -40.43 -12.39
N LEU A 61 -4.62 -41.63 -12.97
CA LEU A 61 -5.89 -42.34 -13.04
C LEU A 61 -6.38 -42.77 -11.66
N LEU A 62 -5.45 -43.14 -10.77
CA LEU A 62 -5.82 -43.46 -9.41
C LEU A 62 -6.38 -42.23 -8.68
N LEU A 63 -5.76 -41.07 -8.90
CA LEU A 63 -6.31 -39.83 -8.33
C LEU A 63 -7.69 -39.53 -8.92
N ILE A 64 -7.87 -39.81 -10.20
CA ILE A 64 -9.16 -39.61 -10.85
C ILE A 64 -10.22 -40.52 -10.23
N LEU A 65 -9.87 -41.78 -9.99
CA LEU A 65 -10.80 -42.71 -9.36
C LEU A 65 -11.11 -42.29 -7.92
N PHE A 66 -10.11 -41.78 -7.21
CA PHE A 66 -10.35 -41.29 -5.85
C PHE A 66 -11.30 -40.11 -5.84
N PHE A 67 -11.11 -39.17 -6.78
CA PHE A 67 -12.03 -38.04 -6.90
C PHE A 67 -13.43 -38.50 -7.26
N LEU A 68 -13.53 -39.49 -8.15
CA LEU A 68 -14.83 -40.01 -8.55
C LEU A 68 -15.54 -40.68 -7.38
N ALA A 69 -14.80 -41.45 -6.59
CA ALA A 69 -15.39 -42.08 -5.41
C ALA A 69 -15.83 -41.04 -4.39
N PHE A 70 -15.02 -40.00 -4.19
CA PHE A 70 -15.37 -38.95 -3.24
C PHE A 70 -16.64 -38.21 -3.67
N THR A 71 -16.76 -37.89 -4.96
CA THR A 71 -17.91 -37.14 -5.43
C THR A 71 -19.11 -38.04 -5.71
N ILE A 72 -18.94 -39.36 -5.73
CA ILE A 72 -20.09 -40.25 -5.85
C ILE A 72 -20.56 -40.78 -4.50
N HIS A 73 -19.75 -40.65 -3.45
CA HIS A 73 -20.16 -41.09 -2.13
C HIS A 73 -20.76 -39.96 -1.31
N CYS A 74 -20.09 -38.82 -1.27
CA CYS A 74 -20.55 -37.67 -0.49
C CYS A 74 -21.50 -36.80 -1.31
N ARG A 75 -22.54 -37.42 -1.87
CA ARG A 75 -23.50 -36.67 -2.68
C ARG A 75 -24.37 -35.76 -1.81
N LYS A 76 -24.77 -36.26 -0.63
CA LYS A 76 -25.68 -35.51 0.22
C LYS A 76 -24.96 -34.50 1.12
N ASN A 77 -23.63 -34.51 1.13
CA ASN A 77 -22.89 -33.52 1.89
C ASN A 77 -23.13 -32.12 1.32
N ARG A 78 -23.25 -31.14 2.20
CA ARG A 78 -23.62 -29.79 1.79
C ARG A 78 -22.57 -29.17 0.88
N ILE A 79 -21.29 -29.37 1.22
CA ILE A 79 -20.21 -28.76 0.43
C ILE A 79 -20.16 -29.34 -0.97
N VAL A 80 -20.28 -30.66 -1.08
CA VAL A 80 -20.19 -31.30 -2.39
C VAL A 80 -21.47 -31.06 -3.19
N LYS A 81 -22.62 -31.04 -2.52
CA LYS A 81 -23.88 -30.76 -3.23
C LYS A 81 -23.93 -29.32 -3.71
N MET A 82 -23.27 -28.40 -3.01
CA MET A 82 -23.20 -27.02 -3.44
C MET A 82 -22.40 -26.83 -4.72
N SER A 83 -21.57 -27.80 -5.10
CA SER A 83 -20.72 -27.70 -6.27
C SER A 83 -21.11 -28.70 -7.36
N SER A 84 -22.41 -29.02 -7.47
CA SER A 84 -23.01 -29.82 -8.52
C SER A 84 -22.33 -31.16 -8.72
N PRO A 85 -22.54 -32.13 -7.81
CA PRO A 85 -21.80 -33.40 -7.91
C PRO A 85 -22.12 -34.21 -9.16
N ASN A 86 -23.34 -34.13 -9.67
CA ASN A 86 -23.70 -34.93 -10.84
C ASN A 86 -23.08 -34.41 -12.13
N LEU A 87 -22.68 -33.14 -12.17
CA LEU A 87 -21.98 -32.62 -13.34
C LEU A 87 -20.52 -33.06 -13.36
N ASN A 88 -19.92 -33.23 -12.17
CA ASN A 88 -18.50 -33.52 -12.10
C ASN A 88 -18.16 -34.92 -12.57
N ILE A 89 -19.13 -35.84 -12.58
CA ILE A 89 -18.90 -37.18 -13.11
C ILE A 89 -18.52 -37.11 -14.59
N VAL A 90 -19.12 -36.16 -15.31
CA VAL A 90 -18.76 -35.94 -16.71
C VAL A 90 -17.31 -35.51 -16.83
N THR A 91 -16.87 -34.63 -15.92
CA THR A 91 -15.48 -34.20 -15.93
C THR A 91 -14.53 -35.36 -15.65
N LEU A 92 -14.90 -36.22 -14.71
CA LEU A 92 -14.05 -37.38 -14.42
C LEU A 92 -14.01 -38.35 -15.59
N LEU A 93 -15.14 -38.54 -16.27
CA LEU A 93 -15.16 -39.42 -17.43
C LEU A 93 -14.30 -38.85 -18.56
N GLY A 94 -14.38 -37.54 -18.78
CA GLY A 94 -13.50 -36.93 -19.76
C GLY A 94 -12.03 -37.04 -19.37
N SER A 95 -11.74 -36.91 -18.08
CA SER A 95 -10.36 -37.02 -17.61
C SER A 95 -9.82 -38.43 -17.83
N CYS A 96 -10.61 -39.45 -17.51
CA CYS A 96 -10.16 -40.82 -17.72
C CYS A 96 -10.06 -41.14 -19.19
N LEU A 97 -10.91 -40.53 -20.03
CA LEU A 97 -10.80 -40.71 -21.47
C LEU A 97 -9.50 -40.12 -22.00
N THR A 98 -9.13 -38.92 -21.51
CA THR A 98 -7.86 -38.33 -21.91
C THR A 98 -6.68 -39.16 -21.45
N TYR A 99 -6.75 -39.71 -20.23
CA TYR A 99 -5.66 -40.56 -19.75
C TYR A 99 -5.55 -41.84 -20.57
N SER A 100 -6.67 -42.42 -20.99
CA SER A 100 -6.63 -43.59 -21.85
C SER A 100 -6.03 -43.26 -23.21
N SER A 101 -6.36 -42.07 -23.75
CA SER A 101 -5.74 -41.65 -25.00
C SER A 101 -4.24 -41.47 -24.85
N ALA A 102 -3.82 -40.91 -23.72
CA ALA A 102 -2.39 -40.75 -23.45
C ALA A 102 -1.69 -42.10 -23.38
N TYR A 103 -2.36 -43.10 -22.79
CA TYR A 103 -1.87 -44.47 -22.86
C TYR A 103 -1.74 -44.93 -24.30
N LEU A 104 -2.78 -44.69 -25.11
CA LEU A 104 -2.81 -45.19 -26.49
C LEU A 104 -1.75 -44.53 -27.37
N PHE A 105 -1.24 -43.36 -26.98
CA PHE A 105 -0.03 -42.86 -27.64
C PHE A 105 1.20 -43.73 -27.39
N GLY A 106 1.15 -44.66 -26.43
CA GLY A 106 2.34 -45.37 -26.03
C GLY A 106 2.59 -46.68 -26.74
N ILE A 107 1.92 -46.92 -27.87
CA ILE A 107 2.11 -48.13 -28.65
C ILE A 107 2.35 -47.77 -30.10
N GLN A 108 3.35 -48.41 -30.70
CA GLN A 108 3.68 -48.22 -32.11
C GLN A 108 3.91 -49.59 -32.74
N ASP A 109 4.23 -49.57 -34.04
CA ASP A 109 4.55 -50.78 -34.83
C ASP A 109 3.41 -51.79 -34.80
N VAL A 110 2.29 -51.38 -35.40
CA VAL A 110 1.01 -52.12 -35.54
C VAL A 110 0.65 -52.99 -34.33
N SER A 114 -0.58 -52.90 -40.53
CA SER A 114 -1.09 -51.85 -41.39
C SER A 114 -2.31 -51.18 -40.77
N SER A 115 -2.42 -51.26 -39.44
CA SER A 115 -3.53 -50.67 -38.71
C SER A 115 -3.08 -49.51 -37.82
N MET A 116 -1.99 -48.83 -38.19
CA MET A 116 -1.59 -47.63 -37.46
C MET A 116 -2.60 -46.50 -37.64
N GLU A 117 -3.26 -46.47 -38.80
CA GLU A 117 -4.22 -45.40 -39.10
C GLU A 117 -5.38 -45.42 -38.12
N THR A 118 -5.93 -46.61 -37.86
CA THR A 118 -7.00 -46.75 -36.89
C THR A 118 -6.52 -46.36 -35.49
N LEU A 119 -5.26 -46.69 -35.17
CA LEU A 119 -4.69 -46.33 -33.88
C LEU A 119 -4.66 -44.81 -33.69
N ILE A 120 -4.15 -44.09 -34.70
CA ILE A 120 -4.03 -42.64 -34.58
C ILE A 120 -5.41 -41.99 -34.57
N GLN A 121 -6.32 -42.49 -35.39
CA GLN A 121 -7.68 -41.94 -35.41
C GLN A 121 -8.37 -42.13 -34.07
N THR A 122 -8.25 -43.33 -33.47
CA THR A 122 -8.87 -43.60 -32.18
C THR A 122 -8.27 -42.73 -31.09
N ARG A 123 -6.95 -42.57 -31.07
CA ARG A 123 -6.35 -41.79 -29.98
C ARG A 123 -6.65 -40.30 -30.12
N LEU A 124 -6.66 -39.77 -31.36
CA LEU A 124 -6.97 -38.35 -31.55
C LEU A 124 -8.45 -38.08 -31.26
N SER A 125 -9.34 -38.95 -31.72
CA SER A 125 -10.75 -38.75 -31.44
C SER A 125 -11.04 -38.90 -29.96
N MET A 126 -10.32 -39.81 -29.29
CA MET A 126 -10.48 -39.99 -27.86
C MET A 126 -10.02 -38.75 -27.11
N LEU A 127 -8.91 -38.15 -27.53
CA LEU A 127 -8.45 -36.91 -26.91
C LEU A 127 -9.44 -35.77 -27.12
N CYS A 128 -10.00 -35.67 -28.34
CA CYS A 128 -10.97 -34.61 -28.63
C CYS A 128 -12.22 -34.76 -27.77
N ILE A 129 -12.79 -35.96 -27.72
CA ILE A 129 -13.99 -36.19 -26.92
C ILE A 129 -13.68 -36.00 -25.44
N GLY A 130 -12.47 -36.37 -25.01
CA GLY A 130 -12.11 -36.21 -23.62
C GLY A 130 -12.00 -34.76 -23.19
N THR A 131 -11.35 -33.93 -24.01
CA THR A 131 -11.23 -32.53 -23.64
C THR A 131 -12.58 -31.81 -23.76
N SER A 132 -13.43 -32.28 -24.68
CA SER A 132 -14.79 -31.78 -24.77
C SER A 132 -15.57 -32.07 -23.50
N LEU A 133 -15.47 -33.31 -23.00
CA LEU A 133 -16.19 -33.68 -21.79
C LEU A 133 -15.59 -33.06 -20.54
N VAL A 134 -14.29 -32.75 -20.57
CA VAL A 134 -13.68 -32.06 -19.43
C VAL A 134 -14.15 -30.62 -19.37
N PHE A 135 -14.16 -29.92 -20.51
CA PHE A 135 -14.45 -28.49 -20.51
C PHE A 135 -15.93 -28.17 -20.70
N GLY A 136 -16.80 -29.15 -20.89
CA GLY A 136 -18.21 -28.88 -20.91
C GLY A 136 -18.80 -28.41 -19.59
N PRO A 137 -18.78 -29.29 -18.59
CA PRO A 137 -19.44 -28.96 -17.30
C PRO A 137 -18.88 -27.77 -16.57
N ILE A 138 -17.61 -27.41 -16.78
CA ILE A 138 -17.06 -26.23 -16.11
C ILE A 138 -17.73 -24.96 -16.63
N LEU A 139 -17.82 -24.82 -17.95
CA LEU A 139 -18.54 -23.70 -18.53
C LEU A 139 -20.02 -23.76 -18.20
N GLY A 140 -20.60 -24.97 -18.12
CA GLY A 140 -22.00 -25.07 -17.73
C GLY A 140 -22.27 -24.58 -16.32
N LYS A 141 -21.41 -24.98 -15.37
CA LYS A 141 -21.52 -24.51 -14.00
C LYS A 141 -21.32 -23.01 -13.92
N SER A 142 -20.36 -22.48 -14.69
CA SER A 142 -20.14 -21.04 -14.70
C SER A 142 -21.34 -20.29 -15.26
N TRP A 143 -21.96 -20.83 -16.31
CA TRP A 143 -23.14 -20.21 -16.89
C TRP A 143 -24.31 -20.21 -15.91
N ARG A 144 -24.51 -21.33 -15.22
CA ARG A 144 -25.60 -21.40 -14.24
C ARG A 144 -25.35 -20.45 -13.07
N LEU A 145 -24.09 -20.36 -12.63
CA LEU A 145 -23.76 -19.43 -11.54
C LEU A 145 -23.98 -17.98 -11.97
N TYR A 146 -23.61 -17.64 -13.21
CA TYR A 146 -23.84 -16.29 -13.70
C TYR A 146 -25.33 -15.98 -13.79
N LYS A 147 -26.13 -16.94 -14.26
CA LYS A 147 -27.57 -16.70 -14.39
C LYS A 147 -28.22 -16.54 -13.02
N VAL A 148 -27.86 -17.39 -12.05
CA VAL A 148 -28.47 -17.27 -10.73
C VAL A 148 -27.95 -16.04 -10.00
N PHE A 149 -26.77 -15.54 -10.37
CA PHE A 149 -26.30 -14.29 -9.77
C PHE A 149 -27.02 -13.09 -10.37
N THR A 150 -27.27 -13.09 -11.67
CA THR A 150 -27.79 -11.91 -12.35
C THR A 150 -29.31 -11.88 -12.41
N GLN A 151 -29.92 -12.89 -13.03
CA GLN A 151 -31.35 -12.86 -13.30
C GLN A 151 -32.21 -13.03 -12.05
N ARG A 152 -31.63 -13.50 -10.95
CA ARG A 152 -32.41 -13.63 -9.72
C ARG A 152 -32.63 -12.29 -9.03
N VAL A 153 -31.82 -11.28 -9.36
CA VAL A 153 -32.00 -9.95 -8.75
C VAL A 153 -33.33 -9.30 -9.15
N PRO A 154 -33.74 -9.27 -10.43
CA PRO A 154 -35.10 -8.79 -10.71
C PRO A 154 -36.20 -9.66 -10.12
N ASP A 155 -35.97 -10.96 -10.00
CA ASP A 155 -36.97 -11.87 -9.44
C ASP A 155 -36.91 -11.89 -7.92
N ILE A 159 -34.31 -20.60 -12.67
CA ILE A 159 -33.71 -21.81 -12.14
C ILE A 159 -33.37 -22.75 -13.28
N ILE A 160 -32.11 -23.18 -13.33
CA ILE A 160 -31.62 -24.10 -14.35
C ILE A 160 -31.29 -25.42 -13.66
N LYS A 161 -31.82 -26.51 -14.20
CA LYS A 161 -31.53 -27.84 -13.67
C LYS A 161 -30.27 -28.40 -14.30
N ASP A 162 -29.76 -29.49 -13.72
CA ASP A 162 -28.54 -30.12 -14.24
C ASP A 162 -28.79 -30.76 -15.59
N LEU A 163 -30.05 -31.10 -15.89
CA LEU A 163 -30.37 -31.70 -17.18
C LEU A 163 -30.16 -30.71 -18.32
N GLN A 164 -30.44 -29.43 -18.08
CA GLN A 164 -30.23 -28.42 -19.12
C GLN A 164 -28.75 -28.25 -19.45
N LEU A 165 -27.90 -28.21 -18.41
CA LEU A 165 -26.47 -28.12 -18.64
C LEU A 165 -25.95 -29.38 -19.30
N LEU A 166 -26.49 -30.54 -18.93
CA LEU A 166 -26.10 -31.78 -19.61
C LEU A 166 -26.57 -31.79 -21.06
N GLY A 167 -27.69 -31.15 -21.36
CA GLY A 167 -28.12 -31.04 -22.74
C GLY A 167 -27.21 -30.16 -23.56
N LEU A 168 -26.76 -29.04 -22.97
CA LEU A 168 -25.76 -28.20 -23.64
C LEU A 168 -24.46 -28.96 -23.86
N VAL A 169 -24.04 -29.73 -22.86
CA VAL A 169 -22.84 -30.55 -22.99
C VAL A 169 -23.02 -31.60 -24.09
N ALA A 170 -24.19 -32.22 -24.16
CA ALA A 170 -24.46 -33.23 -25.18
C ALA A 170 -24.46 -32.62 -26.57
N ALA A 171 -24.98 -31.40 -26.72
CA ALA A 171 -24.92 -30.71 -28.00
C ALA A 171 -23.47 -30.43 -28.40
N LEU A 172 -22.65 -30.03 -27.42
CA LEU A 172 -21.24 -29.77 -27.69
C LEU A 172 -20.52 -31.05 -28.12
N LEU A 173 -20.81 -32.16 -27.44
CA LEU A 173 -20.26 -33.46 -27.84
C LEU A 173 -20.74 -33.89 -29.21
N MET A 174 -22.00 -33.62 -29.55
CA MET A 174 -22.51 -33.98 -30.87
C MET A 174 -21.81 -33.18 -31.95
N ALA A 175 -21.52 -31.90 -31.68
CA ALA A 175 -20.72 -31.10 -32.59
C ALA A 175 -19.34 -31.71 -32.79
N ASP A 176 -18.71 -32.14 -31.69
CA ASP A 176 -17.40 -32.77 -31.81
C ASP A 176 -17.48 -34.09 -32.59
N VAL A 177 -18.57 -34.84 -32.40
CA VAL A 177 -18.76 -36.12 -33.07
C VAL A 177 -18.91 -35.93 -34.58
N ILE A 178 -19.71 -34.95 -35.01
CA ILE A 178 -19.87 -34.75 -36.44
C ILE A 178 -18.59 -34.17 -37.06
N LEU A 179 -17.89 -33.30 -36.32
CA LEU A 179 -16.63 -32.76 -36.80
C LEU A 179 -15.54 -33.83 -36.91
N LEU A 180 -15.64 -34.89 -36.11
CA LEU A 180 -14.68 -36.00 -36.27
C LEU A 180 -15.15 -37.00 -37.32
N MET A 181 -16.46 -37.17 -37.46
CA MET A 181 -16.99 -38.10 -38.45
C MET A 181 -16.69 -37.62 -39.87
N THR A 182 -16.79 -36.32 -40.11
CA THR A 182 -16.47 -35.81 -41.45
C THR A 182 -14.99 -36.01 -41.78
N TRP A 183 -14.11 -35.94 -40.77
CA TRP A 183 -12.70 -36.18 -41.02
C TRP A 183 -12.44 -37.65 -41.30
N VAL A 184 -13.01 -38.54 -40.50
CA VAL A 184 -12.73 -39.96 -40.71
C VAL A 184 -13.47 -40.51 -41.91
N LEU A 185 -14.43 -39.76 -42.48
CA LEU A 185 -15.13 -40.24 -43.66
C LEU A 185 -14.64 -39.60 -44.97
N THR A 186 -14.20 -38.34 -44.94
CA THR A 186 -13.84 -37.67 -46.19
C THR A 186 -12.43 -38.05 -46.64
N ASP A 187 -11.42 -37.71 -45.85
CA ASP A 187 -10.04 -38.11 -46.13
C ASP A 187 -9.47 -38.82 -44.92
N PRO A 188 -9.14 -40.10 -45.03
CA PRO A 188 -8.60 -40.83 -43.88
C PRO A 188 -7.16 -40.42 -43.59
N ILE A 189 -6.55 -41.12 -42.63
CA ILE A 189 -5.24 -40.75 -42.11
C ILE A 189 -4.22 -41.75 -42.65
N GLN A 190 -4.49 -42.21 -43.88
CA GLN A 190 -3.73 -43.24 -44.58
C GLN A 190 -2.22 -42.99 -44.57
N CYS A 191 -1.47 -44.01 -44.17
CA CYS A 191 -0.02 -43.93 -44.10
C CYS A 191 0.56 -44.35 -45.44
N LEU A 192 1.48 -43.54 -45.96
CA LEU A 192 2.10 -43.79 -47.24
C LEU A 192 3.61 -43.71 -47.11
N GLN A 193 4.30 -44.55 -47.87
CA GLN A 193 5.76 -44.49 -47.95
C GLN A 193 6.13 -43.63 -49.16
N ILE A 194 6.74 -42.49 -48.88
CA ILE A 194 7.07 -41.50 -49.91
C ILE A 194 8.58 -41.54 -50.13
N LEU A 195 8.99 -41.83 -51.35
CA LEU A 195 10.37 -41.66 -51.78
C LEU A 195 10.40 -40.69 -52.95
N SER A 196 11.25 -39.68 -52.85
CA SER A 196 11.25 -38.60 -53.84
C SER A 196 12.63 -37.99 -53.92
N VAL A 197 12.92 -37.39 -55.06
CA VAL A 197 14.13 -36.61 -55.28
C VAL A 197 13.72 -35.19 -55.60
N SER A 198 14.34 -34.22 -54.93
CA SER A 198 13.96 -32.82 -55.05
C SER A 198 15.18 -32.00 -55.46
N MET A 199 14.99 -31.12 -56.43
CA MET A 199 16.03 -30.21 -56.89
C MET A 199 15.75 -28.82 -56.34
N THR A 200 16.73 -28.24 -55.64
CA THR A 200 16.59 -26.94 -55.01
C THR A 200 17.31 -25.89 -55.86
N VAL A 201 16.53 -25.02 -56.50
CA VAL A 201 17.05 -23.90 -57.29
C VAL A 201 16.40 -22.64 -56.72
N THR A 202 17.15 -21.88 -55.92
CA THR A 202 16.66 -20.65 -55.34
C THR A 202 17.01 -19.42 -56.17
N GLY A 203 17.65 -19.61 -57.32
CA GLY A 203 18.08 -18.52 -58.17
C GLY A 203 19.55 -18.18 -58.09
N LYS A 204 20.27 -18.76 -57.12
CA LYS A 204 21.71 -18.53 -56.98
C LYS A 204 22.54 -19.80 -57.03
N ASP A 205 21.98 -20.95 -56.66
CA ASP A 205 22.69 -22.21 -56.74
C ASP A 205 21.68 -23.34 -56.97
N VAL A 206 22.19 -24.45 -57.50
CA VAL A 206 21.38 -25.62 -57.81
C VAL A 206 21.89 -26.79 -57.00
N SER A 207 20.98 -27.46 -56.29
CA SER A 207 21.34 -28.63 -55.51
C SER A 207 20.19 -29.63 -55.57
N CYS A 208 20.51 -30.90 -55.33
CA CYS A 208 19.56 -31.99 -55.40
C CYS A 208 19.51 -32.72 -54.06
N THR A 209 18.32 -33.14 -53.67
CA THR A 209 18.11 -33.86 -52.42
C THR A 209 17.18 -35.05 -52.66
N SER A 210 17.60 -36.22 -52.17
CA SER A 210 16.81 -37.44 -52.25
C SER A 210 16.28 -37.74 -50.85
N THR A 211 14.97 -37.59 -50.66
CA THR A 211 14.34 -37.78 -49.37
C THR A 211 13.40 -38.96 -49.42
N SER A 212 13.48 -39.83 -48.41
CA SER A 212 12.58 -40.96 -48.24
C SER A 212 11.88 -40.76 -46.90
N THR A 213 10.76 -40.04 -46.92
CA THR A 213 10.04 -39.67 -45.71
C THR A 213 8.82 -40.56 -45.54
N HIS A 214 8.65 -41.08 -44.33
CA HIS A 214 7.49 -41.88 -43.96
C HIS A 214 6.75 -41.18 -42.84
N PHE A 215 5.45 -40.96 -43.04
CA PHE A 215 4.62 -40.30 -42.05
C PHE A 215 3.18 -40.76 -42.23
N CYS A 216 2.37 -40.51 -41.21
CA CYS A 216 0.95 -40.85 -41.21
C CYS A 216 0.15 -39.58 -41.03
N ALA A 217 -0.46 -39.09 -42.11
CA ALA A 217 -1.20 -37.84 -42.05
C ALA A 217 -2.27 -37.83 -43.14
N SER A 218 -3.26 -36.97 -42.94
CA SER A 218 -4.35 -36.83 -43.89
C SER A 218 -3.87 -36.11 -45.15
N ARG A 219 -4.75 -36.09 -46.15
CA ARG A 219 -4.43 -35.37 -47.38
C ARG A 219 -4.36 -33.86 -47.12
N TYR A 220 -5.33 -33.33 -46.36
CA TYR A 220 -5.31 -31.94 -45.93
C TYR A 220 -5.41 -31.95 -44.42
N SER A 221 -4.28 -32.13 -43.74
CA SER A 221 -4.30 -32.23 -42.28
C SER A 221 -4.51 -30.86 -41.65
N ASP A 222 -4.03 -29.81 -42.31
CA ASP A 222 -4.10 -28.48 -41.73
C ASP A 222 -5.53 -27.97 -41.66
N VAL A 223 -6.40 -28.38 -42.60
CA VAL A 223 -7.80 -28.01 -42.54
C VAL A 223 -8.44 -28.57 -41.28
N TRP A 224 -8.18 -29.84 -40.98
CA TRP A 224 -8.83 -30.47 -39.84
C TRP A 224 -8.27 -29.96 -38.53
N ILE A 225 -6.95 -29.77 -38.44
CA ILE A 225 -6.39 -29.23 -37.19
C ILE A 225 -6.85 -27.79 -36.99
N ALA A 226 -6.97 -27.02 -38.09
CA ALA A 226 -7.41 -25.64 -37.97
C ALA A 226 -8.87 -25.57 -37.56
N LEU A 227 -9.70 -26.48 -38.06
CA LEU A 227 -11.12 -26.42 -37.75
C LEU A 227 -11.40 -26.90 -36.33
N ILE A 228 -10.70 -27.95 -35.87
CA ILE A 228 -10.85 -28.39 -34.49
C ILE A 228 -10.27 -27.35 -33.52
N TRP A 229 -9.09 -26.81 -33.84
CA TRP A 229 -8.53 -25.67 -33.12
C TRP A 229 -9.51 -24.51 -33.03
N GLY A 230 -10.18 -24.19 -34.14
CA GLY A 230 -11.10 -23.06 -34.15
C GLY A 230 -12.31 -23.28 -33.28
N CYS A 231 -12.92 -24.47 -33.37
CA CYS A 231 -14.10 -24.74 -32.55
C CYS A 231 -13.75 -24.75 -31.07
N LYS A 232 -12.64 -25.42 -30.71
CA LYS A 232 -12.22 -25.44 -29.31
C LYS A 232 -11.78 -24.06 -28.83
N GLY A 233 -11.17 -23.27 -29.71
CA GLY A 233 -10.75 -21.93 -29.33
C GLY A 233 -11.92 -21.00 -29.09
N LEU A 234 -12.95 -21.09 -29.93
CA LEU A 234 -14.16 -20.31 -29.67
C LEU A 234 -14.81 -20.74 -28.36
N LEU A 235 -14.81 -22.04 -28.09
CA LEU A 235 -15.35 -22.53 -26.83
C LEU A 235 -14.57 -22.00 -25.64
N LEU A 236 -13.23 -22.00 -25.73
CA LEU A 236 -12.41 -21.49 -24.65
C LEU A 236 -12.54 -19.98 -24.51
N LEU A 237 -12.80 -19.27 -25.61
CA LEU A 237 -13.03 -17.83 -25.54
C LEU A 237 -14.31 -17.51 -24.78
N TYR A 238 -15.39 -18.21 -25.10
CA TYR A 238 -16.61 -18.02 -24.33
C TYR A 238 -16.44 -18.49 -22.89
N GLY A 239 -15.58 -19.49 -22.67
CA GLY A 239 -15.28 -19.89 -21.31
C GLY A 239 -14.55 -18.81 -20.53
N ALA A 240 -13.59 -18.15 -21.16
CA ALA A 240 -12.90 -17.04 -20.51
C ALA A 240 -13.87 -15.88 -20.24
N TYR A 241 -14.79 -15.64 -21.17
CA TYR A 241 -15.81 -14.62 -20.94
C TYR A 241 -16.69 -14.96 -19.75
N LEU A 242 -17.09 -16.23 -19.62
CA LEU A 242 -17.89 -16.64 -18.47
C LEU A 242 -17.08 -16.61 -17.18
N ALA A 243 -15.78 -16.87 -17.27
CA ALA A 243 -14.90 -16.73 -16.11
C ALA A 243 -14.85 -15.30 -15.64
N GLY A 244 -14.76 -14.35 -16.58
CA GLY A 244 -14.82 -12.95 -16.21
C GLY A 244 -16.17 -12.57 -15.62
N LEU A 245 -17.25 -13.09 -16.20
CA LEU A 245 -18.58 -12.76 -15.71
C LEU A 245 -18.78 -13.26 -14.28
N THR A 246 -18.33 -14.48 -14.01
CA THR A 246 -18.36 -15.03 -12.65
C THR A 246 -17.07 -14.75 -11.91
N GLY A 247 -16.67 -13.48 -11.90
CA GLY A 247 -15.45 -13.07 -11.22
C GLY A 247 -15.79 -12.51 -9.85
N HIS A 248 -15.03 -12.95 -8.84
CA HIS A 248 -15.23 -12.69 -7.42
C HIS A 248 -16.70 -12.74 -7.01
N VAL A 249 -17.43 -13.71 -7.55
CA VAL A 249 -18.84 -13.87 -7.24
C VAL A 249 -19.06 -14.72 -6.00
N SER A 250 -18.39 -15.86 -5.91
CA SER A 250 -18.58 -16.76 -4.78
C SER A 250 -17.26 -17.45 -4.46
N SER A 251 -17.32 -18.41 -3.55
CA SER A 251 -16.15 -19.13 -3.09
C SER A 251 -15.60 -20.06 -4.17
N PRO A 252 -14.29 -20.28 -4.19
CA PRO A 252 -13.67 -21.13 -5.23
C PRO A 252 -14.16 -22.57 -5.26
N PRO A 253 -14.69 -23.16 -4.16
CA PRO A 253 -15.37 -24.45 -4.33
C PRO A 253 -16.55 -24.42 -5.29
N VAL A 254 -17.30 -23.32 -5.34
CA VAL A 254 -18.41 -23.22 -6.26
C VAL A 254 -18.14 -22.26 -7.43
N ASN A 255 -17.23 -21.31 -7.27
CA ASN A 255 -16.84 -20.41 -8.35
C ASN A 255 -15.67 -21.02 -9.09
N GLN A 256 -15.88 -21.34 -10.37
CA GLN A 256 -14.82 -21.88 -11.23
C GLN A 256 -14.36 -20.76 -12.14
N SER A 257 -13.40 -19.98 -11.64
CA SER A 257 -12.84 -18.86 -12.40
C SER A 257 -11.35 -18.99 -12.63
N LEU A 258 -10.58 -19.32 -11.58
CA LEU A 258 -9.15 -19.58 -11.76
C LEU A 258 -8.93 -20.90 -12.47
N THR A 259 -9.79 -21.89 -12.20
CA THR A 259 -9.67 -23.21 -12.78
C THR A 259 -9.76 -23.15 -14.29
N ILE A 260 -10.80 -22.47 -14.78
CA ILE A 260 -11.03 -22.38 -16.22
C ILE A 260 -9.97 -21.52 -16.90
N MET A 261 -9.49 -20.48 -16.22
CA MET A 261 -8.47 -19.62 -16.83
C MET A 261 -7.14 -20.36 -16.98
N VAL A 262 -6.69 -21.04 -15.92
CA VAL A 262 -5.44 -21.78 -16.01
C VAL A 262 -5.59 -22.97 -16.95
N GLY A 263 -6.80 -23.56 -17.01
CA GLY A 263 -7.02 -24.65 -17.94
C GLY A 263 -6.96 -24.21 -19.39
N VAL A 264 -7.55 -23.05 -19.69
CA VAL A 264 -7.55 -22.54 -21.06
C VAL A 264 -6.14 -22.14 -21.48
N ASN A 265 -5.41 -21.46 -20.59
CA ASN A 265 -4.04 -21.07 -20.92
C ASN A 265 -3.14 -22.28 -21.11
N LEU A 266 -3.27 -23.28 -20.23
CA LEU A 266 -2.45 -24.48 -20.34
C LEU A 266 -2.82 -25.28 -21.57
N LEU A 267 -4.11 -25.32 -21.91
CA LEU A 267 -4.53 -26.02 -23.13
C LEU A 267 -3.96 -25.36 -24.37
N VAL A 268 -3.96 -24.02 -24.42
CA VAL A 268 -3.41 -23.32 -25.58
C VAL A 268 -1.91 -23.59 -25.71
N LEU A 269 -1.17 -23.42 -24.60
CA LEU A 269 0.28 -23.61 -24.68
C LEU A 269 0.64 -25.06 -24.96
N ALA A 270 -0.08 -26.00 -24.35
CA ALA A 270 0.18 -27.42 -24.58
C ALA A 270 -0.12 -27.81 -26.02
N ALA A 271 -1.24 -27.32 -26.57
CA ALA A 271 -1.58 -27.66 -27.95
C ALA A 271 -0.55 -27.10 -28.92
N GLY A 272 -0.13 -25.86 -28.72
CA GLY A 272 0.89 -25.28 -29.59
C GLY A 272 2.21 -26.03 -29.51
N LEU A 273 2.67 -26.32 -28.29
CA LEU A 273 3.95 -27.01 -28.11
C LEU A 273 3.90 -28.42 -28.69
N LEU A 274 2.79 -29.14 -28.48
CA LEU A 274 2.73 -30.52 -28.93
C LEU A 274 2.55 -30.60 -30.44
N PHE A 275 1.83 -29.66 -31.04
CA PHE A 275 1.76 -29.62 -32.49
C PHE A 275 3.11 -29.30 -33.10
N VAL A 276 3.86 -28.38 -32.50
CA VAL A 276 5.20 -28.06 -33.00
C VAL A 276 6.13 -29.27 -32.90
N VAL A 277 6.14 -29.95 -31.75
CA VAL A 277 7.06 -31.08 -31.60
C VAL A 277 6.57 -32.32 -32.34
N THR A 278 5.30 -32.37 -32.74
CA THR A 278 4.84 -33.48 -33.56
C THR A 278 5.12 -33.27 -35.04
N ARG A 279 5.00 -32.03 -35.53
CA ARG A 279 5.17 -31.79 -36.95
C ARG A 279 6.61 -31.85 -37.43
N TYR A 280 7.55 -31.30 -36.67
CA TYR A 280 8.91 -31.09 -37.17
C TYR A 280 9.91 -32.11 -36.64
N LEU A 281 9.94 -32.33 -35.32
CA LEU A 281 10.90 -33.25 -34.73
C LEU A 281 10.32 -34.66 -34.58
N HIS A 282 9.77 -35.16 -35.69
CA HIS A 282 9.24 -36.52 -35.71
C HIS A 282 10.31 -37.58 -35.70
N SER A 283 11.58 -37.21 -35.96
CA SER A 283 12.69 -38.15 -35.87
C SER A 283 13.22 -38.27 -34.46
N TRP A 284 12.47 -37.77 -33.48
CA TRP A 284 12.81 -37.90 -32.06
C TRP A 284 11.61 -38.54 -31.38
N PRO A 285 11.37 -39.83 -31.61
CA PRO A 285 10.12 -40.45 -31.17
C PRO A 285 9.95 -40.48 -29.66
N ASN A 286 11.04 -40.68 -28.93
CA ASN A 286 10.99 -40.66 -27.48
C ASN A 286 10.56 -39.28 -26.98
N LEU A 287 11.12 -38.24 -27.59
CA LEU A 287 10.77 -36.87 -27.21
C LEU A 287 9.31 -36.58 -27.50
N VAL A 288 8.81 -37.01 -28.67
CA VAL A 288 7.43 -36.72 -29.05
C VAL A 288 6.47 -37.43 -28.13
N PHE A 289 6.71 -38.72 -27.87
CA PHE A 289 5.83 -39.49 -26.99
C PHE A 289 5.87 -38.95 -25.56
N GLY A 290 7.06 -38.67 -25.04
CA GLY A 290 7.17 -38.16 -23.70
C GLY A 290 6.53 -36.81 -23.54
N LEU A 291 6.71 -35.91 -24.51
CA LEU A 291 6.13 -34.58 -24.42
C LEU A 291 4.61 -34.63 -24.57
N THR A 292 4.09 -35.48 -25.45
CA THR A 292 2.63 -35.59 -25.61
C THR A 292 2.00 -36.13 -24.33
N SER A 293 2.56 -37.22 -23.80
CA SER A 293 2.02 -37.80 -22.57
C SER A 293 2.17 -36.84 -21.40
N GLY A 294 3.29 -36.12 -21.33
CA GLY A 294 3.48 -35.17 -20.26
C GLY A 294 2.51 -34.01 -20.33
N GLY A 295 2.27 -33.48 -21.53
CA GLY A 295 1.34 -32.38 -21.68
C GLY A 295 -0.08 -32.78 -21.31
N ILE A 296 -0.50 -33.96 -21.78
CA ILE A 296 -1.84 -34.44 -21.46
C ILE A 296 -1.97 -34.69 -19.95
N PHE A 297 -0.94 -35.29 -19.35
CA PHE A 297 -0.99 -35.57 -17.91
C PHE A 297 -1.04 -34.30 -17.08
N VAL A 298 -0.16 -33.34 -17.39
CA VAL A 298 -0.11 -32.09 -16.64
C VAL A 298 -1.43 -31.33 -16.78
N CYS A 299 -1.97 -31.25 -18.00
CA CYS A 299 -3.23 -30.54 -18.19
C CYS A 299 -4.37 -31.21 -17.43
N THR A 300 -4.58 -32.52 -17.65
CA THR A 300 -5.72 -33.20 -17.06
C THR A 300 -5.65 -33.14 -15.54
N THR A 301 -4.46 -33.39 -14.98
CA THR A 301 -4.29 -33.35 -13.53
C THR A 301 -4.49 -31.95 -12.99
N THR A 302 -4.03 -30.92 -13.72
CA THR A 302 -4.15 -29.55 -13.23
C THR A 302 -5.60 -29.10 -13.14
N ILE A 303 -6.38 -29.30 -14.21
CA ILE A 303 -7.80 -28.93 -14.13
C ILE A 303 -8.52 -29.77 -13.09
N ASN A 304 -8.24 -31.08 -13.02
CA ASN A 304 -8.97 -31.90 -12.03
C ASN A 304 -8.59 -31.51 -10.59
N CYS A 305 -7.33 -31.12 -10.38
CA CYS A 305 -6.89 -30.71 -9.05
C CYS A 305 -7.50 -29.38 -8.62
N PHE A 306 -7.47 -28.36 -9.51
CA PHE A 306 -8.21 -27.13 -9.18
C PHE A 306 -9.70 -27.35 -9.02
N ILE A 307 -10.29 -28.34 -9.68
CA ILE A 307 -11.71 -28.58 -9.42
C ILE A 307 -11.92 -29.17 -8.03
N PHE A 308 -11.12 -30.17 -7.65
CA PHE A 308 -11.49 -30.99 -6.50
C PHE A 308 -10.69 -30.78 -5.22
N ILE A 309 -9.51 -30.14 -5.28
CA ILE A 309 -8.77 -29.85 -4.06
C ILE A 309 -9.53 -28.92 -3.11
N PRO A 310 -10.19 -27.83 -3.57
CA PRO A 310 -11.03 -27.06 -2.63
C PRO A 310 -12.15 -27.87 -2.00
N GLN A 311 -12.73 -28.83 -2.73
CA GLN A 311 -13.79 -29.66 -2.18
C GLN A 311 -13.28 -30.51 -1.01
N LEU A 312 -12.11 -31.13 -1.18
CA LEU A 312 -11.53 -31.93 -0.12
C LEU A 312 -11.05 -31.08 1.03
N LYS A 313 -10.53 -29.88 0.73
CA LYS A 313 -10.10 -28.97 1.79
C LYS A 313 -11.27 -28.52 2.64
N GLN A 314 -12.40 -28.23 2.00
CA GLN A 314 -13.59 -27.84 2.76
C GLN A 314 -14.23 -29.03 3.46
N TRP A 315 -14.09 -30.23 2.93
CA TRP A 315 -14.59 -31.41 3.61
C TRP A 315 -13.71 -31.84 4.78
N LYS A 316 -12.42 -31.52 4.75
CA LYS A 316 -11.54 -31.86 5.86
C LYS A 316 -11.94 -31.13 7.14
N ALA A 317 -12.34 -29.87 7.02
CA ALA A 317 -12.76 -29.08 8.18
C ALA A 317 -14.20 -29.37 8.59
N PHE A 318 -14.96 -30.11 7.78
CA PHE A 318 -16.34 -30.44 8.12
C PHE A 318 -16.55 -31.94 8.14
N SER B 44 -1.50 -12.31 -63.60
CA SER B 44 -1.19 -12.05 -62.21
C SER B 44 -2.46 -12.02 -61.36
N LEU B 45 -3.07 -10.84 -61.26
CA LEU B 45 -4.31 -10.66 -60.51
C LEU B 45 -5.30 -9.91 -61.39
N SER B 46 -6.58 -10.21 -61.17
CA SER B 46 -7.63 -9.55 -61.94
C SER B 46 -7.73 -8.07 -61.55
N PRO B 47 -7.98 -7.19 -62.51
CA PRO B 47 -8.01 -5.75 -62.22
C PRO B 47 -9.27 -5.30 -61.50
N VAL B 48 -10.40 -5.97 -61.77
CA VAL B 48 -11.66 -5.57 -61.16
C VAL B 48 -11.65 -5.86 -59.66
N LEU B 49 -11.13 -7.03 -59.28
CA LEU B 49 -11.05 -7.37 -57.86
C LEU B 49 -10.09 -6.45 -57.12
N LEU B 50 -8.96 -6.12 -57.77
CA LEU B 50 -8.03 -5.17 -57.17
C LEU B 50 -8.68 -3.81 -57.00
N GLY B 51 -9.48 -3.39 -57.98
CA GLY B 51 -10.17 -2.11 -57.89
C GLY B 51 -11.18 -2.07 -56.76
N ILE B 52 -12.00 -3.11 -56.64
CA ILE B 52 -13.02 -3.09 -55.59
C ILE B 52 -12.40 -3.21 -54.21
N VAL B 53 -11.33 -4.00 -54.08
CA VAL B 53 -10.63 -4.11 -52.80
C VAL B 53 -10.01 -2.78 -52.41
N TRP B 54 -9.35 -2.11 -53.37
CA TRP B 54 -8.73 -0.83 -53.08
C TRP B 54 -9.78 0.24 -52.74
N THR B 55 -10.94 0.19 -53.40
CA THR B 55 -12.01 1.12 -53.09
C THR B 55 -12.53 0.92 -51.67
N PHE B 56 -12.76 -0.35 -51.28
CA PHE B 56 -13.26 -0.61 -49.93
C PHE B 56 -12.24 -0.21 -48.87
N LEU B 57 -10.96 -0.48 -49.13
CA LEU B 57 -9.94 -0.12 -48.16
C LEU B 57 -9.76 1.39 -48.06
N SER B 58 -9.91 2.10 -49.19
CA SER B 58 -9.86 3.56 -49.16
C SER B 58 -11.03 4.15 -48.38
N CYS B 59 -12.21 3.57 -48.55
CA CYS B 59 -13.37 4.03 -47.77
C CYS B 59 -13.16 3.79 -46.29
N GLY B 60 -12.60 2.62 -45.94
CA GLY B 60 -12.29 2.36 -44.54
C GLY B 60 -11.26 3.29 -43.97
N LEU B 61 -10.23 3.63 -44.75
CA LEU B 61 -9.19 4.53 -44.28
C LEU B 61 -9.72 5.95 -44.11
N LEU B 62 -10.62 6.39 -45.00
CA LEU B 62 -11.25 7.69 -44.83
C LEU B 62 -12.15 7.72 -43.60
N LEU B 63 -12.85 6.61 -43.33
CA LEU B 63 -13.62 6.50 -42.10
C LEU B 63 -12.72 6.59 -40.88
N ILE B 64 -11.55 5.96 -40.93
CA ILE B 64 -10.61 6.00 -39.82
C ILE B 64 -10.10 7.42 -39.60
N LEU B 65 -9.81 8.13 -40.69
CA LEU B 65 -9.35 9.51 -40.56
C LEU B 65 -10.45 10.42 -40.02
N PHE B 66 -11.71 10.14 -40.39
CA PHE B 66 -12.82 10.91 -39.82
C PHE B 66 -12.96 10.65 -38.33
N PHE B 67 -12.80 9.39 -37.90
CA PHE B 67 -12.85 9.09 -36.47
C PHE B 67 -11.69 9.76 -35.74
N LEU B 68 -10.51 9.80 -36.37
CA LEU B 68 -9.37 10.48 -35.79
C LEU B 68 -9.63 11.98 -35.65
N ALA B 69 -10.26 12.58 -36.66
CA ALA B 69 -10.60 14.00 -36.59
C ALA B 69 -11.62 14.27 -35.49
N PHE B 70 -12.61 13.38 -35.32
CA PHE B 70 -13.57 13.55 -34.25
C PHE B 70 -12.93 13.40 -32.87
N THR B 71 -12.00 12.45 -32.74
CA THR B 71 -11.34 12.25 -31.46
C THR B 71 -10.44 13.43 -31.11
N ILE B 72 -9.71 13.95 -32.10
CA ILE B 72 -8.84 15.11 -31.85
C ILE B 72 -9.67 16.35 -31.55
N HIS B 73 -10.77 16.55 -32.27
CA HIS B 73 -11.58 17.75 -32.10
C HIS B 73 -12.32 17.74 -30.77
N CYS B 74 -13.21 16.77 -30.57
CA CYS B 74 -14.02 16.71 -29.35
C CYS B 74 -13.35 15.86 -28.28
N ARG B 75 -12.09 16.15 -27.99
CA ARG B 75 -11.38 15.43 -26.94
C ARG B 75 -11.81 15.89 -25.56
N LYS B 76 -12.28 17.12 -25.43
CA LYS B 76 -12.70 17.68 -24.15
C LYS B 76 -14.19 17.49 -23.89
N ASN B 77 -14.91 16.86 -24.80
CA ASN B 77 -16.29 16.50 -24.54
C ASN B 77 -16.35 15.49 -23.40
N ARG B 78 -17.39 15.58 -22.57
CA ARG B 78 -17.41 14.85 -21.32
C ARG B 78 -17.45 13.33 -21.54
N ILE B 79 -18.18 12.87 -22.57
CA ILE B 79 -18.30 11.43 -22.76
C ILE B 79 -17.07 10.89 -23.49
N VAL B 80 -16.44 11.70 -24.34
CA VAL B 80 -15.17 11.30 -24.93
C VAL B 80 -14.07 11.32 -23.88
N LYS B 81 -14.15 12.28 -22.95
CA LYS B 81 -13.18 12.31 -21.85
C LYS B 81 -13.41 11.15 -20.89
N MET B 82 -14.65 10.69 -20.76
CA MET B 82 -14.91 9.51 -19.93
C MET B 82 -14.50 8.23 -20.64
N SER B 83 -14.36 8.27 -21.96
CA SER B 83 -13.61 7.24 -22.67
C SER B 83 -12.13 7.63 -22.63
N SER B 84 -11.30 6.95 -23.41
CA SER B 84 -9.87 7.24 -23.45
C SER B 84 -9.50 7.62 -24.87
N PRO B 85 -9.57 8.91 -25.21
CA PRO B 85 -9.25 9.32 -26.59
C PRO B 85 -7.80 9.10 -26.97
N ASN B 86 -6.88 9.25 -26.01
CA ASN B 86 -5.47 9.05 -26.31
C ASN B 86 -5.18 7.60 -26.68
N LEU B 87 -5.86 6.66 -26.03
CA LEU B 87 -5.74 5.26 -26.40
C LEU B 87 -6.46 4.96 -27.71
N ASN B 88 -7.52 5.72 -28.00
CA ASN B 88 -8.19 5.59 -29.28
C ASN B 88 -7.28 6.02 -30.43
N ILE B 89 -6.37 6.96 -30.17
CA ILE B 89 -5.39 7.33 -31.19
C ILE B 89 -4.51 6.13 -31.53
N VAL B 90 -4.07 5.39 -30.50
CA VAL B 90 -3.22 4.23 -30.72
C VAL B 90 -3.98 3.14 -31.47
N THR B 91 -5.25 2.94 -31.11
CA THR B 91 -6.09 1.99 -31.83
C THR B 91 -6.24 2.36 -33.30
N LEU B 92 -6.44 3.65 -33.59
CA LEU B 92 -6.59 4.08 -34.97
C LEU B 92 -5.27 3.97 -35.74
N LEU B 93 -4.14 4.17 -35.07
CA LEU B 93 -2.85 3.96 -35.72
C LEU B 93 -2.64 2.50 -36.08
N GLY B 94 -3.00 1.59 -35.19
CA GLY B 94 -2.98 0.17 -35.54
C GLY B 94 -3.92 -0.16 -36.68
N SER B 95 -5.08 0.51 -36.71
CA SER B 95 -6.04 0.30 -37.79
C SER B 95 -5.48 0.73 -39.14
N CYS B 96 -4.81 1.87 -39.19
CA CYS B 96 -4.26 2.29 -40.48
C CYS B 96 -3.06 1.44 -40.86
N LEU B 97 -2.30 0.93 -39.88
CA LEU B 97 -1.24 -0.01 -40.20
C LEU B 97 -1.79 -1.31 -40.82
N THR B 98 -2.86 -1.86 -40.26
CA THR B 98 -3.38 -3.10 -40.83
C THR B 98 -4.11 -2.85 -42.15
N TYR B 99 -4.68 -1.66 -42.35
CA TYR B 99 -5.22 -1.32 -43.65
C TYR B 99 -4.11 -1.22 -44.71
N SER B 100 -2.96 -0.65 -44.33
CA SER B 100 -1.83 -0.63 -45.25
C SER B 100 -1.29 -2.03 -45.50
N SER B 101 -1.38 -2.91 -44.51
CA SER B 101 -1.03 -4.31 -44.71
C SER B 101 -1.92 -4.95 -45.77
N ALA B 102 -3.24 -4.71 -45.67
CA ALA B 102 -4.16 -5.24 -46.66
C ALA B 102 -3.89 -4.64 -48.03
N TYR B 103 -3.44 -3.38 -48.07
CA TYR B 103 -3.02 -2.78 -49.35
C TYR B 103 -1.82 -3.50 -49.94
N LEU B 104 -0.81 -3.79 -49.11
CA LEU B 104 0.38 -4.47 -49.61
C LEU B 104 0.12 -5.93 -49.97
N PHE B 105 -0.98 -6.51 -49.49
CA PHE B 105 -1.31 -7.88 -49.91
C PHE B 105 -1.58 -8.00 -51.41
N GLY B 106 -1.91 -6.91 -52.09
CA GLY B 106 -2.17 -6.97 -53.52
C GLY B 106 -0.96 -6.77 -54.38
N ILE B 107 0.14 -6.31 -53.80
CA ILE B 107 1.33 -5.97 -54.57
C ILE B 107 2.00 -7.26 -55.02
N GLN B 108 1.83 -7.62 -56.28
CA GLN B 108 2.44 -8.81 -56.85
C GLN B 108 2.95 -8.48 -58.24
N ASP B 109 3.85 -9.35 -58.73
CA ASP B 109 4.53 -9.19 -60.02
C ASP B 109 5.28 -7.86 -60.10
N VAL B 110 5.84 -7.42 -58.97
CA VAL B 110 6.59 -6.17 -58.91
C VAL B 110 8.00 -6.47 -58.45
N LEU B 111 8.13 -7.05 -57.26
CA LEU B 111 9.43 -7.39 -56.70
C LEU B 111 9.73 -8.88 -56.88
N SER B 115 12.55 -9.08 -55.09
CA SER B 115 12.63 -9.04 -53.64
C SER B 115 11.26 -9.20 -53.02
N MET B 116 10.48 -10.15 -53.55
CA MET B 116 9.18 -10.45 -52.99
C MET B 116 9.30 -11.02 -51.58
N GLU B 117 10.44 -11.66 -51.29
CA GLU B 117 10.69 -12.22 -49.97
C GLU B 117 10.68 -11.14 -48.90
N THR B 118 11.17 -9.94 -49.21
CA THR B 118 11.07 -8.83 -48.27
C THR B 118 9.65 -8.29 -48.19
N LEU B 119 8.89 -8.37 -49.29
CA LEU B 119 7.52 -7.87 -49.28
C LEU B 119 6.64 -8.70 -48.36
N ILE B 120 6.85 -10.02 -48.33
CA ILE B 120 6.09 -10.88 -47.42
C ILE B 120 6.40 -10.52 -45.97
N GLN B 121 7.69 -10.29 -45.66
CA GLN B 121 8.08 -9.87 -44.32
C GLN B 121 7.41 -8.57 -43.94
N THR B 122 7.45 -7.59 -44.85
CA THR B 122 6.96 -6.26 -44.52
C THR B 122 5.45 -6.16 -44.53
N ARG B 123 4.74 -7.14 -45.09
CA ARG B 123 3.29 -7.15 -44.92
C ARG B 123 2.88 -7.89 -43.64
N LEU B 124 3.53 -9.03 -43.33
CA LEU B 124 3.10 -9.77 -42.14
C LEU B 124 3.53 -9.09 -40.86
N SER B 125 4.71 -8.44 -40.87
CA SER B 125 5.17 -7.71 -39.70
C SER B 125 4.23 -6.56 -39.35
N MET B 126 3.77 -5.82 -40.35
CA MET B 126 2.88 -4.72 -40.06
C MET B 126 1.48 -5.21 -39.72
N LEU B 127 1.06 -6.37 -40.25
CA LEU B 127 -0.16 -7.00 -39.74
C LEU B 127 -0.06 -7.26 -38.24
N CYS B 128 1.04 -7.87 -37.80
CA CYS B 128 1.14 -8.25 -36.39
C CYS B 128 1.26 -7.02 -35.49
N ILE B 129 2.02 -6.01 -35.92
CA ILE B 129 2.16 -4.79 -35.15
C ILE B 129 0.84 -4.04 -35.08
N GLY B 130 0.09 -4.01 -36.19
CA GLY B 130 -1.21 -3.38 -36.17
C GLY B 130 -2.20 -4.10 -35.28
N THR B 131 -2.16 -5.42 -35.27
CA THR B 131 -3.05 -6.18 -34.38
C THR B 131 -2.72 -5.90 -32.91
N SER B 132 -1.42 -5.82 -32.58
CA SER B 132 -1.02 -5.48 -31.22
C SER B 132 -1.51 -4.07 -30.85
N LEU B 133 -1.33 -3.11 -31.75
CA LEU B 133 -1.72 -1.74 -31.48
C LEU B 133 -3.23 -1.56 -31.44
N VAL B 134 -4.00 -2.45 -32.08
CA VAL B 134 -5.44 -2.35 -32.02
C VAL B 134 -5.97 -2.98 -30.74
N PHE B 135 -5.48 -4.16 -30.38
CA PHE B 135 -6.03 -4.89 -29.24
C PHE B 135 -5.32 -4.60 -27.92
N GLY B 136 -4.33 -3.71 -27.90
CA GLY B 136 -3.76 -3.27 -26.65
C GLY B 136 -4.58 -2.26 -25.87
N PRO B 137 -4.84 -1.09 -26.48
CA PRO B 137 -5.57 -0.04 -25.76
C PRO B 137 -6.97 -0.42 -25.31
N ILE B 138 -7.65 -1.31 -26.03
CA ILE B 138 -8.98 -1.75 -25.59
C ILE B 138 -8.87 -2.53 -24.29
N LEU B 139 -7.88 -3.42 -24.20
CA LEU B 139 -7.65 -4.17 -22.98
C LEU B 139 -7.23 -3.25 -21.84
N GLY B 140 -6.40 -2.24 -22.15
CA GLY B 140 -6.02 -1.28 -21.13
C GLY B 140 -7.20 -0.48 -20.59
N LYS B 141 -8.08 -0.04 -21.49
CA LYS B 141 -9.28 0.68 -21.06
C LYS B 141 -10.17 -0.20 -20.21
N SER B 142 -10.34 -1.46 -20.59
CA SER B 142 -11.17 -2.37 -19.79
C SER B 142 -10.54 -2.63 -18.43
N TRP B 143 -9.21 -2.70 -18.37
CA TRP B 143 -8.53 -2.90 -17.09
C TRP B 143 -8.70 -1.69 -16.19
N ARG B 144 -8.61 -0.48 -16.76
CA ARG B 144 -8.90 0.72 -15.97
C ARG B 144 -10.34 0.75 -15.48
N LEU B 145 -11.29 0.35 -16.33
CA LEU B 145 -12.69 0.33 -15.89
C LEU B 145 -12.89 -0.65 -14.74
N TYR B 146 -12.28 -1.83 -14.84
CA TYR B 146 -12.39 -2.83 -13.78
C TYR B 146 -11.75 -2.32 -12.49
N LYS B 147 -10.62 -1.63 -12.59
CA LYS B 147 -9.97 -1.14 -11.38
C LYS B 147 -10.71 0.05 -10.78
N VAL B 148 -11.31 0.89 -11.62
CA VAL B 148 -12.03 2.05 -11.12
C VAL B 148 -13.31 1.63 -10.41
N PHE B 149 -14.04 0.70 -11.00
CA PHE B 149 -15.35 0.33 -10.47
C PHE B 149 -15.31 -0.80 -9.46
N THR B 150 -14.16 -1.44 -9.25
CA THR B 150 -14.08 -2.51 -8.26
C THR B 150 -12.96 -2.28 -7.25
N GLN B 151 -12.64 -1.02 -6.95
CA GLN B 151 -11.74 -0.65 -5.87
C GLN B 151 -12.41 0.39 -4.99
N ARG B 152 -13.65 0.09 -4.59
CA ARG B 152 -14.49 1.03 -3.84
C ARG B 152 -14.06 1.06 -2.37
N VAL B 153 -12.85 1.57 -2.16
CA VAL B 153 -12.29 1.79 -0.83
C VAL B 153 -12.26 3.30 -0.59
N PRO B 154 -12.63 3.78 0.60
CA PRO B 154 -12.47 5.20 0.88
C PRO B 154 -11.01 5.60 0.84
N ASP B 155 -10.76 6.80 0.33
CA ASP B 155 -9.42 7.27 -0.06
C ASP B 155 -8.77 6.28 -1.02
N LYS B 156 -7.44 6.28 -1.09
CA LYS B 156 -6.67 5.33 -1.89
C LYS B 156 -7.11 5.30 -3.36
N ARG B 157 -7.39 6.48 -3.91
CA ARG B 157 -7.95 6.57 -5.26
C ARG B 157 -6.95 6.06 -6.29
N VAL B 158 -7.45 5.35 -7.28
CA VAL B 158 -6.59 4.75 -8.29
C VAL B 158 -6.11 5.83 -9.24
N ILE B 159 -4.80 5.86 -9.47
CA ILE B 159 -4.22 6.80 -10.43
C ILE B 159 -3.61 5.98 -11.56
N ILE B 160 -4.41 5.69 -12.58
CA ILE B 160 -3.88 4.99 -13.74
C ILE B 160 -3.88 5.96 -14.91
N LYS B 161 -2.77 6.66 -15.08
CA LYS B 161 -2.65 7.62 -16.16
C LYS B 161 -2.44 6.90 -17.48
N ASP B 162 -2.58 7.66 -18.57
CA ASP B 162 -2.48 7.06 -19.89
C ASP B 162 -1.07 6.61 -20.21
N LEU B 163 -0.07 7.19 -19.54
CA LEU B 163 1.32 6.81 -19.82
C LEU B 163 1.60 5.40 -19.37
N GLN B 164 0.97 4.95 -18.28
CA GLN B 164 1.11 3.56 -17.84
C GLN B 164 0.58 2.60 -18.88
N LEU B 165 -0.55 2.94 -19.50
CA LEU B 165 -1.13 2.04 -20.48
C LEU B 165 -0.37 2.09 -21.80
N LEU B 166 0.16 3.25 -22.17
CA LEU B 166 1.08 3.28 -23.31
C LEU B 166 2.33 2.46 -23.01
N GLY B 167 2.76 2.40 -21.75
CA GLY B 167 3.85 1.52 -21.39
C GLY B 167 3.49 0.05 -21.53
N LEU B 168 2.26 -0.31 -21.15
CA LEU B 168 1.82 -1.70 -21.31
C LEU B 168 1.71 -2.06 -22.79
N VAL B 169 1.19 -1.15 -23.61
CA VAL B 169 1.12 -1.37 -25.05
C VAL B 169 2.52 -1.45 -25.65
N ALA B 170 3.45 -0.68 -25.10
CA ALA B 170 4.84 -0.74 -25.55
C ALA B 170 5.49 -2.06 -25.18
N ALA B 171 5.15 -2.61 -24.02
CA ALA B 171 5.67 -3.92 -23.64
C ALA B 171 5.11 -5.02 -24.55
N LEU B 172 3.81 -4.94 -24.86
CA LEU B 172 3.21 -5.89 -25.80
C LEU B 172 3.86 -5.78 -27.18
N LEU B 173 4.08 -4.56 -27.64
CA LEU B 173 4.75 -4.35 -28.92
C LEU B 173 6.22 -4.76 -28.87
N MET B 174 6.85 -4.69 -27.70
CA MET B 174 8.22 -5.16 -27.57
C MET B 174 8.31 -6.66 -27.68
N ALA B 175 7.35 -7.37 -27.08
CA ALA B 175 7.25 -8.81 -27.30
C ALA B 175 7.01 -9.12 -28.77
N ASP B 176 6.17 -8.31 -29.42
CA ASP B 176 5.92 -8.48 -30.84
C ASP B 176 7.19 -8.30 -31.66
N VAL B 177 7.98 -7.26 -31.36
CA VAL B 177 9.13 -6.99 -32.21
C VAL B 177 10.27 -7.95 -31.92
N ILE B 178 10.38 -8.49 -30.70
CA ILE B 178 11.42 -9.50 -30.49
C ILE B 178 11.04 -10.81 -31.18
N LEU B 179 9.74 -11.16 -31.20
CA LEU B 179 9.33 -12.33 -31.96
C LEU B 179 9.56 -12.13 -33.46
N LEU B 180 9.22 -10.94 -33.98
CA LEU B 180 9.40 -10.70 -35.40
C LEU B 180 10.88 -10.61 -35.77
N MET B 181 11.71 -10.06 -34.87
CA MET B 181 13.15 -10.01 -35.14
C MET B 181 13.76 -11.40 -35.14
N THR B 182 13.33 -12.27 -34.23
CA THR B 182 13.80 -13.65 -34.25
C THR B 182 13.38 -14.35 -35.53
N TRP B 183 12.14 -14.11 -35.97
CA TRP B 183 11.66 -14.71 -37.21
C TRP B 183 12.44 -14.22 -38.42
N VAL B 184 12.73 -12.92 -38.49
CA VAL B 184 13.43 -12.40 -39.65
C VAL B 184 14.93 -12.66 -39.61
N LEU B 185 15.49 -12.99 -38.44
CA LEU B 185 16.93 -13.22 -38.38
C LEU B 185 17.30 -14.69 -38.44
N THR B 186 16.53 -15.57 -37.81
CA THR B 186 16.91 -16.98 -37.75
C THR B 186 16.50 -17.73 -39.00
N ASP B 187 15.22 -17.65 -39.39
CA ASP B 187 14.70 -18.34 -40.56
C ASP B 187 13.93 -17.36 -41.42
N PRO B 188 14.61 -16.58 -42.25
CA PRO B 188 13.92 -15.64 -43.12
C PRO B 188 13.15 -16.35 -44.21
N ILE B 189 12.09 -15.69 -44.68
CA ILE B 189 11.31 -16.24 -45.77
C ILE B 189 12.08 -16.09 -47.07
N GLN B 190 12.28 -17.20 -47.78
CA GLN B 190 12.98 -17.19 -49.05
C GLN B 190 12.05 -17.71 -50.14
N CYS B 191 12.06 -17.04 -51.28
CA CYS B 191 11.21 -17.45 -52.40
C CYS B 191 11.99 -18.45 -53.24
N LEU B 192 11.58 -19.72 -53.16
CA LEU B 192 12.28 -20.81 -53.83
C LEU B 192 11.34 -21.54 -54.78
N GLN B 193 11.87 -21.90 -55.95
CA GLN B 193 11.15 -22.69 -56.94
C GLN B 193 11.82 -24.05 -57.05
N ILE B 194 11.05 -25.11 -56.82
CA ILE B 194 11.57 -26.47 -56.79
C ILE B 194 10.75 -27.35 -57.73
N LEU B 195 11.45 -28.17 -58.51
CA LEU B 195 10.84 -29.21 -59.31
C LEU B 195 11.27 -30.57 -58.77
N SER B 196 10.31 -31.48 -58.66
CA SER B 196 10.58 -32.76 -58.03
C SER B 196 9.64 -33.81 -58.57
N VAL B 197 10.05 -35.07 -58.41
CA VAL B 197 9.22 -36.22 -58.74
C VAL B 197 9.16 -37.12 -57.52
N SER B 198 8.00 -37.71 -57.27
CA SER B 198 7.79 -38.57 -56.12
C SER B 198 7.20 -39.89 -56.59
N MET B 199 7.76 -40.99 -56.10
CA MET B 199 7.28 -42.33 -56.41
C MET B 199 6.73 -42.92 -55.11
N THR B 200 5.46 -42.64 -54.83
CA THR B 200 4.83 -43.10 -53.61
C THR B 200 4.21 -44.48 -53.81
N VAL B 201 4.03 -45.19 -52.70
CA VAL B 201 3.37 -46.49 -52.69
C VAL B 201 2.29 -46.47 -51.61
N THR B 202 1.11 -46.94 -51.97
CA THR B 202 0.00 -47.05 -51.04
C THR B 202 0.02 -48.46 -50.43
N GLY B 203 -1.09 -48.85 -49.79
CA GLY B 203 -1.19 -50.19 -49.24
C GLY B 203 -1.11 -51.28 -50.29
N LYS B 204 -1.66 -51.02 -51.48
CA LYS B 204 -1.66 -52.02 -52.54
C LYS B 204 -1.29 -51.47 -53.92
N ASP B 205 -1.06 -50.16 -54.06
CA ASP B 205 -0.81 -49.55 -55.36
C ASP B 205 0.43 -48.67 -55.30
N VAL B 206 1.09 -48.52 -56.44
CA VAL B 206 2.28 -47.68 -56.59
C VAL B 206 1.97 -46.64 -57.66
N SER B 207 2.24 -45.37 -57.34
CA SER B 207 1.99 -44.28 -58.26
C SER B 207 3.15 -43.30 -58.25
N CYS B 208 3.34 -42.61 -59.35
CA CYS B 208 4.41 -41.64 -59.52
C CYS B 208 3.83 -40.31 -59.95
N THR B 209 4.23 -39.23 -59.27
CA THR B 209 3.75 -37.89 -59.56
C THR B 209 4.94 -36.96 -59.75
N SER B 210 4.81 -36.05 -60.72
CA SER B 210 5.82 -35.03 -60.99
C SER B 210 5.24 -33.69 -60.57
N THR B 211 5.57 -33.26 -59.35
CA THR B 211 5.03 -32.03 -58.79
C THR B 211 6.08 -30.95 -58.82
N SER B 212 5.77 -29.84 -59.49
CA SER B 212 6.63 -28.67 -59.54
C SER B 212 5.83 -27.47 -59.03
N THR B 213 6.38 -26.80 -58.02
CA THR B 213 5.67 -25.71 -57.37
C THR B 213 6.64 -24.58 -57.05
N HIS B 214 6.08 -23.39 -56.88
CA HIS B 214 6.84 -22.21 -56.46
C HIS B 214 6.08 -21.55 -55.31
N PHE B 215 6.68 -21.58 -54.14
CA PHE B 215 6.13 -20.94 -52.95
C PHE B 215 7.23 -20.13 -52.29
N CYS B 216 6.84 -19.08 -51.59
CA CYS B 216 7.80 -18.22 -50.90
C CYS B 216 7.43 -18.26 -49.42
N ALA B 217 8.15 -19.07 -48.65
CA ALA B 217 7.75 -19.36 -47.28
C ALA B 217 8.97 -19.76 -46.47
N SER B 218 8.82 -19.69 -45.15
CA SER B 218 9.89 -20.03 -44.22
C SER B 218 10.14 -21.54 -44.19
N ARG B 219 11.36 -21.91 -43.83
CA ARG B 219 11.69 -23.32 -43.69
C ARG B 219 11.10 -23.91 -42.42
N TYR B 220 10.89 -23.09 -41.41
CA TYR B 220 10.29 -23.54 -40.15
C TYR B 220 9.02 -22.74 -39.90
N SER B 221 8.17 -22.64 -40.93
CA SER B 221 7.08 -21.67 -40.95
C SER B 221 6.07 -21.94 -39.84
N ASP B 222 5.75 -23.20 -39.60
CA ASP B 222 4.74 -23.52 -38.61
C ASP B 222 5.20 -23.23 -37.20
N VAL B 223 6.52 -23.21 -36.96
CA VAL B 223 7.03 -22.78 -35.66
C VAL B 223 6.68 -21.33 -35.40
N TRP B 224 6.91 -20.47 -36.39
CA TRP B 224 6.63 -19.05 -36.23
C TRP B 224 5.13 -18.79 -36.19
N ILE B 225 4.35 -19.53 -36.98
CA ILE B 225 2.91 -19.41 -36.94
C ILE B 225 2.38 -19.79 -35.56
N ALA B 226 2.86 -20.91 -35.01
CA ALA B 226 2.43 -21.35 -33.69
C ALA B 226 2.83 -20.35 -32.63
N LEU B 227 4.04 -19.79 -32.74
CA LEU B 227 4.51 -18.82 -31.75
C LEU B 227 3.66 -17.56 -31.75
N ILE B 228 3.47 -16.95 -32.93
CA ILE B 228 2.81 -15.65 -32.97
C ILE B 228 1.30 -15.78 -32.74
N TRP B 229 0.65 -16.73 -33.40
CA TRP B 229 -0.74 -17.05 -33.05
C TRP B 229 -0.94 -17.49 -31.60
N GLY B 230 0.04 -18.14 -30.98
CA GLY B 230 -0.12 -18.52 -29.57
C GLY B 230 -0.01 -17.35 -28.63
N CYS B 231 0.95 -16.45 -28.88
CA CYS B 231 1.08 -15.25 -28.06
C CYS B 231 -0.15 -14.36 -28.22
N LYS B 232 -0.62 -14.19 -29.46
CA LYS B 232 -1.87 -13.47 -29.69
C LYS B 232 -3.03 -14.19 -29.05
N GLY B 233 -3.02 -15.52 -29.01
CA GLY B 233 -4.10 -16.26 -28.39
C GLY B 233 -4.17 -16.04 -26.90
N LEU B 234 -3.02 -16.03 -26.22
CA LEU B 234 -3.01 -15.73 -24.80
C LEU B 234 -3.49 -14.31 -24.54
N LEU B 235 -3.07 -13.36 -25.39
CA LEU B 235 -3.51 -11.97 -25.25
C LEU B 235 -5.02 -11.86 -25.42
N LEU B 236 -5.58 -12.54 -26.42
CA LEU B 236 -7.01 -12.44 -26.68
C LEU B 236 -7.83 -13.21 -25.66
N LEU B 237 -7.28 -14.25 -25.04
CA LEU B 237 -8.00 -14.91 -23.97
C LEU B 237 -8.04 -14.05 -22.72
N TYR B 238 -6.94 -13.35 -22.41
CA TYR B 238 -7.01 -12.39 -21.32
C TYR B 238 -7.94 -11.23 -21.67
N GLY B 239 -8.03 -10.88 -22.95
CA GLY B 239 -9.00 -9.89 -23.37
C GLY B 239 -10.44 -10.33 -23.14
N ALA B 240 -10.72 -11.61 -23.43
CA ALA B 240 -12.05 -12.15 -23.15
C ALA B 240 -12.32 -12.16 -21.66
N TYR B 241 -11.30 -12.44 -20.85
CA TYR B 241 -11.45 -12.37 -19.40
C TYR B 241 -11.79 -10.96 -18.94
N LEU B 242 -11.12 -9.96 -19.52
CA LEU B 242 -11.40 -8.57 -19.16
C LEU B 242 -12.78 -8.14 -19.63
N ALA B 243 -13.21 -8.61 -20.80
CA ALA B 243 -14.56 -8.32 -21.28
C ALA B 243 -15.60 -8.94 -20.37
N GLY B 244 -15.33 -10.14 -19.86
CA GLY B 244 -16.23 -10.75 -18.90
C GLY B 244 -16.28 -10.00 -17.58
N LEU B 245 -15.12 -9.57 -17.07
CA LEU B 245 -15.08 -8.85 -15.80
C LEU B 245 -15.83 -7.55 -15.86
N THR B 246 -15.71 -6.84 -16.99
CA THR B 246 -16.35 -5.55 -17.20
C THR B 246 -17.64 -5.70 -18.00
N GLY B 247 -18.37 -6.79 -17.79
CA GLY B 247 -19.52 -7.09 -18.62
C GLY B 247 -20.65 -6.09 -18.44
N HIS B 248 -20.95 -5.73 -17.21
CA HIS B 248 -22.04 -4.80 -16.90
C HIS B 248 -21.52 -3.64 -16.07
N VAL B 249 -20.41 -3.05 -16.50
CA VAL B 249 -19.74 -2.06 -15.69
C VAL B 249 -20.17 -0.63 -16.05
N SER B 250 -20.60 -0.39 -17.27
CA SER B 250 -21.00 0.95 -17.70
C SER B 250 -21.82 0.84 -18.97
N SER B 251 -22.10 1.97 -19.57
CA SER B 251 -22.79 2.05 -20.86
C SER B 251 -21.86 1.61 -21.98
N PRO B 252 -22.42 1.21 -23.12
CA PRO B 252 -21.59 0.80 -24.26
C PRO B 252 -20.63 1.86 -24.78
N PRO B 253 -20.90 3.18 -24.62
CA PRO B 253 -19.83 4.15 -24.93
C PRO B 253 -18.54 3.96 -24.14
N VAL B 254 -18.63 3.57 -22.87
CA VAL B 254 -17.45 3.37 -22.04
C VAL B 254 -17.07 1.90 -21.93
N ASN B 255 -18.05 1.02 -21.72
CA ASN B 255 -17.78 -0.40 -21.64
C ASN B 255 -17.42 -0.95 -23.02
N GLN B 256 -16.45 -1.85 -23.04
CA GLN B 256 -15.91 -2.40 -24.27
C GLN B 256 -16.01 -3.92 -24.30
N SER B 257 -17.04 -4.47 -23.66
CA SER B 257 -17.19 -5.92 -23.62
C SER B 257 -17.58 -6.48 -24.98
N LEU B 258 -18.57 -5.86 -25.62
CA LEU B 258 -19.09 -6.36 -26.87
C LEU B 258 -18.06 -6.23 -27.99
N THR B 259 -17.32 -5.13 -28.02
CA THR B 259 -16.31 -4.97 -29.06
C THR B 259 -15.17 -5.98 -28.88
N ILE B 260 -14.79 -6.27 -27.63
CA ILE B 260 -13.73 -7.25 -27.41
C ILE B 260 -14.19 -8.63 -27.83
N MET B 261 -15.41 -9.02 -27.45
CA MET B 261 -15.89 -10.36 -27.77
C MET B 261 -16.11 -10.54 -29.26
N VAL B 262 -16.72 -9.55 -29.93
CA VAL B 262 -16.92 -9.63 -31.37
C VAL B 262 -15.59 -9.66 -32.10
N GLY B 263 -14.65 -8.80 -31.68
CA GLY B 263 -13.37 -8.75 -32.36
C GLY B 263 -12.55 -10.00 -32.16
N VAL B 264 -12.62 -10.59 -30.97
CA VAL B 264 -11.84 -11.79 -30.73
C VAL B 264 -12.41 -12.98 -31.49
N ASN B 265 -13.75 -13.08 -31.58
CA ASN B 265 -14.35 -14.17 -32.35
C ASN B 265 -14.05 -14.02 -33.83
N LEU B 266 -14.18 -12.79 -34.35
CA LEU B 266 -13.87 -12.54 -35.75
C LEU B 266 -12.39 -12.73 -36.03
N LEU B 267 -11.53 -12.43 -35.06
CA LEU B 267 -10.09 -12.60 -35.25
C LEU B 267 -9.73 -14.07 -35.36
N VAL B 268 -10.30 -14.91 -34.50
CA VAL B 268 -10.03 -16.34 -34.57
C VAL B 268 -10.56 -16.92 -35.87
N LEU B 269 -11.78 -16.55 -36.26
CA LEU B 269 -12.37 -17.08 -37.49
C LEU B 269 -11.56 -16.66 -38.72
N ALA B 270 -11.20 -15.36 -38.79
CA ALA B 270 -10.43 -14.87 -39.91
C ALA B 270 -9.04 -15.49 -39.97
N ALA B 271 -8.38 -15.63 -38.82
CA ALA B 271 -7.04 -16.21 -38.80
C ALA B 271 -7.06 -17.65 -39.29
N GLY B 272 -8.01 -18.45 -38.79
CA GLY B 272 -8.09 -19.84 -39.23
C GLY B 272 -8.41 -19.96 -40.71
N LEU B 273 -9.41 -19.21 -41.18
CA LEU B 273 -9.82 -19.29 -42.58
C LEU B 273 -8.70 -18.85 -43.51
N LEU B 274 -8.02 -17.76 -43.17
CA LEU B 274 -6.98 -17.25 -44.05
C LEU B 274 -5.74 -18.12 -44.02
N PHE B 275 -5.43 -18.74 -42.87
CA PHE B 275 -4.33 -19.70 -42.82
C PHE B 275 -4.61 -20.89 -43.73
N VAL B 276 -5.84 -21.42 -43.67
CA VAL B 276 -6.19 -22.58 -44.49
C VAL B 276 -6.14 -22.22 -45.98
N VAL B 277 -6.76 -21.10 -46.36
CA VAL B 277 -6.86 -20.78 -47.79
C VAL B 277 -5.53 -20.29 -48.34
N THR B 278 -4.64 -19.80 -47.47
CA THR B 278 -3.30 -19.48 -47.94
C THR B 278 -2.46 -20.74 -48.11
N ARG B 279 -2.64 -21.72 -47.21
CA ARG B 279 -1.82 -22.93 -47.28
C ARG B 279 -2.22 -23.80 -48.46
N TYR B 280 -3.51 -23.97 -48.69
CA TYR B 280 -3.96 -25.00 -49.63
C TYR B 280 -4.41 -24.46 -50.98
N LEU B 281 -4.62 -23.15 -51.11
CA LEU B 281 -5.07 -22.57 -52.38
C LEU B 281 -4.00 -21.61 -52.89
N HIS B 282 -3.02 -22.17 -53.59
CA HIS B 282 -2.06 -21.38 -54.34
C HIS B 282 -2.41 -21.28 -55.81
N SER B 283 -3.28 -22.16 -56.31
CA SER B 283 -3.75 -22.11 -57.68
C SER B 283 -4.90 -21.13 -57.85
N TRP B 284 -5.33 -20.48 -56.78
CA TRP B 284 -6.41 -19.50 -56.83
C TRP B 284 -5.92 -18.21 -56.17
N PRO B 285 -5.13 -17.41 -56.90
CA PRO B 285 -4.56 -16.20 -56.28
C PRO B 285 -5.59 -15.12 -56.01
N ASN B 286 -6.58 -14.98 -56.90
CA ASN B 286 -7.62 -13.97 -56.69
C ASN B 286 -8.44 -14.29 -55.45
N LEU B 287 -8.73 -15.57 -55.23
CA LEU B 287 -9.53 -15.96 -54.07
C LEU B 287 -8.80 -15.68 -52.77
N VAL B 288 -7.52 -16.04 -52.69
CA VAL B 288 -6.79 -15.82 -51.44
C VAL B 288 -6.56 -14.33 -51.20
N PHE B 289 -6.28 -13.57 -52.26
CA PHE B 289 -6.10 -12.13 -52.10
C PHE B 289 -7.39 -11.46 -51.64
N GLY B 290 -8.52 -11.79 -52.28
CA GLY B 290 -9.77 -11.20 -51.90
C GLY B 290 -10.20 -11.59 -50.50
N LEU B 291 -10.01 -12.85 -50.13
CA LEU B 291 -10.40 -13.31 -48.80
C LEU B 291 -9.55 -12.66 -47.73
N THR B 292 -8.24 -12.53 -47.96
CA THR B 292 -7.37 -11.88 -46.97
C THR B 292 -7.74 -10.40 -46.80
N SER B 293 -7.93 -9.70 -47.92
CA SER B 293 -8.27 -8.29 -47.85
C SER B 293 -9.63 -8.08 -47.20
N GLY B 294 -10.61 -8.91 -47.55
CA GLY B 294 -11.92 -8.80 -46.94
C GLY B 294 -11.94 -9.12 -45.47
N GLY B 295 -11.16 -10.12 -45.05
CA GLY B 295 -11.08 -10.44 -43.64
C GLY B 295 -10.47 -9.32 -42.83
N ILE B 296 -9.37 -8.75 -43.31
CA ILE B 296 -8.72 -7.64 -42.63
C ILE B 296 -9.67 -6.44 -42.56
N PHE B 297 -10.32 -6.13 -43.68
CA PHE B 297 -11.23 -4.99 -43.74
C PHE B 297 -12.42 -5.17 -42.80
N VAL B 298 -13.01 -6.37 -42.79
CA VAL B 298 -14.18 -6.63 -41.96
C VAL B 298 -13.81 -6.53 -40.49
N CYS B 299 -12.70 -7.17 -40.09
CA CYS B 299 -12.31 -7.15 -38.68
C CYS B 299 -12.00 -5.74 -38.20
N THR B 300 -11.18 -5.00 -38.97
CA THR B 300 -10.80 -3.66 -38.54
C THR B 300 -11.99 -2.71 -38.56
N THR B 301 -12.85 -2.80 -39.58
CA THR B 301 -14.00 -1.91 -39.67
C THR B 301 -15.00 -2.17 -38.55
N THR B 302 -15.29 -3.44 -38.24
CA THR B 302 -16.21 -3.74 -37.16
C THR B 302 -15.65 -3.30 -35.81
N ILE B 303 -14.34 -3.50 -35.57
CA ILE B 303 -13.75 -3.05 -34.32
C ILE B 303 -13.84 -1.54 -34.18
N ASN B 304 -13.46 -0.80 -35.23
CA ASN B 304 -13.44 0.65 -35.12
C ASN B 304 -14.86 1.22 -35.06
N CYS B 305 -15.81 0.61 -35.76
CA CYS B 305 -17.20 1.04 -35.67
C CYS B 305 -17.76 0.79 -34.28
N PHE B 306 -17.46 -0.38 -33.70
CA PHE B 306 -17.94 -0.68 -32.35
C PHE B 306 -17.32 0.26 -31.33
N ILE B 307 -16.09 0.70 -31.56
CA ILE B 307 -15.46 1.64 -30.65
C ILE B 307 -16.11 3.02 -30.77
N PHE B 308 -16.31 3.50 -32.00
CA PHE B 308 -16.52 4.93 -32.20
C PHE B 308 -17.97 5.34 -32.50
N ILE B 309 -18.80 4.44 -33.03
CA ILE B 309 -20.18 4.83 -33.37
C ILE B 309 -21.01 5.24 -32.14
N PRO B 310 -20.99 4.52 -31.01
CA PRO B 310 -21.73 5.02 -29.85
C PRO B 310 -21.23 6.36 -29.31
N GLN B 311 -19.93 6.65 -29.44
CA GLN B 311 -19.44 7.97 -29.04
C GLN B 311 -20.05 9.07 -29.90
N LEU B 312 -20.13 8.83 -31.21
CA LEU B 312 -20.74 9.81 -32.10
C LEU B 312 -22.24 9.92 -31.84
N LYS B 313 -22.88 8.81 -31.48
CA LYS B 313 -24.30 8.84 -31.18
C LYS B 313 -24.59 9.65 -29.92
N GLN B 314 -23.78 9.48 -28.88
CA GLN B 314 -24.03 10.12 -27.59
C GLN B 314 -23.22 11.38 -27.38
N TRP B 315 -22.53 11.89 -28.41
CA TRP B 315 -21.76 13.12 -28.27
C TRP B 315 -22.68 14.32 -28.03
N LYS B 316 -23.84 14.35 -28.68
CA LYS B 316 -24.74 15.49 -28.58
C LYS B 316 -25.32 15.62 -27.17
N ALA B 317 -25.63 14.50 -26.53
CA ALA B 317 -26.34 14.53 -25.26
C ALA B 317 -25.49 15.07 -24.12
N PHE B 318 -24.17 15.17 -24.30
CA PHE B 318 -23.27 15.69 -23.28
C PHE B 318 -22.43 16.82 -23.85
N GLU B 319 -23.03 17.69 -24.67
CA GLU B 319 -22.32 18.81 -25.25
C GLU B 319 -22.85 20.16 -24.79
N GLU B 320 -24.14 20.42 -24.94
CA GLU B 320 -24.65 21.78 -24.79
C GLU B 320 -25.09 22.08 -23.36
N GLU B 321 -26.06 21.34 -22.84
CA GLU B 321 -26.66 21.72 -21.56
C GLU B 321 -25.79 21.25 -20.38
N ASN B 322 -25.67 19.93 -20.21
CA ASN B 322 -24.88 19.32 -19.14
C ASN B 322 -25.22 19.90 -17.77
N GLN B 323 -26.52 19.84 -17.42
CA GLN B 323 -27.00 20.47 -16.20
C GLN B 323 -26.40 19.82 -14.95
N THR B 324 -26.53 18.50 -14.84
CA THR B 324 -25.98 17.76 -13.72
C THR B 324 -25.28 16.52 -14.25
N ILE B 325 -24.65 15.78 -13.33
CA ILE B 325 -24.08 14.48 -13.69
C ILE B 325 -25.12 13.38 -13.71
N ARG B 326 -26.37 13.70 -13.36
CA ARG B 326 -27.47 12.75 -13.51
C ARG B 326 -27.76 12.45 -14.97
N ARG B 327 -27.27 13.29 -15.89
CA ARG B 327 -27.37 12.99 -17.31
C ARG B 327 -26.55 11.75 -17.68
N MET B 328 -25.49 11.48 -16.92
CA MET B 328 -24.70 10.25 -17.07
C MET B 328 -24.86 9.44 -15.78
N ALA B 329 -25.94 8.66 -15.72
CA ALA B 329 -26.18 7.76 -14.61
C ALA B 329 -25.92 6.30 -14.98
N LYS B 330 -26.21 5.92 -16.22
CA LYS B 330 -25.89 4.57 -16.68
C LYS B 330 -24.40 4.37 -16.87
N TYR B 331 -23.63 5.47 -16.96
CA TYR B 331 -22.18 5.39 -17.08
C TYR B 331 -21.49 5.16 -15.75
N PHE B 332 -22.24 5.25 -14.64
CA PHE B 332 -21.73 4.92 -13.33
C PHE B 332 -22.29 3.60 -12.81
N SER B 333 -22.73 2.72 -13.70
CA SER B 333 -23.48 1.53 -13.30
C SER B 333 -22.55 0.48 -12.69
N THR B 334 -23.16 -0.60 -12.23
CA THR B 334 -22.45 -1.69 -11.59
C THR B 334 -23.34 -2.93 -11.62
N PRO B 335 -22.76 -4.14 -11.61
CA PRO B 335 -23.58 -5.35 -11.50
C PRO B 335 -24.22 -5.49 -10.13
N THR C 4 28.22 -4.90 11.11
CA THR C 4 28.53 -5.10 12.52
C THR C 4 27.29 -4.91 13.39
N LEU C 5 26.64 -6.02 13.73
CA LEU C 5 25.44 -5.99 14.55
C LEU C 5 25.63 -6.89 15.77
N SER C 6 25.11 -6.45 16.91
CA SER C 6 25.16 -7.23 18.14
C SER C 6 23.85 -7.98 18.34
N ALA C 7 23.79 -8.75 19.43
CA ALA C 7 22.59 -9.53 19.72
C ALA C 7 21.43 -8.63 20.13
N GLU C 8 21.70 -7.64 20.99
CA GLU C 8 20.68 -6.68 21.37
C GLU C 8 20.19 -5.87 20.18
N ASP C 9 21.12 -5.51 19.28
CA ASP C 9 20.73 -4.81 18.06
C ASP C 9 19.83 -5.68 17.18
N LYS C 10 20.16 -6.97 17.06
CA LYS C 10 19.35 -7.87 16.24
C LYS C 10 17.95 -8.02 16.81
N ALA C 11 17.84 -8.17 18.13
CA ALA C 11 16.51 -8.33 18.72
C ALA C 11 15.73 -7.03 18.69
N ALA C 12 16.43 -5.89 18.74
CA ALA C 12 15.76 -4.60 18.55
C ALA C 12 15.23 -4.46 17.13
N VAL C 13 15.98 -4.95 16.14
CA VAL C 13 15.51 -4.94 14.76
C VAL C 13 14.29 -5.84 14.61
N GLU C 14 14.29 -6.99 15.30
CA GLU C 14 13.13 -7.88 15.27
C GLU C 14 11.90 -7.21 15.92
N ARG C 15 12.10 -6.51 17.03
CA ARG C 15 11.01 -5.78 17.68
C ARG C 15 10.47 -4.68 16.77
N SER C 16 11.37 -3.97 16.07
CA SER C 16 10.95 -2.95 15.11
C SER C 16 10.14 -3.57 13.97
N LYS C 17 10.56 -4.74 13.50
CA LYS C 17 9.83 -5.41 12.43
C LYS C 17 8.43 -5.80 12.90
N MET C 18 8.31 -6.26 14.14
CA MET C 18 6.99 -6.59 14.68
C MET C 18 6.13 -5.33 14.79
N ILE C 19 6.72 -4.22 15.23
CA ILE C 19 5.98 -2.96 15.37
C ILE C 19 5.48 -2.49 14.01
N GLU C 20 6.33 -2.52 12.99
CA GLU C 20 5.89 -2.04 11.69
C GLU C 20 4.97 -3.02 10.97
N LYS C 21 5.08 -4.32 11.25
CA LYS C 21 4.10 -5.26 10.71
C LYS C 21 2.72 -5.03 11.32
N ASN C 22 2.67 -4.78 12.64
CA ASN C 22 1.40 -4.45 13.26
C ASN C 22 0.86 -3.11 12.77
N LEU C 23 1.76 -2.16 12.49
CA LEU C 23 1.35 -0.89 11.89
C LEU C 23 0.72 -1.10 10.52
N LYS C 24 1.33 -1.95 9.69
CA LYS C 24 0.77 -2.24 8.38
C LYS C 24 -0.57 -2.97 8.48
N GLU C 25 -0.70 -3.87 9.44
CA GLU C 25 -1.97 -4.55 9.66
C GLU C 25 -3.06 -3.56 10.07
N ASP C 26 -2.73 -2.64 10.98
CA ASP C 26 -3.70 -1.63 11.40
C ASP C 26 -4.07 -0.69 10.26
N GLY C 27 -3.09 -0.32 9.42
CA GLY C 27 -3.38 0.52 8.28
C GLY C 27 -4.24 -0.16 7.24
N ILE C 28 -4.03 -1.46 7.03
CA ILE C 28 -4.90 -2.22 6.14
C ILE C 28 -6.31 -2.31 6.69
N SER C 29 -6.43 -2.54 8.01
CA SER C 29 -7.77 -2.66 8.60
C SER C 29 -8.51 -1.33 8.57
N ALA C 30 -7.81 -0.22 8.82
CA ALA C 30 -8.47 1.07 8.94
C ALA C 30 -8.73 1.76 7.60
N ALA C 31 -8.19 1.23 6.51
CA ALA C 31 -8.39 1.87 5.21
C ALA C 31 -9.79 1.65 4.66
N LYS C 32 -10.51 0.63 5.14
CA LYS C 32 -11.84 0.31 4.65
C LYS C 32 -12.94 1.02 5.43
N ASP C 33 -12.65 2.16 6.04
CA ASP C 33 -13.62 2.92 6.80
C ASP C 33 -13.85 4.27 6.15
N VAL C 34 -15.10 4.55 5.81
CA VAL C 34 -15.46 5.83 5.21
C VAL C 34 -15.54 6.89 6.29
N LYS C 35 -14.88 8.02 6.06
CA LYS C 35 -14.85 9.13 6.99
C LYS C 35 -15.64 10.30 6.40
N LEU C 36 -16.62 10.79 7.16
CA LEU C 36 -17.45 11.90 6.74
C LEU C 36 -17.49 12.95 7.83
N LEU C 37 -17.70 14.20 7.43
CA LEU C 37 -17.64 15.35 8.32
C LEU C 37 -19.02 16.01 8.39
N LEU C 38 -19.76 15.73 9.46
CA LEU C 38 -21.04 16.37 9.66
C LEU C 38 -20.86 17.86 9.99
N LEU C 39 -21.74 18.69 9.45
CA LEU C 39 -21.67 20.12 9.63
C LEU C 39 -23.08 20.68 9.60
N GLY C 40 -23.17 21.98 9.86
CA GLY C 40 -24.46 22.66 9.82
C GLY C 40 -24.50 23.75 10.87
N ALA C 41 -25.71 24.25 11.10
CA ALA C 41 -25.95 25.28 12.09
C ALA C 41 -26.30 24.63 13.43
N ASP C 42 -26.75 25.44 14.39
CA ASP C 42 -27.13 24.92 15.69
C ASP C 42 -28.48 24.22 15.60
N ASN C 43 -28.53 22.97 16.09
CA ASN C 43 -29.73 22.13 16.09
C ASN C 43 -30.30 21.97 14.68
N SER C 44 -29.42 21.75 13.71
CA SER C 44 -29.81 21.57 12.31
C SER C 44 -29.97 20.10 11.94
N GLY C 45 -30.29 19.24 12.90
CA GLY C 45 -30.50 17.84 12.62
C GLY C 45 -29.26 16.99 12.55
N LYS C 46 -28.14 17.47 13.09
CA LYS C 46 -26.91 16.67 13.05
C LYS C 46 -26.99 15.47 13.97
N SER C 47 -27.70 15.60 15.10
CA SER C 47 -27.74 14.54 16.10
C SER C 47 -28.62 13.36 15.69
N THR C 48 -29.47 13.52 14.69
CA THR C 48 -30.39 12.45 14.27
C THR C 48 -30.29 12.21 12.78
N ILE C 49 -29.07 12.21 12.23
CA ILE C 49 -28.91 11.96 10.80
C ILE C 49 -29.15 10.49 10.50
N VAL C 50 -28.73 9.59 11.39
CA VAL C 50 -28.93 8.16 11.23
C VAL C 50 -29.48 7.61 12.55
N LYS C 51 -30.59 6.89 12.48
CA LYS C 51 -31.25 6.38 13.67
C LYS C 51 -30.67 5.06 14.17
N GLN C 52 -29.68 4.50 13.48
CA GLN C 52 -29.08 3.22 13.82
C GLN C 52 -27.56 3.35 13.94
N MET C 53 -27.12 4.36 14.69
CA MET C 53 -25.71 4.65 14.85
C MET C 53 -25.28 4.45 16.29
N LYS C 54 -24.01 4.08 16.47
CA LYS C 54 -23.43 3.83 17.78
C LYS C 54 -22.32 4.85 18.03
N ILE C 55 -22.36 5.48 19.20
CA ILE C 55 -21.53 6.63 19.52
C ILE C 55 -20.24 6.18 20.20
N ILE C 56 -19.13 6.73 19.74
CA ILE C 56 -17.84 6.59 20.41
C ILE C 56 -17.29 7.95 20.78
N THR C 67 -16.53 17.95 25.56
CA THR C 67 -15.62 17.23 24.68
C THR C 67 -15.24 18.09 23.48
N GLY C 68 -14.17 17.71 22.79
CA GLY C 68 -13.73 18.45 21.64
C GLY C 68 -14.56 18.20 20.40
N ILE C 69 -14.53 16.97 19.90
CA ILE C 69 -15.35 16.56 18.78
C ILE C 69 -16.02 15.23 19.12
N VAL C 70 -17.11 14.95 18.42
CA VAL C 70 -17.92 13.76 18.65
C VAL C 70 -17.78 12.85 17.43
N GLU C 71 -17.49 11.58 17.68
CA GLU C 71 -17.34 10.59 16.63
C GLU C 71 -18.38 9.50 16.79
N THR C 72 -19.12 9.23 15.73
CA THR C 72 -20.19 8.23 15.73
C THR C 72 -20.01 7.31 14.54
N HIS C 73 -20.17 6.01 14.76
CA HIS C 73 -19.89 5.05 13.71
C HIS C 73 -21.01 4.04 13.59
N PHE C 74 -21.20 3.56 12.36
CA PHE C 74 -22.11 2.46 12.08
C PHE C 74 -21.65 1.78 10.79
N THR C 75 -22.08 0.53 10.63
CA THR C 75 -21.67 -0.29 9.49
C THR C 75 -22.89 -0.59 8.62
N PHE C 76 -22.73 -0.40 7.32
CA PHE C 76 -23.83 -0.66 6.37
C PHE C 76 -23.25 -1.40 5.18
N LYS C 77 -23.79 -2.60 4.92
CA LYS C 77 -23.37 -3.48 3.83
C LYS C 77 -21.87 -3.77 3.86
N ASN C 78 -21.16 -3.35 2.83
CA ASN C 78 -19.76 -3.71 2.66
C ASN C 78 -18.78 -2.70 3.24
N LEU C 79 -19.27 -1.63 3.86
CA LEU C 79 -18.40 -0.55 4.32
C LEU C 79 -18.78 -0.13 5.73
N HIS C 80 -17.80 0.43 6.43
CA HIS C 80 -17.96 0.92 7.79
C HIS C 80 -17.87 2.45 7.78
N PHE C 81 -18.84 3.10 8.41
CA PHE C 81 -18.96 4.54 8.34
C PHE C 81 -18.51 5.20 9.64
N ARG C 82 -17.95 6.40 9.51
CA ARG C 82 -17.54 7.20 10.65
C ARG C 82 -17.92 8.66 10.39
N LEU C 83 -18.57 9.28 11.37
CA LEU C 83 -19.04 10.65 11.26
C LEU C 83 -18.42 11.50 12.36
N PHE C 84 -18.02 12.72 12.00
CA PHE C 84 -17.41 13.66 12.93
C PHE C 84 -18.32 14.88 13.05
N ASP C 85 -18.97 15.02 14.22
CA ASP C 85 -19.96 16.07 14.40
C ASP C 85 -19.34 17.45 14.52
N VAL C 86 -18.07 17.52 14.94
CA VAL C 86 -17.23 18.70 15.15
C VAL C 86 -17.99 19.81 15.90
N GLY C 87 -18.91 19.40 16.78
CA GLY C 87 -19.65 20.34 17.60
C GLY C 87 -18.83 20.78 18.81
N GLY C 88 -19.03 22.03 19.21
CA GLY C 88 -18.32 22.58 20.34
C GLY C 88 -16.94 23.11 20.03
N GLN C 89 -16.46 22.96 18.80
CA GLN C 89 -15.16 23.51 18.40
C GLN C 89 -15.37 24.98 18.06
N ARG C 90 -15.38 25.82 19.10
CA ARG C 90 -15.61 27.24 18.93
C ARG C 90 -14.36 27.99 18.49
N SER C 91 -13.24 27.29 18.29
CA SER C 91 -12.02 27.94 17.86
C SER C 91 -12.11 28.39 16.41
N GLU C 92 -11.03 28.97 15.92
CA GLU C 92 -11.00 29.48 14.55
C GLU C 92 -11.04 28.33 13.56
N ARG C 93 -11.96 28.42 12.60
CA ARG C 93 -12.17 27.35 11.63
C ARG C 93 -11.21 27.47 10.46
N LYS C 94 -9.93 27.63 10.78
CA LYS C 94 -8.86 27.61 9.79
C LYS C 94 -7.64 26.85 10.26
N LYS C 95 -7.56 26.48 11.54
CA LYS C 95 -6.36 25.84 12.08
C LYS C 95 -6.51 24.33 12.22
N TRP C 96 -7.73 23.82 12.29
CA TRP C 96 -7.94 22.38 12.36
C TRP C 96 -8.76 21.83 11.21
N ILE C 97 -9.08 22.64 10.20
CA ILE C 97 -9.75 22.13 9.01
C ILE C 97 -8.85 21.17 8.25
N HIS C 98 -7.53 21.44 8.22
CA HIS C 98 -6.62 20.57 7.48
C HIS C 98 -6.50 19.18 8.11
N CYS C 99 -6.94 19.02 9.36
CA CYS C 99 -7.09 17.67 9.91
C CYS C 99 -8.14 16.89 9.13
N PHE C 100 -9.27 17.52 8.82
CA PHE C 100 -10.32 16.91 8.02
C PHE C 100 -10.17 17.23 6.54
N GLU C 101 -8.98 17.02 5.99
CA GLU C 101 -8.74 17.26 4.58
C GLU C 101 -8.94 15.99 3.73
N ASP C 102 -8.77 14.82 4.32
CA ASP C 102 -8.86 13.56 3.61
C ASP C 102 -10.22 12.88 3.76
N VAL C 103 -11.25 13.62 4.19
CA VAL C 103 -12.58 13.04 4.27
C VAL C 103 -13.12 12.82 2.86
N THR C 104 -13.93 11.76 2.70
CA THR C 104 -14.48 11.45 1.39
C THR C 104 -15.63 12.37 1.03
N ALA C 105 -16.46 12.73 2.01
CA ALA C 105 -17.58 13.60 1.75
C ALA C 105 -17.87 14.44 2.98
N ILE C 106 -18.54 15.56 2.77
CA ILE C 106 -18.96 16.47 3.82
C ILE C 106 -20.48 16.49 3.83
N ILE C 107 -21.07 16.00 4.92
CA ILE C 107 -22.52 16.00 5.05
C ILE C 107 -22.91 17.33 5.67
N PHE C 108 -23.61 18.16 4.90
CA PHE C 108 -24.12 19.43 5.39
C PHE C 108 -25.61 19.27 5.66
N CYS C 109 -26.02 19.58 6.88
CA CYS C 109 -27.40 19.48 7.29
C CYS C 109 -28.03 20.86 7.34
N VAL C 110 -29.13 21.03 6.63
CA VAL C 110 -29.87 22.29 6.57
C VAL C 110 -31.25 22.06 7.16
N ASP C 111 -31.65 22.93 8.07
CA ASP C 111 -32.99 22.87 8.67
C ASP C 111 -33.82 23.94 7.99
N LEU C 112 -34.80 23.50 7.19
CA LEU C 112 -35.66 24.44 6.50
C LEU C 112 -36.65 25.14 7.43
N SER C 113 -36.80 24.65 8.66
CA SER C 113 -37.78 25.23 9.57
C SER C 113 -37.33 26.60 10.08
N ASP C 114 -36.07 26.73 10.46
CA ASP C 114 -35.56 27.95 11.07
C ASP C 114 -35.26 28.98 9.99
N TYR C 115 -36.15 29.97 9.87
CA TYR C 115 -35.93 31.03 8.88
C TYR C 115 -34.88 32.01 9.32
N ASN C 116 -34.71 32.20 10.64
CA ASN C 116 -33.70 33.13 11.14
C ASN C 116 -32.29 32.59 10.91
N ARG C 117 -32.10 31.29 11.10
CA ARG C 117 -30.78 30.68 10.98
C ARG C 117 -30.49 30.15 9.59
N MET C 118 -31.39 30.38 8.62
CA MET C 118 -31.14 29.93 7.26
C MET C 118 -29.94 30.65 6.64
N HIS C 119 -29.82 31.96 6.89
CA HIS C 119 -28.70 32.70 6.34
C HIS C 119 -27.39 32.31 7.00
N GLU C 120 -27.43 31.86 8.25
CA GLU C 120 -26.23 31.30 8.88
C GLU C 120 -25.77 30.04 8.16
N SER C 121 -26.72 29.18 7.80
CA SER C 121 -26.38 27.97 7.05
C SER C 121 -25.84 28.32 5.66
N LEU C 122 -26.42 29.34 5.02
CA LEU C 122 -25.91 29.77 3.72
C LEU C 122 -24.50 30.31 3.83
N MET C 123 -24.21 31.08 4.88
CA MET C 123 -22.86 31.60 5.08
C MET C 123 -21.86 30.49 5.33
N LEU C 124 -22.24 29.50 6.16
CA LEU C 124 -21.35 28.36 6.41
C LEU C 124 -21.12 27.55 5.14
N PHE C 125 -22.16 27.38 4.32
CA PHE C 125 -22.00 26.64 3.08
C PHE C 125 -21.11 27.39 2.11
N ASP C 126 -21.24 28.72 2.04
CA ASP C 126 -20.36 29.50 1.20
C ASP C 126 -18.92 29.44 1.69
N SER C 127 -18.74 29.34 3.00
CA SER C 127 -17.39 29.22 3.55
C SER C 127 -16.76 27.88 3.20
N ILE C 128 -17.48 26.79 3.42
CA ILE C 128 -16.84 25.48 3.31
C ILE C 128 -16.73 25.02 1.86
N CYS C 129 -17.59 25.50 0.97
CA CYS C 129 -17.58 25.02 -0.41
C CYS C 129 -16.49 25.67 -1.26
N ASN C 130 -15.80 26.68 -0.72
CA ASN C 130 -14.75 27.37 -1.46
C ASN C 130 -13.42 27.39 -0.72
N ASN C 131 -13.31 26.64 0.38
CA ASN C 131 -12.07 26.54 1.12
C ASN C 131 -11.00 25.82 0.31
N LYS C 132 -9.74 26.09 0.63
CA LYS C 132 -8.64 25.50 -0.12
C LYS C 132 -8.53 24.01 0.10
N PHE C 133 -8.89 23.53 1.29
CA PHE C 133 -8.84 22.12 1.62
C PHE C 133 -10.07 21.35 1.15
N PHE C 134 -11.13 22.04 0.74
CA PHE C 134 -12.39 21.41 0.36
C PHE C 134 -12.73 21.67 -1.11
N ILE C 135 -11.72 21.84 -1.96
CA ILE C 135 -11.98 22.09 -3.37
C ILE C 135 -12.50 20.83 -4.05
N ASP C 136 -12.07 19.66 -3.60
CA ASP C 136 -12.40 18.41 -4.25
C ASP C 136 -13.42 17.57 -3.48
N THR C 137 -13.61 17.85 -2.19
CA THR C 137 -14.48 17.03 -1.36
C THR C 137 -15.93 17.32 -1.69
N SER C 138 -16.67 16.28 -2.08
CA SER C 138 -18.06 16.45 -2.44
C SER C 138 -18.92 16.65 -1.20
N ILE C 139 -20.12 17.20 -1.41
CA ILE C 139 -21.03 17.56 -0.33
C ILE C 139 -22.35 16.83 -0.55
N ILE C 140 -22.82 16.14 0.47
CA ILE C 140 -24.13 15.52 0.45
C ILE C 140 -25.10 16.38 1.26
N LEU C 141 -25.88 17.20 0.58
CA LEU C 141 -26.87 18.01 1.26
C LEU C 141 -27.99 17.15 1.81
N PHE C 142 -28.53 17.56 2.96
CA PHE C 142 -29.64 16.86 3.60
C PHE C 142 -30.60 17.94 4.09
N LEU C 143 -31.57 18.28 3.25
CA LEU C 143 -32.55 19.32 3.58
C LEU C 143 -33.53 18.71 4.59
N ASN C 144 -33.13 18.78 5.86
CA ASN C 144 -33.87 18.14 6.93
C ASN C 144 -35.14 18.92 7.27
N LYS C 145 -35.96 18.29 8.13
CA LYS C 145 -37.12 18.93 8.75
C LYS C 145 -38.13 19.42 7.71
N LYS C 146 -38.34 18.62 6.66
CA LYS C 146 -39.22 19.04 5.58
C LYS C 146 -40.69 18.94 5.96
N ASP C 147 -41.05 18.10 6.94
CA ASP C 147 -42.46 17.90 7.25
C ASP C 147 -43.07 19.14 7.92
N LEU C 148 -42.44 19.64 8.99
CA LEU C 148 -42.97 20.85 9.61
C LEU C 148 -42.68 22.08 8.78
N PHE C 149 -41.67 22.04 7.90
CA PHE C 149 -41.46 23.13 6.96
C PHE C 149 -42.62 23.23 5.98
N GLY C 150 -43.07 22.09 5.45
CA GLY C 150 -44.24 22.11 4.58
C GLY C 150 -45.51 22.41 5.34
N GLU C 151 -45.55 22.05 6.62
CA GLU C 151 -46.70 22.41 7.44
C GLU C 151 -46.78 23.91 7.67
N LYS C 152 -45.64 24.57 7.87
CA LYS C 152 -45.59 26.00 8.13
C LYS C 152 -45.37 26.84 6.88
N ILE C 153 -45.31 26.22 5.70
CA ILE C 153 -45.11 26.97 4.47
C ILE C 153 -46.37 27.74 4.06
N LYS C 154 -47.52 27.44 4.67
CA LYS C 154 -48.73 28.20 4.38
C LYS C 154 -48.64 29.60 4.97
N LYS C 155 -48.21 29.71 6.23
CA LYS C 155 -48.15 31.01 6.88
C LYS C 155 -46.98 31.85 6.37
N SER C 156 -45.82 31.22 6.19
CA SER C 156 -44.63 31.95 5.76
C SER C 156 -44.35 31.69 4.29
N PRO C 157 -44.19 32.73 3.47
CA PRO C 157 -44.05 32.54 2.02
C PRO C 157 -42.62 32.43 1.51
N LEU C 158 -41.64 32.31 2.40
CA LEU C 158 -40.19 32.16 2.18
C LEU C 158 -39.55 33.45 1.66
N THR C 159 -40.32 34.47 1.26
CA THR C 159 -39.73 35.70 0.81
C THR C 159 -39.34 36.61 1.97
N ILE C 160 -39.77 36.29 3.18
CA ILE C 160 -39.37 37.05 4.35
C ILE C 160 -37.88 36.87 4.63
N CYS C 161 -37.33 35.71 4.27
CA CYS C 161 -35.91 35.44 4.46
C CYS C 161 -35.13 35.40 3.17
N PHE C 162 -35.77 35.17 2.03
CA PHE C 162 -35.10 35.12 0.73
C PHE C 162 -35.92 35.90 -0.29
N PRO C 163 -35.55 37.14 -0.57
CA PRO C 163 -36.27 37.94 -1.55
C PRO C 163 -35.80 37.63 -2.97
N GLU C 164 -36.31 38.42 -3.91
CA GLU C 164 -35.92 38.40 -5.32
C GLU C 164 -36.22 37.03 -5.95
N TYR C 165 -37.46 36.59 -5.78
CA TYR C 165 -37.95 35.40 -6.46
C TYR C 165 -39.46 35.49 -6.60
N THR C 166 -39.99 34.73 -7.55
CA THR C 166 -41.42 34.60 -7.75
C THR C 166 -41.77 33.12 -7.80
N GLY C 167 -42.95 32.78 -7.27
CA GLY C 167 -43.40 31.42 -7.22
C GLY C 167 -44.77 31.30 -6.59
N PRO C 168 -45.37 30.12 -6.67
CA PRO C 168 -46.71 29.93 -6.12
C PRO C 168 -46.77 29.66 -4.63
N ASN C 169 -45.67 29.88 -3.92
CA ASN C 169 -45.55 29.59 -2.49
C ASN C 169 -45.90 28.14 -2.17
N THR C 170 -45.47 27.23 -3.05
CA THR C 170 -45.67 25.81 -2.87
C THR C 170 -44.41 25.16 -2.29
N TYR C 171 -44.56 23.92 -1.84
CA TYR C 171 -43.44 23.23 -1.21
C TYR C 171 -42.37 22.86 -2.22
N GLU C 172 -42.78 22.36 -3.39
CA GLU C 172 -41.81 21.90 -4.38
C GLU C 172 -40.98 23.06 -4.92
N ASP C 173 -41.63 24.19 -5.23
CA ASP C 173 -40.91 25.33 -5.77
C ASP C 173 -40.00 25.97 -4.72
N ALA C 174 -40.46 26.01 -3.46
CA ALA C 174 -39.63 26.55 -2.39
C ALA C 174 -38.40 25.68 -2.15
N ALA C 175 -38.57 24.35 -2.17
CA ALA C 175 -37.44 23.45 -2.02
C ALA C 175 -36.47 23.60 -3.18
N ALA C 176 -37.00 23.73 -4.40
CA ALA C 176 -36.13 23.93 -5.57
C ALA C 176 -35.36 25.24 -5.48
N TYR C 177 -36.01 26.30 -4.99
CA TYR C 177 -35.33 27.59 -4.87
C TYR C 177 -34.24 27.55 -3.80
N ILE C 178 -34.51 26.90 -2.66
CA ILE C 178 -33.50 26.76 -1.61
C ILE C 178 -32.31 25.96 -2.12
N GLN C 179 -32.59 24.86 -2.83
CA GLN C 179 -31.53 24.04 -3.39
C GLN C 179 -30.72 24.81 -4.42
N ALA C 180 -31.38 25.64 -5.24
CA ALA C 180 -30.67 26.44 -6.22
C ALA C 180 -29.79 27.49 -5.56
N GLN C 181 -30.29 28.10 -4.48
CA GLN C 181 -29.48 29.07 -3.75
C GLN C 181 -28.27 28.42 -3.11
N PHE C 182 -28.43 27.18 -2.63
CA PHE C 182 -27.29 26.48 -2.03
C PHE C 182 -26.26 26.10 -3.08
N GLU C 183 -26.71 25.66 -4.25
CA GLU C 183 -25.78 25.29 -5.31
C GLU C 183 -25.21 26.50 -6.04
N SER C 184 -25.77 27.70 -5.83
CA SER C 184 -25.19 28.91 -6.40
C SER C 184 -23.93 29.34 -5.68
N LYS C 185 -23.71 28.86 -4.45
CA LYS C 185 -22.47 29.11 -3.71
C LYS C 185 -21.37 28.13 -4.07
N ASN C 186 -21.59 27.28 -5.06
CA ASN C 186 -20.62 26.29 -5.49
C ASN C 186 -19.86 26.82 -6.69
N ARG C 187 -18.54 26.96 -6.55
CA ARG C 187 -17.65 27.37 -7.63
C ARG C 187 -16.51 26.37 -7.66
N SER C 188 -16.72 25.25 -8.36
CA SER C 188 -15.73 24.19 -8.45
C SER C 188 -16.06 23.27 -9.61
N PRO C 189 -15.09 22.97 -10.48
CA PRO C 189 -15.31 22.03 -11.59
C PRO C 189 -14.99 20.59 -11.27
N ASN C 190 -14.59 20.28 -10.03
CA ASN C 190 -14.22 18.94 -9.61
C ASN C 190 -15.00 18.54 -8.36
N LYS C 191 -16.30 18.87 -8.35
CA LYS C 191 -17.14 18.61 -7.19
C LYS C 191 -18.60 18.58 -7.64
N GLU C 192 -19.37 17.67 -7.05
CA GLU C 192 -20.80 17.58 -7.29
C GLU C 192 -21.52 17.56 -5.95
N ILE C 193 -22.53 18.42 -5.80
CA ILE C 193 -23.31 18.49 -4.57
C ILE C 193 -24.52 17.56 -4.72
N TYR C 194 -24.65 16.63 -3.78
CA TYR C 194 -25.74 15.66 -3.80
C TYR C 194 -26.84 16.14 -2.86
N CYS C 195 -28.02 16.37 -3.39
CA CYS C 195 -29.13 16.87 -2.59
C CYS C 195 -30.17 15.77 -2.44
N HIS C 196 -30.74 15.68 -1.24
CA HIS C 196 -31.75 14.67 -0.96
C HIS C 196 -32.62 15.17 0.18
N MET C 197 -33.86 15.53 -0.15
CA MET C 197 -34.81 15.92 0.89
C MET C 197 -35.19 14.70 1.72
N THR C 198 -35.14 14.84 3.04
CA THR C 198 -35.43 13.73 3.93
C THR C 198 -36.27 14.23 5.11
N CYS C 199 -37.07 13.33 5.67
CA CYS C 199 -37.95 13.65 6.79
C CYS C 199 -37.27 13.33 8.11
N ALA C 200 -37.90 13.80 9.20
CA ALA C 200 -37.49 13.37 10.53
C ALA C 200 -37.93 11.95 10.84
N THR C 201 -38.89 11.42 10.07
CA THR C 201 -39.36 10.05 10.22
C THR C 201 -38.81 9.14 9.14
N ASP C 202 -37.79 9.58 8.41
CA ASP C 202 -37.26 8.82 7.28
C ASP C 202 -36.18 7.87 7.77
N THR C 203 -36.52 6.59 7.83
CA THR C 203 -35.54 5.56 8.17
C THR C 203 -34.52 5.36 7.06
N ASN C 204 -34.90 5.64 5.81
CA ASN C 204 -34.01 5.47 4.66
C ASN C 204 -33.07 6.68 4.60
N ASN C 205 -32.02 6.61 5.41
CA ASN C 205 -30.93 7.58 5.34
C ASN C 205 -29.57 6.94 5.17
N ALA C 206 -29.39 5.70 5.62
CA ALA C 206 -28.13 5.03 5.43
C ALA C 206 -27.92 4.66 3.97
N GLN C 207 -29.00 4.31 3.26
CA GLN C 207 -28.85 3.95 1.85
C GLN C 207 -28.58 5.16 0.99
N VAL C 208 -29.14 6.32 1.35
CA VAL C 208 -28.85 7.55 0.63
C VAL C 208 -27.38 7.89 0.74
N ILE C 209 -26.84 7.83 1.96
CA ILE C 209 -25.43 8.11 2.17
C ILE C 209 -24.55 7.06 1.49
N PHE C 210 -24.99 5.80 1.51
CA PHE C 210 -24.19 4.75 0.86
C PHE C 210 -24.12 4.95 -0.64
N ASP C 211 -25.25 5.24 -1.28
CA ASP C 211 -25.27 5.48 -2.71
C ASP C 211 -24.44 6.72 -3.07
N ALA C 212 -24.59 7.79 -2.30
CA ALA C 212 -23.83 9.00 -2.56
C ALA C 212 -22.34 8.76 -2.37
N VAL C 213 -21.96 8.01 -1.34
CA VAL C 213 -20.54 7.78 -1.06
C VAL C 213 -19.90 6.90 -2.11
N THR C 214 -20.59 5.84 -2.54
CA THR C 214 -20.00 5.01 -3.59
C THR C 214 -19.94 5.76 -4.92
N ASP C 215 -20.90 6.66 -5.17
CA ASP C 215 -20.83 7.47 -6.37
C ASP C 215 -19.65 8.44 -6.29
N ILE C 216 -19.40 8.98 -5.10
CA ILE C 216 -18.26 9.86 -4.87
C ILE C 216 -16.94 9.13 -5.09
N ILE C 217 -16.84 7.91 -4.60
CA ILE C 217 -15.59 7.15 -4.74
C ILE C 217 -15.34 6.82 -6.21
N ILE C 218 -16.40 6.43 -6.94
CA ILE C 218 -16.24 6.16 -8.37
C ILE C 218 -15.83 7.44 -9.10
N ALA C 219 -16.44 8.58 -8.76
CA ALA C 219 -16.11 9.83 -9.40
C ALA C 219 -14.67 10.25 -9.12
N ASN C 220 -14.21 10.03 -7.89
CA ASN C 220 -12.83 10.36 -7.54
C ASN C 220 -11.84 9.47 -8.29
N ASN C 221 -12.18 8.20 -8.43
CA ASN C 221 -11.31 7.30 -9.19
C ASN C 221 -11.26 7.72 -10.66
N LEU C 222 -12.38 8.17 -11.21
CA LEU C 222 -12.37 8.65 -12.59
C LEU C 222 -11.58 9.95 -12.72
N ARG C 223 -11.65 10.80 -11.70
CA ARG C 223 -10.87 12.05 -11.71
C ARG C 223 -9.38 11.76 -11.68
N GLY C 224 -8.96 10.78 -10.87
CA GLY C 224 -7.55 10.50 -10.73
C GLY C 224 -6.93 9.86 -11.94
N CYS C 225 -7.74 9.27 -12.82
CA CYS C 225 -7.25 8.57 -14.00
C CYS C 225 -7.24 9.44 -15.24
N GLY C 226 -7.55 10.72 -15.13
CA GLY C 226 -7.61 11.62 -16.27
C GLY C 226 -8.96 11.73 -16.92
N LEU C 227 -9.93 10.90 -16.53
CA LEU C 227 -11.29 11.00 -17.02
C LEU C 227 -12.03 12.08 -16.23
N TYR C 228 -13.36 12.07 -16.27
CA TYR C 228 -14.19 13.06 -15.58
C TYR C 228 -13.81 13.30 -14.12
N GLU D 21 -17.64 55.79 31.63
CA GLU D 21 -16.46 55.78 32.48
C GLU D 21 -15.31 55.04 31.81
N LEU D 22 -15.65 54.17 30.85
CA LEU D 22 -14.64 53.40 30.15
C LEU D 22 -13.82 54.27 29.19
N ASP D 23 -14.34 55.44 28.82
CA ASP D 23 -13.61 56.32 27.91
C ASP D 23 -12.32 56.84 28.55
N GLN D 24 -12.38 57.19 29.83
CA GLN D 24 -11.19 57.69 30.52
C GLN D 24 -10.13 56.59 30.65
N LEU D 25 -10.56 55.36 30.95
CA LEU D 25 -9.63 54.25 31.03
C LEU D 25 -9.01 53.95 29.67
N ARG D 26 -9.82 54.01 28.61
CA ARG D 26 -9.32 53.79 27.26
C ARG D 26 -8.32 54.87 26.86
N GLN D 27 -8.60 56.12 27.24
CA GLN D 27 -7.67 57.20 26.94
C GLN D 27 -6.36 57.05 27.71
N GLU D 28 -6.44 56.60 28.97
CA GLU D 28 -5.23 56.33 29.73
C GLU D 28 -4.42 55.21 29.11
N ALA D 29 -5.10 54.15 28.64
CA ALA D 29 -4.41 53.05 27.96
C ALA D 29 -3.77 53.52 26.67
N GLU D 30 -4.46 54.38 25.92
CA GLU D 30 -3.91 54.91 24.68
C GLU D 30 -2.68 55.77 24.94
N GLN D 31 -2.72 56.57 26.00
CA GLN D 31 -1.55 57.36 26.38
C GLN D 31 -0.39 56.47 26.80
N LEU D 32 -0.67 55.41 27.55
CA LEU D 32 0.37 54.48 27.96
C LEU D 32 0.99 53.76 26.78
N LYS D 33 0.17 53.32 25.83
CA LYS D 33 0.71 52.63 24.67
C LYS D 33 1.45 53.58 23.73
N ASN D 34 1.03 54.85 23.67
CA ASN D 34 1.80 55.84 22.92
C ASN D 34 3.15 56.09 23.58
N GLN D 35 3.19 56.14 24.91
CA GLN D 35 4.46 56.26 25.62
C GLN D 35 5.34 55.06 25.36
N ILE D 36 4.75 53.86 25.34
CA ILE D 36 5.52 52.64 25.09
C ILE D 36 6.09 52.64 23.68
N ARG D 37 5.28 53.03 22.70
CA ARG D 37 5.76 53.11 21.32
C ARG D 37 6.87 54.15 21.18
N ASP D 38 6.71 55.29 21.84
CA ASP D 38 7.76 56.31 21.81
C ASP D 38 9.04 55.82 22.48
N ALA D 39 8.90 55.08 23.57
CA ALA D 39 10.07 54.53 24.25
C ALA D 39 10.79 53.51 23.37
N ARG D 40 10.03 52.67 22.67
CA ARG D 40 10.63 51.72 21.74
C ARG D 40 11.33 52.43 20.60
N LYS D 41 10.71 53.50 20.08
CA LYS D 41 11.33 54.28 18.99
C LYS D 41 12.61 54.95 19.45
N ALA D 42 12.58 55.57 20.62
CA ALA D 42 13.74 56.32 21.11
C ALA D 42 14.85 55.38 21.53
N CYS D 43 14.50 54.16 21.96
CA CYS D 43 15.52 53.17 22.29
C CYS D 43 16.07 52.51 21.04
N ALA D 44 15.48 52.76 19.86
CA ALA D 44 15.92 52.13 18.62
C ALA D 44 16.92 53.01 17.89
N ASP D 45 17.97 53.39 18.61
CA ASP D 45 19.10 54.08 18.00
C ASP D 45 20.25 53.11 17.78
N ALA D 46 20.98 53.33 16.68
CA ALA D 46 21.93 52.37 16.12
C ALA D 46 21.26 51.00 15.97
N THR D 47 20.25 50.97 15.09
CA THR D 47 19.29 49.89 15.03
C THR D 47 19.90 48.68 14.33
N LEU D 48 19.04 47.72 13.94
CA LEU D 48 19.48 46.42 13.41
C LEU D 48 20.40 46.55 12.20
N SER D 49 20.26 47.61 11.41
CA SER D 49 21.17 47.83 10.31
C SER D 49 22.53 48.32 10.82
N GLN D 50 23.58 47.91 10.12
CA GLN D 50 24.98 48.34 10.32
C GLN D 50 25.48 48.12 11.76
N ILE D 51 24.82 47.26 12.53
CA ILE D 51 25.35 46.77 13.79
C ILE D 51 25.74 45.29 13.68
N THR D 52 24.97 44.52 12.92
CA THR D 52 25.33 43.17 12.55
C THR D 52 25.79 43.08 11.11
N ASN D 53 25.64 44.17 10.35
CA ASN D 53 26.08 44.23 8.95
C ASN D 53 27.53 44.69 8.86
N ASN D 54 28.39 44.03 9.64
CA ASN D 54 29.82 44.31 9.62
C ASN D 54 30.66 43.05 9.67
N ILE D 55 30.06 41.87 9.64
CA ILE D 55 30.77 40.61 9.81
C ILE D 55 30.68 39.81 8.52
N ASP D 56 31.38 38.68 8.51
CA ASP D 56 31.42 37.81 7.34
C ASP D 56 30.07 37.12 7.14
N PRO D 57 29.75 36.73 5.92
CA PRO D 57 28.54 35.95 5.69
C PRO D 57 28.68 34.53 6.24
N VAL D 58 27.53 33.91 6.46
CA VAL D 58 27.52 32.52 6.92
C VAL D 58 28.09 31.60 5.85
N GLY D 59 27.71 31.81 4.59
CA GLY D 59 28.26 31.07 3.47
C GLY D 59 27.19 30.27 2.75
N ARG D 60 27.59 29.09 2.29
CA ARG D 60 26.69 28.17 1.60
C ARG D 60 26.53 26.91 2.44
N ILE D 61 25.29 26.57 2.76
CA ILE D 61 24.96 25.40 3.57
C ILE D 61 24.16 24.43 2.72
N GLN D 62 24.67 23.21 2.58
CA GLN D 62 23.98 22.16 1.85
C GLN D 62 23.93 20.91 2.73
N MET D 63 22.73 20.40 2.94
CA MET D 63 22.51 19.21 3.76
C MET D 63 21.96 18.10 2.89
N ARG D 64 22.56 16.93 2.97
CA ARG D 64 22.16 15.77 2.18
C ARG D 64 21.24 14.88 3.00
N THR D 65 20.41 14.11 2.29
CA THR D 65 19.47 13.20 2.94
C THR D 65 20.25 12.05 3.58
N ARG D 66 20.41 12.11 4.90
CA ARG D 66 21.04 11.02 5.62
C ARG D 66 20.01 9.98 6.06
N ARG D 67 18.84 10.42 6.50
CA ARG D 67 17.79 9.54 6.98
C ARG D 67 16.46 9.92 6.36
N THR D 68 15.62 8.92 6.12
CA THR D 68 14.25 9.10 5.67
C THR D 68 13.39 8.16 6.50
N LEU D 69 12.89 8.67 7.62
CA LEU D 69 12.11 7.84 8.53
C LEU D 69 10.73 7.59 7.96
N ARG D 70 10.34 6.32 7.89
CA ARG D 70 9.07 5.92 7.32
C ARG D 70 8.35 5.00 8.28
N GLY D 71 7.02 4.97 8.17
CA GLY D 71 6.23 4.11 9.02
C GLY D 71 4.88 4.66 9.42
N HIS D 72 4.62 5.92 9.11
CA HIS D 72 3.29 6.48 9.31
C HIS D 72 2.45 6.30 8.06
N LEU D 73 1.14 6.19 8.25
CA LEU D 73 0.18 6.04 7.16
C LEU D 73 -0.83 7.18 7.16
N ALA D 74 -0.39 8.36 7.58
CA ALA D 74 -1.21 9.57 7.63
C ALA D 74 -0.26 10.76 7.63
N LYS D 75 -0.78 11.93 7.98
CA LYS D 75 0.02 13.15 7.98
C LYS D 75 0.65 13.35 9.35
N ILE D 76 1.96 13.57 9.37
CA ILE D 76 2.68 13.83 10.60
C ILE D 76 2.48 15.29 10.98
N TYR D 77 2.00 15.53 12.19
CA TYR D 77 1.64 16.87 12.61
C TYR D 77 2.59 17.46 13.64
N ALA D 78 3.47 16.67 14.22
CA ALA D 78 4.37 17.16 15.26
C ALA D 78 5.60 16.26 15.32
N MET D 79 6.63 16.77 16.00
CA MET D 79 7.89 16.07 16.18
C MET D 79 8.70 16.75 17.27
N HIS D 80 9.23 15.97 18.20
CA HIS D 80 10.10 16.50 19.23
C HIS D 80 11.30 15.59 19.40
N TRP D 81 12.46 16.21 19.62
CA TRP D 81 13.72 15.50 19.78
C TRP D 81 13.95 15.18 21.25
N GLY D 82 14.70 14.12 21.50
CA GLY D 82 15.13 13.82 22.85
C GLY D 82 16.34 14.63 23.25
N THR D 83 16.57 14.68 24.56
CA THR D 83 17.73 15.41 25.06
C THR D 83 19.02 14.62 24.96
N ASP D 84 18.95 13.36 24.55
CA ASP D 84 20.15 12.58 24.26
C ASP D 84 20.56 12.69 22.80
N SER D 85 19.79 13.42 21.99
CA SER D 85 19.98 13.52 20.54
C SER D 85 20.01 12.16 19.87
N ARG D 86 19.19 11.23 20.37
CA ARG D 86 19.20 9.86 19.89
C ARG D 86 17.78 9.41 19.54
N LEU D 87 16.79 9.93 20.26
CA LEU D 87 15.42 9.46 20.14
C LEU D 87 14.49 10.60 19.74
N LEU D 88 13.57 10.29 18.83
CA LEU D 88 12.56 11.23 18.35
C LEU D 88 11.17 10.72 18.75
N VAL D 89 10.22 11.65 18.77
CA VAL D 89 8.81 11.33 18.95
C VAL D 89 8.02 12.01 17.84
N SER D 90 7.31 11.21 17.06
CA SER D 90 6.49 11.73 15.97
C SER D 90 5.07 11.23 16.17
N ALA D 91 4.13 12.15 16.30
CA ALA D 91 2.72 11.82 16.50
C ALA D 91 1.92 12.32 15.31
N SER D 92 1.12 11.43 14.72
CA SER D 92 0.45 11.71 13.47
C SER D 92 -1.06 11.50 13.61
N GLN D 93 -1.76 11.70 12.49
CA GLN D 93 -3.21 11.61 12.44
C GLN D 93 -3.72 10.17 12.38
N ASP D 94 -2.83 9.19 12.29
CA ASP D 94 -3.23 7.79 12.22
C ASP D 94 -3.47 7.17 13.59
N GLY D 95 -3.42 7.97 14.65
CA GLY D 95 -3.59 7.45 15.98
C GLY D 95 -2.39 6.75 16.55
N LYS D 96 -1.21 6.95 15.97
CA LYS D 96 0.00 6.26 16.38
C LYS D 96 1.08 7.26 16.75
N LEU D 97 1.81 6.95 17.81
CA LEU D 97 2.91 7.77 18.31
C LEU D 97 4.15 6.88 18.30
N ILE D 98 4.93 6.98 17.24
CA ILE D 98 6.12 6.15 17.07
C ILE D 98 7.33 6.87 17.63
N ILE D 99 8.10 6.18 18.45
CA ILE D 99 9.34 6.70 19.01
C ILE D 99 10.50 6.11 18.22
N TRP D 100 11.32 6.98 17.63
CA TRP D 100 12.29 6.60 16.62
C TRP D 100 13.70 6.63 17.19
N ASP D 101 14.46 5.57 16.94
CA ASP D 101 15.90 5.57 17.18
C ASP D 101 16.56 6.04 15.89
N SER D 102 17.03 7.29 15.89
CA SER D 102 17.41 7.92 14.64
C SER D 102 18.74 7.41 14.11
N TYR D 103 19.62 6.93 15.00
CA TYR D 103 20.96 6.55 14.58
C TYR D 103 20.96 5.31 13.70
N THR D 104 19.97 4.44 13.87
CA THR D 104 19.86 3.22 13.07
C THR D 104 18.57 3.15 12.27
N THR D 105 17.82 4.26 12.20
CA THR D 105 16.51 4.33 11.55
C THR D 105 15.59 3.24 12.10
N ASN D 106 15.30 3.34 13.39
CA ASN D 106 14.76 2.22 14.14
C ASN D 106 13.55 2.66 14.94
N LYS D 107 12.64 1.72 15.19
CA LYS D 107 11.45 1.97 15.99
C LYS D 107 11.61 1.33 17.36
N VAL D 108 11.32 2.09 18.40
CA VAL D 108 11.44 1.62 19.78
C VAL D 108 10.08 1.30 20.36
N HIS D 109 9.12 2.21 20.23
CA HIS D 109 7.78 2.00 20.74
C HIS D 109 6.76 2.47 19.71
N ALA D 110 5.56 1.89 19.78
CA ALA D 110 4.43 2.35 19.00
C ALA D 110 3.23 2.39 19.93
N ILE D 111 2.79 3.60 20.27
CA ILE D 111 1.72 3.80 21.26
C ILE D 111 0.43 4.08 20.49
N PRO D 112 -0.56 3.20 20.55
CA PRO D 112 -1.86 3.53 19.95
C PRO D 112 -2.57 4.61 20.75
N LEU D 113 -3.00 5.64 20.06
CA LEU D 113 -3.66 6.80 20.66
C LEU D 113 -5.16 6.61 20.65
N ARG D 114 -5.82 7.10 21.70
CA ARG D 114 -7.28 6.97 21.78
C ARG D 114 -7.95 7.89 20.77
N SER D 115 -7.48 9.13 20.64
CA SER D 115 -8.00 10.08 19.67
C SER D 115 -6.92 10.31 18.61
N SER D 116 -7.27 10.05 17.35
CA SER D 116 -6.27 10.10 16.29
C SER D 116 -5.90 11.53 15.90
N TRP D 117 -6.75 12.51 16.21
CA TRP D 117 -6.48 13.89 15.82
C TRP D 117 -5.47 14.50 16.79
N VAL D 118 -4.25 14.70 16.32
CA VAL D 118 -3.14 15.10 17.17
C VAL D 118 -2.42 16.27 16.53
N MET D 119 -2.14 17.31 17.33
CA MET D 119 -1.44 18.48 16.83
C MET D 119 -0.15 18.79 17.57
N THR D 120 0.26 17.96 18.54
CA THR D 120 1.46 18.25 19.31
C THR D 120 2.02 16.95 19.87
N CYS D 121 3.30 17.00 20.25
CA CYS D 121 3.96 15.91 20.96
C CYS D 121 5.19 16.47 21.67
N ALA D 122 5.54 15.86 22.80
CA ALA D 122 6.64 16.31 23.62
C ALA D 122 7.47 15.14 24.10
N TYR D 123 8.68 15.44 24.58
CA TYR D 123 9.60 14.44 25.09
C TYR D 123 10.21 15.00 26.37
N ALA D 124 10.05 14.30 27.49
CA ALA D 124 10.57 14.78 28.76
C ALA D 124 12.09 14.78 28.72
N PRO D 125 12.74 15.77 29.36
CA PRO D 125 14.21 15.84 29.29
C PRO D 125 14.91 14.65 29.93
N SER D 126 14.27 14.00 30.90
CA SER D 126 14.85 12.82 31.52
C SER D 126 14.79 11.60 30.62
N GLY D 127 14.01 11.66 29.54
CA GLY D 127 13.82 10.51 28.67
C GLY D 127 12.79 9.51 29.14
N ASN D 128 11.98 9.86 30.13
CA ASN D 128 11.07 8.91 30.75
C ASN D 128 9.63 9.05 30.28
N TYR D 129 9.20 10.25 29.90
CA TYR D 129 7.81 10.49 29.55
C TYR D 129 7.73 11.15 28.18
N VAL D 130 6.62 10.90 27.49
CA VAL D 130 6.27 11.61 26.26
C VAL D 130 4.85 12.13 26.43
N ALA D 131 4.55 13.24 25.80
CA ALA D 131 3.24 13.86 25.87
C ALA D 131 2.60 13.92 24.49
N CYS D 132 1.29 14.07 24.49
CA CYS D 132 0.53 14.12 23.24
C CYS D 132 -0.77 14.86 23.49
N GLY D 133 -1.30 15.46 22.44
CA GLY D 133 -2.55 16.20 22.56
C GLY D 133 -3.07 16.55 21.18
N GLY D 134 -4.32 17.01 21.16
CA GLY D 134 -4.95 17.35 19.91
C GLY D 134 -6.35 17.91 20.05
N LEU D 135 -7.25 17.50 19.15
CA LEU D 135 -8.59 18.05 19.13
C LEU D 135 -9.48 17.46 20.22
N ASP D 136 -9.00 16.52 21.01
CA ASP D 136 -9.75 15.98 22.13
C ASP D 136 -9.62 16.84 23.38
N ASN D 137 -8.85 17.93 23.31
CA ASN D 137 -8.63 18.87 24.42
C ASN D 137 -8.02 18.19 25.63
N ILE D 138 -7.21 17.15 25.40
CA ILE D 138 -6.62 16.37 26.47
C ILE D 138 -5.12 16.21 26.18
N CYS D 139 -4.29 16.60 27.15
CA CYS D 139 -2.86 16.31 27.11
C CYS D 139 -2.63 14.99 27.82
N SER D 140 -2.48 13.92 27.05
CA SER D 140 -2.29 12.59 27.61
C SER D 140 -0.80 12.29 27.69
N ILE D 141 -0.33 11.98 28.90
CA ILE D 141 1.07 11.69 29.15
C ILE D 141 1.26 10.18 29.14
N TYR D 142 2.46 9.74 28.78
CA TYR D 142 2.79 8.33 28.66
C TYR D 142 4.10 8.05 29.38
N ASN D 143 4.22 6.83 29.93
CA ASN D 143 5.39 6.42 30.69
C ASN D 143 6.14 5.37 29.88
N LEU D 144 7.38 5.67 29.53
CA LEU D 144 8.16 4.74 28.72
C LEU D 144 8.86 3.69 29.57
N LYS D 145 9.45 4.10 30.70
CA LYS D 145 10.17 3.19 31.58
C LYS D 145 9.18 2.64 32.60
N THR D 146 8.60 1.50 32.29
CA THR D 146 7.69 0.80 33.19
C THR D 146 8.16 -0.64 33.35
N ARG D 147 7.84 -1.23 34.51
CA ARG D 147 8.17 -2.63 34.75
C ARG D 147 7.02 -3.53 34.33
N GLU D 148 6.53 -3.32 33.11
CA GLU D 148 5.56 -4.19 32.48
C GLU D 148 5.86 -4.46 31.02
N GLY D 149 6.74 -3.70 30.39
CA GLY D 149 7.19 -3.95 29.05
C GLY D 149 6.56 -3.09 27.98
N ASN D 150 5.43 -2.45 28.28
CA ASN D 150 4.72 -1.66 27.29
C ASN D 150 4.44 -0.28 27.84
N VAL D 151 4.25 0.68 26.93
CA VAL D 151 3.94 2.05 27.30
C VAL D 151 2.48 2.14 27.68
N ARG D 152 2.21 2.72 28.84
CA ARG D 152 0.85 2.88 29.33
C ARG D 152 0.56 4.35 29.59
N VAL D 153 -0.72 4.69 29.63
CA VAL D 153 -1.12 6.04 30.02
C VAL D 153 -0.81 6.23 31.49
N SER D 154 -0.16 7.34 31.81
CA SER D 154 0.13 7.67 33.19
C SER D 154 -0.89 8.61 33.80
N ARG D 155 -1.34 9.60 33.03
CA ARG D 155 -2.35 10.55 33.47
C ARG D 155 -2.94 11.23 32.24
N GLU D 156 -4.25 11.46 32.28
CA GLU D 156 -4.94 12.21 31.23
C GLU D 156 -5.35 13.55 31.81
N LEU D 157 -4.81 14.63 31.24
CA LEU D 157 -5.05 15.98 31.72
C LEU D 157 -6.15 16.62 30.89
N ALA D 158 -7.24 17.03 31.54
CA ALA D 158 -8.37 17.63 30.87
C ALA D 158 -8.82 18.86 31.66
N GLY D 159 -9.50 19.77 30.97
CA GLY D 159 -9.94 21.00 31.59
C GLY D 159 -9.96 22.21 30.67
N HIS D 160 -9.21 22.15 29.57
CA HIS D 160 -9.31 23.21 28.58
C HIS D 160 -10.61 23.12 27.80
N THR D 161 -11.02 24.25 27.23
CA THR D 161 -12.18 24.31 26.35
C THR D 161 -11.80 24.44 24.88
N GLY D 162 -10.53 24.20 24.55
CA GLY D 162 -10.08 24.30 23.18
C GLY D 162 -8.98 23.30 22.90
N TYR D 163 -8.66 23.17 21.62
CA TYR D 163 -7.63 22.23 21.19
C TYR D 163 -6.25 22.69 21.64
N LEU D 164 -5.39 21.72 21.92
CA LEU D 164 -4.02 21.98 22.33
C LEU D 164 -3.11 22.08 21.12
N SER D 165 -2.22 23.07 21.14
CA SER D 165 -1.33 23.35 20.02
C SER D 165 0.10 22.94 20.26
N CYS D 166 0.65 23.18 21.44
CA CYS D 166 2.03 22.79 21.72
C CYS D 166 2.20 22.56 23.21
N CYS D 167 2.88 21.47 23.55
CA CYS D 167 3.19 21.12 24.94
C CYS D 167 4.70 20.93 25.08
N ARG D 168 5.26 21.46 26.17
CA ARG D 168 6.69 21.39 26.41
C ARG D 168 6.95 21.01 27.86
N PHE D 169 7.88 20.08 28.05
CA PHE D 169 8.18 19.52 29.36
C PHE D 169 9.20 20.38 30.09
N LEU D 170 8.94 20.64 31.37
CA LEU D 170 9.92 21.27 32.24
C LEU D 170 10.73 20.23 33.00
N ASP D 171 10.06 19.28 33.62
CA ASP D 171 10.67 18.12 34.25
C ASP D 171 9.68 16.97 34.16
N ASP D 172 9.88 15.93 34.95
CA ASP D 172 9.01 14.76 34.89
C ASP D 172 7.64 15.00 35.50
N ASN D 173 7.43 16.13 36.17
CA ASN D 173 6.16 16.39 36.85
C ASN D 173 5.40 17.60 36.35
N GLN D 174 6.05 18.55 35.68
CA GLN D 174 5.42 19.78 35.25
C GLN D 174 5.38 19.86 33.73
N ILE D 175 4.20 20.10 33.18
CA ILE D 175 4.00 20.27 31.75
C ILE D 175 3.32 21.62 31.55
N VAL D 176 3.69 22.32 30.47
CA VAL D 176 3.03 23.57 30.10
C VAL D 176 2.50 23.42 28.67
N THR D 177 1.23 23.72 28.49
CA THR D 177 0.55 23.47 27.23
C THR D 177 -0.09 24.77 26.72
N SER D 178 0.05 25.00 25.42
CA SER D 178 -0.57 26.13 24.74
C SER D 178 -1.79 25.63 23.99
N SER D 179 -2.94 26.22 24.27
CA SER D 179 -4.20 25.77 23.69
C SER D 179 -4.92 26.92 23.01
N GLY D 180 -5.87 26.56 22.16
CA GLY D 180 -6.60 27.47 21.30
C GLY D 180 -7.82 28.13 21.91
N ASP D 181 -8.06 27.94 23.20
CA ASP D 181 -9.16 28.62 23.89
C ASP D 181 -8.69 29.86 24.64
N THR D 182 -7.74 30.60 24.04
CA THR D 182 -7.21 31.87 24.56
C THR D 182 -6.57 31.70 25.94
N THR D 183 -5.90 30.58 26.17
CA THR D 183 -5.25 30.37 27.45
C THR D 183 -4.08 29.41 27.31
N CYS D 184 -3.15 29.51 28.25
CA CYS D 184 -2.09 28.54 28.46
C CYS D 184 -2.13 28.10 29.92
N ALA D 185 -1.78 26.86 30.18
CA ALA D 185 -1.83 26.33 31.54
C ALA D 185 -0.61 25.48 31.83
N LEU D 186 -0.13 25.57 33.07
CA LEU D 186 0.92 24.69 33.57
C LEU D 186 0.26 23.69 34.52
N TRP D 187 0.47 22.41 34.26
CA TRP D 187 -0.15 21.35 35.02
C TRP D 187 0.87 20.69 35.95
N ASP D 188 0.37 19.79 36.79
CA ASP D 188 1.19 18.82 37.49
C ASP D 188 0.64 17.44 37.18
N ILE D 189 1.53 16.52 36.80
CA ILE D 189 1.11 15.22 36.30
C ILE D 189 0.51 14.37 37.42
N GLU D 190 0.99 14.55 38.65
CA GLU D 190 0.59 13.68 39.75
C GLU D 190 -0.90 13.80 40.06
N THR D 191 -1.42 15.03 40.12
CA THR D 191 -2.81 15.23 40.50
C THR D 191 -3.70 15.67 39.34
N GLY D 192 -3.12 16.06 38.22
CA GLY D 192 -3.89 16.47 37.06
C GLY D 192 -4.70 17.74 37.26
N GLN D 193 -4.05 18.78 37.77
CA GLN D 193 -4.71 20.05 38.01
C GLN D 193 -3.91 21.18 37.36
N GLN D 194 -4.61 22.27 37.08
CA GLN D 194 -3.99 23.45 36.46
C GLN D 194 -3.46 24.35 37.57
N THR D 195 -2.14 24.32 37.78
CA THR D 195 -1.55 25.13 38.84
C THR D 195 -1.56 26.61 38.48
N THR D 196 -1.16 26.94 37.24
CA THR D 196 -1.09 28.32 36.79
C THR D 196 -1.83 28.44 35.46
N THR D 197 -2.70 29.44 35.36
CA THR D 197 -3.40 29.75 34.13
C THR D 197 -2.92 31.10 33.62
N PHE D 198 -2.58 31.16 32.34
CA PHE D 198 -1.92 32.31 31.75
C PHE D 198 -2.92 33.02 30.83
N THR D 199 -3.70 33.91 31.44
CA THR D 199 -4.80 34.57 30.73
C THR D 199 -4.28 35.74 29.90
N GLY D 200 -4.81 35.86 28.71
CA GLY D 200 -4.44 36.84 27.71
C GLY D 200 -4.64 36.25 26.35
N HIS D 201 -4.00 36.86 25.34
CA HIS D 201 -3.89 36.28 24.00
C HIS D 201 -5.28 36.03 23.39
N THR D 202 -5.94 37.13 23.03
CA THR D 202 -7.35 37.09 22.61
C THR D 202 -7.58 36.15 21.43
N GLY D 203 -6.57 35.88 20.61
CA GLY D 203 -6.65 34.89 19.57
C GLY D 203 -6.42 33.49 20.09
N ASP D 204 -6.05 32.59 19.19
CA ASP D 204 -5.79 31.21 19.54
C ASP D 204 -4.28 31.01 19.66
N VAL D 205 -3.84 30.56 20.84
CA VAL D 205 -2.41 30.39 21.09
C VAL D 205 -1.92 29.20 20.27
N MET D 206 -0.92 29.43 19.44
CA MET D 206 -0.56 28.50 18.39
C MET D 206 0.81 27.86 18.54
N SER D 207 1.69 28.40 19.37
CA SER D 207 3.00 27.82 19.58
C SER D 207 3.52 28.24 20.95
N LEU D 208 4.67 27.69 21.32
CA LEU D 208 5.23 27.86 22.66
C LEU D 208 6.69 27.42 22.61
N SER D 209 7.54 28.15 23.33
CA SER D 209 8.96 27.81 23.38
C SER D 209 9.50 28.11 24.77
N LEU D 210 10.38 27.23 25.25
CA LEU D 210 10.95 27.34 26.58
C LEU D 210 12.40 27.82 26.50
N ALA D 211 12.72 28.82 27.30
CA ALA D 211 14.06 29.34 27.40
C ALA D 211 14.95 28.34 28.14
N PRO D 212 16.27 28.37 27.91
CA PRO D 212 17.13 27.38 28.57
C PRO D 212 17.42 27.68 30.05
N ASP D 213 16.38 28.03 30.81
CA ASP D 213 16.48 28.10 32.25
C ASP D 213 15.23 27.63 32.97
N THR D 214 14.22 27.16 32.24
CA THR D 214 12.93 26.70 32.80
C THR D 214 12.26 27.75 33.68
N ARG D 215 12.45 29.02 33.34
CA ARG D 215 11.91 30.13 34.12
C ARG D 215 10.94 31.00 33.34
N LEU D 216 11.21 31.25 32.07
CA LEU D 216 10.40 32.13 31.24
C LEU D 216 10.17 31.47 29.88
N PHE D 217 8.97 31.63 29.35
CA PHE D 217 8.61 31.06 28.05
C PHE D 217 7.82 32.06 27.23
N VAL D 218 7.89 31.90 25.91
CA VAL D 218 7.16 32.73 24.96
C VAL D 218 5.97 31.95 24.42
N SER D 219 5.01 32.70 23.88
CA SER D 219 3.80 32.10 23.34
C SER D 219 3.18 33.07 22.34
N GLY D 220 3.12 32.67 21.07
CA GLY D 220 2.41 33.43 20.07
C GLY D 220 0.97 32.96 19.92
N ALA D 221 0.12 33.85 19.41
CA ALA D 221 -1.28 33.53 19.18
C ALA D 221 -1.76 34.14 17.87
N CYS D 222 -2.98 33.75 17.49
CA CYS D 222 -3.58 34.17 16.23
C CYS D 222 -3.91 35.67 16.18
N ASP D 223 -3.98 36.34 17.33
CA ASP D 223 -4.27 37.76 17.36
C ASP D 223 -3.00 38.62 17.22
N ALA D 224 -1.95 38.05 16.62
CA ALA D 224 -0.72 38.76 16.26
C ALA D 224 -0.05 39.38 17.48
N SER D 225 0.34 38.52 18.42
CA SER D 225 1.04 38.95 19.61
C SER D 225 1.94 37.82 20.10
N ALA D 226 3.15 38.18 20.52
CA ALA D 226 4.12 37.23 21.03
C ALA D 226 4.47 37.63 22.45
N LYS D 227 3.65 37.19 23.39
CA LYS D 227 3.85 37.52 24.79
C LYS D 227 5.02 36.73 25.37
N LEU D 228 5.62 37.29 26.42
CA LEU D 228 6.62 36.61 27.23
C LEU D 228 6.12 36.51 28.66
N TRP D 229 6.12 35.31 29.21
CA TRP D 229 5.60 35.05 30.55
C TRP D 229 6.73 34.59 31.47
N ASP D 230 6.37 34.34 32.72
CA ASP D 230 7.29 33.75 33.70
C ASP D 230 6.62 32.55 34.33
N VAL D 231 7.38 31.47 34.49
CA VAL D 231 6.83 30.24 35.07
C VAL D 231 6.54 30.45 36.55
N ARG D 232 7.47 31.07 37.29
CA ARG D 232 7.30 31.26 38.72
C ARG D 232 6.24 32.29 39.04
N GLU D 233 5.77 33.04 38.05
CA GLU D 233 4.68 34.00 38.19
C GLU D 233 3.52 33.55 37.32
N GLY D 234 2.52 34.40 37.20
CA GLY D 234 1.36 34.08 36.39
C GLY D 234 0.91 35.22 35.49
N MET D 235 1.85 36.03 35.02
CA MET D 235 1.50 37.20 34.22
C MET D 235 2.60 37.47 33.19
N CYS D 236 2.23 38.23 32.17
CA CYS D 236 3.16 38.61 31.12
C CYS D 236 4.14 39.67 31.60
N ARG D 237 5.23 39.82 30.85
CA ARG D 237 6.17 40.89 31.12
C ARG D 237 6.61 41.66 29.89
N GLN D 238 6.54 41.08 28.69
CA GLN D 238 6.85 41.78 27.46
C GLN D 238 5.93 41.26 26.37
N THR D 239 5.15 42.16 25.75
CA THR D 239 4.20 41.78 24.70
C THR D 239 4.72 42.35 23.38
N PHE D 240 5.50 41.54 22.66
CA PHE D 240 5.98 41.91 21.34
C PHE D 240 4.82 41.98 20.35
N THR D 241 4.91 42.94 19.44
CA THR D 241 3.84 43.18 18.48
C THR D 241 4.50 43.54 17.16
N GLY D 242 3.77 43.32 16.06
CA GLY D 242 4.29 43.72 14.77
C GLY D 242 3.91 42.84 13.60
N HIS D 243 3.37 41.66 13.85
CA HIS D 243 2.94 40.81 12.75
C HIS D 243 1.54 41.21 12.31
N GLU D 244 1.29 41.08 11.01
CA GLU D 244 0.00 41.45 10.44
C GLU D 244 -0.87 40.24 10.12
N SER D 245 -0.49 39.05 10.57
CA SER D 245 -1.26 37.86 10.28
C SER D 245 -1.13 36.89 11.46
N ASP D 246 -1.52 35.65 11.23
CA ASP D 246 -1.47 34.60 12.22
C ASP D 246 -0.03 34.19 12.48
N ILE D 247 0.20 33.57 13.63
CA ILE D 247 1.50 33.05 14.01
C ILE D 247 1.40 31.53 14.03
N ASN D 248 2.52 30.84 13.84
CA ASN D 248 2.53 29.39 13.90
C ASN D 248 3.70 28.79 14.67
N ALA D 249 4.80 29.50 14.83
CA ALA D 249 5.99 28.93 15.43
C ALA D 249 6.76 29.98 16.20
N ILE D 250 7.59 29.51 17.14
CA ILE D 250 8.35 30.37 18.02
C ILE D 250 9.47 29.53 18.61
N CYS D 251 10.60 30.17 18.89
CA CYS D 251 11.79 29.44 19.33
C CYS D 251 12.79 30.42 19.95
N PHE D 252 13.22 30.12 21.17
CA PHE D 252 14.19 30.95 21.88
C PHE D 252 15.58 30.86 21.26
N PHE D 253 16.38 31.88 21.54
CA PHE D 253 17.80 31.92 21.26
C PHE D 253 18.56 31.12 22.32
N PRO D 254 19.74 30.58 21.98
CA PRO D 254 20.53 29.86 22.99
C PRO D 254 20.96 30.70 24.18
N ASN D 255 21.11 32.01 24.02
CA ASN D 255 21.43 32.87 25.16
C ASN D 255 20.31 32.85 26.20
N GLY D 256 19.06 32.87 25.74
CA GLY D 256 17.94 33.09 26.62
C GLY D 256 17.44 34.51 26.67
N ASN D 257 17.86 35.35 25.72
CA ASN D 257 17.46 36.75 25.69
C ASN D 257 16.87 37.16 24.34
N ALA D 258 16.54 36.22 23.47
CA ALA D 258 15.97 36.53 22.16
C ALA D 258 15.15 35.33 21.70
N PHE D 259 14.29 35.57 20.70
CA PHE D 259 13.49 34.49 20.16
C PHE D 259 13.06 34.82 18.74
N ALA D 260 12.85 33.77 17.95
CA ALA D 260 12.39 33.89 16.58
C ALA D 260 10.88 33.76 16.51
N THR D 261 10.32 33.98 15.33
CA THR D 261 8.86 33.98 15.16
C THR D 261 8.54 33.68 13.71
N GLY D 262 7.79 32.59 13.49
CA GLY D 262 7.31 32.22 12.16
C GLY D 262 5.81 32.43 12.08
N SER D 263 5.35 32.91 10.92
CA SER D 263 3.99 33.41 10.82
C SER D 263 3.40 33.08 9.44
N ASP D 264 2.11 33.37 9.30
CA ASP D 264 1.38 33.03 8.09
C ASP D 264 1.63 33.99 6.94
N ASP D 265 2.27 35.14 7.20
CA ASP D 265 2.50 36.13 6.17
C ASP D 265 3.85 35.99 5.48
N ALA D 266 4.42 34.77 5.47
CA ALA D 266 5.71 34.49 4.85
C ALA D 266 6.81 35.39 5.39
N THR D 267 6.79 35.63 6.70
CA THR D 267 7.66 36.61 7.33
C THR D 267 8.17 36.03 8.63
N CYS D 268 9.45 35.65 8.66
CA CYS D 268 10.11 35.17 9.86
C CYS D 268 11.02 36.26 10.40
N ARG D 269 10.91 36.51 11.69
CA ARG D 269 11.60 37.64 12.33
C ARG D 269 12.52 37.15 13.44
N LEU D 270 13.27 38.08 14.01
CA LEU D 270 13.99 37.89 15.25
C LEU D 270 13.64 39.04 16.19
N PHE D 271 13.25 38.72 17.41
CA PHE D 271 12.87 39.72 18.40
C PHE D 271 13.90 39.74 19.53
N ASP D 272 13.84 40.78 20.36
CA ASP D 272 14.85 41.02 21.38
C ASP D 272 14.20 41.34 22.72
N LEU D 273 14.56 40.56 23.74
CA LEU D 273 13.92 40.69 25.05
C LEU D 273 14.37 41.94 25.78
N ARG D 274 15.66 42.26 25.72
CA ARG D 274 16.15 43.44 26.43
C ARG D 274 15.59 44.73 25.84
N ALA D 275 15.60 44.84 24.52
CA ALA D 275 15.19 46.08 23.87
C ALA D 275 13.68 46.28 23.88
N ASP D 276 12.92 45.22 24.14
CA ASP D 276 11.45 45.22 24.03
C ASP D 276 11.00 45.69 22.66
N GLN D 277 11.71 45.26 21.63
CA GLN D 277 11.40 45.66 20.26
C GLN D 277 11.94 44.60 19.31
N GLU D 278 11.85 44.89 18.02
CA GLU D 278 12.00 43.90 16.97
C GLU D 278 13.28 44.14 16.19
N LEU D 279 14.12 43.10 16.11
CA LEU D 279 15.36 43.08 15.37
C LEU D 279 15.09 42.57 13.95
N MET D 280 16.16 42.19 13.24
CA MET D 280 16.10 42.07 11.78
C MET D 280 15.13 41.00 11.33
N THR D 281 14.44 41.28 10.22
CA THR D 281 13.36 40.46 9.70
C THR D 281 13.77 39.86 8.35
N TYR D 282 13.68 38.53 8.25
CA TYR D 282 14.15 37.80 7.08
C TYR D 282 12.95 37.34 6.25
N SER D 283 12.44 38.27 5.45
CA SER D 283 11.32 38.00 4.55
C SER D 283 11.76 38.15 3.11
N HIS D 284 11.02 37.51 2.21
CA HIS D 284 11.35 37.49 0.80
C HIS D 284 10.15 37.94 0.00
N ASP D 285 10.42 38.51 -1.19
CA ASP D 285 9.36 39.10 -1.99
C ASP D 285 8.49 38.03 -2.64
N ASN D 286 9.10 36.98 -3.16
CA ASN D 286 8.35 35.98 -3.93
C ASN D 286 7.65 34.95 -3.06
N ILE D 287 8.01 34.84 -1.79
CA ILE D 287 7.43 33.83 -0.90
C ILE D 287 6.12 34.36 -0.34
N ILE D 288 5.06 33.56 -0.44
CA ILE D 288 3.75 33.94 0.07
C ILE D 288 3.16 32.88 0.99
N CYS D 289 3.71 31.67 1.03
CA CYS D 289 3.19 30.63 1.90
C CYS D 289 3.53 30.90 3.35
N GLY D 290 2.71 30.38 4.25
CA GLY D 290 2.93 30.59 5.66
C GLY D 290 4.08 29.77 6.21
N ILE D 291 4.67 30.29 7.28
CA ILE D 291 5.70 29.59 8.03
C ILE D 291 5.01 28.69 9.05
N THR D 292 5.45 27.43 9.13
CA THR D 292 4.87 26.49 10.06
C THR D 292 5.79 26.10 11.21
N SER D 293 7.10 26.15 11.02
CA SER D 293 8.03 25.79 12.07
C SER D 293 9.33 26.56 11.88
N VAL D 294 9.86 27.08 12.99
CA VAL D 294 11.16 27.74 13.01
C VAL D 294 12.01 27.09 14.08
N SER D 295 13.32 27.10 13.87
CA SER D 295 14.25 26.50 14.81
C SER D 295 15.59 27.19 14.68
N PHE D 296 16.41 27.06 15.73
CA PHE D 296 17.72 27.70 15.80
C PHE D 296 18.81 26.65 15.84
N SER D 297 20.01 27.05 15.44
CA SER D 297 21.17 26.19 15.51
C SER D 297 21.69 26.12 16.95
N LYS D 298 22.78 25.38 17.15
CA LYS D 298 23.37 25.28 18.47
C LYS D 298 23.92 26.63 18.93
N SER D 299 24.56 27.37 18.03
CA SER D 299 25.07 28.68 18.34
C SER D 299 24.04 29.78 18.15
N GLY D 300 22.90 29.47 17.53
CA GLY D 300 21.91 30.47 17.21
C GLY D 300 22.15 31.23 15.93
N ARG D 301 23.24 30.93 15.21
CA ARG D 301 23.55 31.67 13.99
C ARG D 301 22.68 31.23 12.82
N LEU D 302 22.39 29.95 12.72
CA LEU D 302 21.59 29.40 11.63
C LEU D 302 20.15 29.23 12.09
N LEU D 303 19.22 29.78 11.33
CA LEU D 303 17.79 29.61 11.58
C LEU D 303 17.19 28.79 10.44
N LEU D 304 16.48 27.74 10.80
CA LEU D 304 15.76 26.90 9.84
C LEU D 304 14.28 27.22 9.98
N ALA D 305 13.63 27.57 8.86
CA ALA D 305 12.23 27.96 8.87
C ALA D 305 11.46 27.01 7.96
N GLY D 306 10.33 26.51 8.45
CA GLY D 306 9.45 25.72 7.62
C GLY D 306 8.60 26.58 6.72
N TYR D 307 8.19 26.00 5.60
CA TYR D 307 7.41 26.73 4.61
C TYR D 307 6.27 25.86 4.11
N ASP D 308 5.12 26.47 3.87
CA ASP D 308 3.95 25.74 3.40
C ASP D 308 3.97 25.46 1.91
N ASP D 309 4.97 25.95 1.17
CA ASP D 309 5.08 25.69 -0.27
C ASP D 309 5.97 24.49 -0.56
N PHE D 310 5.90 23.45 0.29
CA PHE D 310 6.55 22.15 0.10
C PHE D 310 8.06 22.26 0.26
N ASN D 311 8.51 23.05 1.24
CA ASN D 311 9.92 23.39 1.33
C ASN D 311 10.25 23.79 2.76
N CYS D 312 11.55 23.84 3.04
CA CYS D 312 12.05 24.32 4.33
C CYS D 312 13.42 24.95 4.09
N ASN D 313 13.46 26.27 4.07
CA ASN D 313 14.68 27.01 3.75
C ASN D 313 15.36 27.50 5.03
N VAL D 314 16.68 27.65 4.95
CA VAL D 314 17.47 28.13 6.07
C VAL D 314 17.78 29.60 5.84
N TRP D 315 18.15 30.28 6.91
CA TRP D 315 18.48 31.70 6.86
C TRP D 315 19.69 31.95 7.75
N ASP D 316 19.93 33.21 8.05
CA ASP D 316 20.88 33.62 9.08
C ASP D 316 20.12 34.46 10.10
N ALA D 317 20.39 34.23 11.38
CA ALA D 317 19.69 34.97 12.42
C ALA D 317 20.19 36.40 12.55
N LEU D 318 21.34 36.72 11.96
CA LEU D 318 21.89 38.07 12.02
C LEU D 318 21.64 38.86 10.74
N LYS D 319 22.04 38.33 9.60
CA LYS D 319 21.84 38.95 8.30
C LYS D 319 20.75 38.23 7.53
N ALA D 320 20.24 38.90 6.50
CA ALA D 320 19.19 38.34 5.65
C ALA D 320 19.86 37.62 4.49
N ASP D 321 19.88 36.29 4.54
CA ASP D 321 20.52 35.51 3.49
C ASP D 321 19.97 34.09 3.41
N ARG D 322 19.48 33.69 2.25
CA ARG D 322 19.05 32.31 2.05
C ARG D 322 20.28 31.42 1.87
N ALA D 323 20.80 30.89 2.97
CA ALA D 323 22.04 30.12 2.92
C ALA D 323 21.87 28.75 2.28
N GLY D 324 20.65 28.31 2.03
CA GLY D 324 20.44 26.99 1.45
C GLY D 324 18.98 26.63 1.44
N VAL D 325 18.66 25.60 0.67
CA VAL D 325 17.30 25.11 0.51
C VAL D 325 17.29 23.61 0.80
N LEU D 326 16.44 23.19 1.73
CA LEU D 326 16.25 21.78 2.06
C LEU D 326 14.93 21.34 1.45
N ALA D 327 15.00 20.69 0.30
CA ALA D 327 13.80 20.30 -0.44
C ALA D 327 13.68 18.77 -0.47
N GLY D 328 12.48 18.31 -0.79
CA GLY D 328 12.25 16.88 -0.90
C GLY D 328 10.95 16.40 -0.28
N HIS D 329 10.12 17.33 0.19
CA HIS D 329 8.87 16.99 0.85
C HIS D 329 7.72 17.10 -0.14
N ASP D 330 6.93 16.02 -0.25
CA ASP D 330 5.78 16.01 -1.14
C ASP D 330 4.63 16.84 -0.61
N ASN D 331 4.53 17.04 0.71
CA ASN D 331 3.45 17.81 1.28
C ASN D 331 3.98 18.88 2.25
N ARG D 332 3.08 19.55 2.96
CA ARG D 332 3.47 20.68 3.78
C ARG D 332 4.24 20.23 5.02
N VAL D 333 5.36 20.89 5.30
CA VAL D 333 6.12 20.65 6.52
C VAL D 333 5.39 21.31 7.69
N SER D 334 5.22 20.55 8.77
CA SER D 334 4.52 21.04 9.94
C SER D 334 5.31 20.87 11.23
N CYS D 335 6.48 20.25 11.17
CA CYS D 335 7.31 20.08 12.34
C CYS D 335 8.77 20.11 11.93
N LEU D 336 9.55 20.97 12.58
CA LEU D 336 10.98 21.10 12.37
C LEU D 336 11.68 21.08 13.71
N GLY D 337 12.78 20.35 13.78
CA GLY D 337 13.49 20.21 15.05
C GLY D 337 14.99 20.11 14.94
N VAL D 338 15.70 20.78 15.83
CA VAL D 338 17.15 20.74 15.93
C VAL D 338 17.51 20.20 17.30
N THR D 339 18.42 19.22 17.34
CA THR D 339 18.79 18.53 18.56
C THR D 339 19.55 19.47 19.51
N ASP D 340 19.71 19.02 20.74
CA ASP D 340 20.39 19.82 21.76
C ASP D 340 21.86 20.02 21.42
N ASP D 341 22.52 18.98 20.89
CA ASP D 341 23.89 19.15 20.45
C ASP D 341 23.99 19.81 19.08
N GLY D 342 22.87 20.00 18.39
CA GLY D 342 22.88 20.66 17.10
C GLY D 342 23.48 19.82 15.99
N MET D 343 23.59 18.51 16.18
CA MET D 343 24.27 17.68 15.19
C MET D 343 23.42 17.42 13.96
N ALA D 344 22.10 17.30 14.13
CA ALA D 344 21.22 16.98 13.01
C ALA D 344 19.92 17.75 13.14
N VAL D 345 19.25 17.94 12.01
CA VAL D 345 17.96 18.61 11.95
C VAL D 345 16.93 17.63 11.42
N ALA D 346 15.77 17.60 12.05
CA ALA D 346 14.67 16.74 11.64
C ALA D 346 13.59 17.60 10.98
N THR D 347 13.04 17.09 9.89
CA THR D 347 12.07 17.83 9.09
C THR D 347 10.93 16.89 8.74
N GLY D 348 9.73 17.18 9.23
CA GLY D 348 8.60 16.31 9.01
C GLY D 348 7.43 16.96 8.32
N SER D 349 6.93 16.33 7.27
CA SER D 349 5.83 16.86 6.47
C SER D 349 4.63 15.93 6.53
N TRP D 350 3.62 16.24 5.72
CA TRP D 350 2.40 15.45 5.68
C TRP D 350 2.47 14.30 4.70
N ASP D 351 3.63 14.08 4.08
CA ASP D 351 3.82 12.98 3.16
C ASP D 351 4.07 11.65 3.85
N SER D 352 3.81 11.56 5.15
CA SER D 352 3.96 10.40 6.04
C SER D 352 5.42 10.03 6.25
N PHE D 353 6.38 10.75 5.68
CA PHE D 353 7.80 10.48 5.85
C PHE D 353 8.49 11.73 6.38
N LEU D 354 9.21 11.59 7.48
CA LEU D 354 9.97 12.68 8.06
C LEU D 354 11.45 12.41 7.90
N LYS D 355 12.21 13.47 7.62
CA LYS D 355 13.59 13.36 7.18
C LYS D 355 14.53 13.96 8.21
N ILE D 356 15.74 13.41 8.26
CA ILE D 356 16.81 13.94 9.10
C ILE D 356 18.00 14.22 8.21
N TRP D 357 18.47 15.45 8.24
CA TRP D 357 19.57 15.90 7.40
C TRP D 357 20.83 16.03 8.27
N ASN D 358 21.90 16.53 7.67
CA ASN D 358 23.14 16.77 8.40
C ASN D 358 23.79 18.07 7.95
N VAL E 2 3.93 -8.38 38.66
CA VAL E 2 4.93 -9.11 37.90
C VAL E 2 5.53 -10.22 38.74
N GLN E 3 5.31 -11.46 38.32
CA GLN E 3 5.82 -12.62 39.05
C GLN E 3 5.83 -13.83 38.11
N LEU E 4 6.96 -14.53 38.09
CA LEU E 4 7.12 -15.72 37.28
C LEU E 4 7.12 -16.96 38.18
N VAL E 5 6.21 -17.89 37.91
CA VAL E 5 6.12 -19.14 38.63
C VAL E 5 6.34 -20.27 37.64
N GLU E 6 7.33 -21.11 37.93
CA GLU E 6 7.67 -22.25 37.08
C GLU E 6 7.27 -23.53 37.80
N SER E 7 6.57 -24.41 37.08
CA SER E 7 6.02 -25.62 37.67
C SER E 7 6.47 -26.84 36.87
N GLY E 8 6.49 -28.00 37.54
CA GLY E 8 6.93 -29.23 36.94
C GLY E 8 8.13 -29.80 37.67
N GLY E 9 8.92 -30.58 36.94
CA GLY E 9 10.13 -31.13 37.49
C GLY E 9 9.89 -32.31 38.41
N GLY E 10 10.98 -32.79 39.00
CA GLY E 10 10.91 -33.93 39.89
C GLY E 10 11.86 -35.05 39.48
N LEU E 11 11.62 -36.24 40.00
CA LEU E 11 12.45 -37.39 39.64
C LEU E 11 12.15 -37.84 38.21
N VAL E 12 13.15 -38.41 37.57
CA VAL E 12 13.01 -38.92 36.21
C VAL E 12 14.01 -40.05 36.02
N GLN E 13 13.64 -41.01 35.17
CA GLN E 13 14.52 -42.12 34.88
C GLN E 13 15.65 -41.69 33.95
N PRO E 14 16.85 -42.24 34.12
CA PRO E 14 18.00 -41.80 33.32
C PRO E 14 17.88 -42.20 31.85
N GLY E 15 17.07 -41.45 31.11
CA GLY E 15 16.76 -41.77 29.74
C GLY E 15 15.34 -41.41 29.38
N GLY E 16 14.57 -40.98 30.37
CA GLY E 16 13.20 -40.57 30.14
C GLY E 16 13.09 -39.16 29.63
N SER E 17 11.99 -38.48 29.93
CA SER E 17 11.79 -37.11 29.46
C SER E 17 10.84 -36.40 30.41
N ARG E 18 11.05 -35.09 30.53
CA ARG E 18 10.14 -34.21 31.27
C ARG E 18 9.92 -32.95 30.45
N LYS E 19 8.81 -32.27 30.74
CA LYS E 19 8.42 -31.05 30.03
C LYS E 19 8.13 -29.98 31.07
N LEU E 20 9.14 -29.19 31.41
CA LEU E 20 8.96 -28.08 32.34
C LEU E 20 8.20 -26.94 31.68
N SER E 21 7.43 -26.22 32.49
CA SER E 21 6.60 -25.14 31.99
C SER E 21 6.60 -24.00 33.00
N CYS E 22 6.62 -22.78 32.48
CA CYS E 22 6.58 -21.59 33.34
C CYS E 22 5.56 -20.61 32.78
N SER E 23 4.97 -19.83 33.68
CA SER E 23 3.91 -18.90 33.33
C SER E 23 4.24 -17.52 33.91
N ALA E 24 3.75 -16.49 33.25
CA ALA E 24 3.93 -15.11 33.69
C ALA E 24 2.59 -14.49 34.00
N SER E 25 2.56 -13.62 35.00
CA SER E 25 1.33 -12.95 35.41
C SER E 25 1.70 -11.57 35.95
N GLY E 26 1.56 -10.55 35.11
CA GLY E 26 1.86 -9.21 35.54
C GLY E 26 2.49 -8.32 34.48
N PHE E 27 3.06 -8.93 33.45
CA PHE E 27 3.67 -8.16 32.37
C PHE E 27 3.28 -8.76 31.03
N ALA E 28 3.36 -7.92 30.00
CA ALA E 28 3.05 -8.34 28.63
C ALA E 28 4.03 -9.40 28.17
N PHE E 29 3.54 -10.62 27.98
CA PHE E 29 4.41 -11.75 27.68
C PHE E 29 5.00 -11.62 26.28
N SER E 30 4.21 -11.16 25.31
CA SER E 30 4.63 -11.19 23.91
C SER E 30 5.74 -10.20 23.61
N SER E 31 5.99 -9.24 24.50
CA SER E 31 7.02 -8.23 24.30
C SER E 31 8.36 -8.64 24.89
N PHE E 32 8.47 -9.85 25.44
CA PHE E 32 9.66 -10.27 26.17
C PHE E 32 10.22 -11.54 25.55
N GLY E 33 11.54 -11.59 25.40
CA GLY E 33 12.23 -12.79 24.97
C GLY E 33 12.71 -13.58 26.16
N MET E 34 12.04 -14.69 26.46
CA MET E 34 12.28 -15.42 27.69
C MET E 34 13.36 -16.48 27.52
N HIS E 35 14.12 -16.69 28.59
CA HIS E 35 15.29 -17.55 28.60
C HIS E 35 15.10 -18.69 29.60
N TRP E 36 15.89 -19.73 29.44
CA TRP E 36 16.03 -20.79 30.43
C TRP E 36 17.49 -20.85 30.87
N VAL E 37 17.72 -20.77 32.17
CA VAL E 37 19.06 -20.82 32.75
C VAL E 37 19.03 -21.84 33.87
N ARG E 38 19.92 -22.83 33.80
CA ARG E 38 19.99 -23.88 34.80
C ARG E 38 21.09 -23.59 35.81
N GLN E 39 20.96 -24.21 36.97
CA GLN E 39 21.99 -24.12 38.01
C GLN E 39 22.16 -25.48 38.67
N ALA E 40 23.36 -26.04 38.53
CA ALA E 40 23.70 -27.26 39.24
C ALA E 40 23.69 -27.00 40.75
N PRO E 41 23.37 -28.02 41.56
CA PRO E 41 23.12 -27.76 43.00
C PRO E 41 24.32 -27.23 43.77
N GLU E 42 25.54 -27.44 43.28
CA GLU E 42 26.74 -26.92 43.94
C GLU E 42 27.70 -26.35 42.90
N LYS E 43 27.16 -25.60 41.94
CA LYS E 43 27.98 -24.99 40.90
C LYS E 43 27.32 -23.69 40.46
N GLY E 44 27.84 -23.11 39.38
CA GLY E 44 27.37 -21.82 38.91
C GLY E 44 26.15 -21.94 38.01
N LEU E 45 25.94 -20.90 37.22
CA LEU E 45 24.80 -20.83 36.31
C LEU E 45 25.21 -21.16 34.89
N GLU E 46 24.24 -21.60 34.09
CA GLU E 46 24.49 -21.95 32.70
C GLU E 46 23.23 -21.69 31.89
N TRP E 47 23.41 -21.12 30.69
CA TRP E 47 22.31 -20.83 29.80
C TRP E 47 21.85 -22.10 29.07
N VAL E 48 20.55 -22.22 28.86
CA VAL E 48 19.99 -23.44 28.28
C VAL E 48 19.24 -23.15 26.97
N ALA E 49 18.16 -22.38 27.04
CA ALA E 49 17.27 -22.20 25.91
C ALA E 49 16.84 -20.75 25.78
N TYR E 50 16.25 -20.40 24.64
CA TYR E 50 15.81 -19.04 24.38
C TYR E 50 14.72 -19.05 23.33
N ILE E 51 13.71 -18.21 23.53
CA ILE E 51 12.70 -17.94 22.51
C ILE E 51 12.48 -16.44 22.46
N SER E 52 12.30 -15.89 21.27
CA SER E 52 12.20 -14.45 21.06
C SER E 52 10.76 -13.99 21.23
N SER E 53 10.49 -12.75 20.84
CA SER E 53 9.15 -12.20 20.87
C SER E 53 8.37 -12.69 19.65
N GLY E 54 7.25 -13.38 19.89
CA GLY E 54 6.49 -13.95 18.80
C GLY E 54 7.13 -15.17 18.18
N SER E 55 8.01 -15.85 18.92
CA SER E 55 8.70 -17.07 18.47
C SER E 55 9.51 -16.85 17.20
N GLY E 56 10.03 -15.64 17.01
CA GLY E 56 10.76 -15.32 15.80
C GLY E 56 12.18 -15.83 15.74
N THR E 57 12.79 -16.13 16.89
CA THR E 57 14.14 -16.64 16.93
C THR E 57 14.28 -17.54 18.14
N ILE E 58 14.75 -18.78 17.92
CA ILE E 58 14.90 -19.76 18.99
C ILE E 58 16.33 -20.28 18.95
N TYR E 59 17.05 -20.08 20.06
CA TYR E 59 18.44 -20.49 20.15
C TYR E 59 18.60 -21.46 21.30
N TYR E 60 19.56 -22.37 21.14
CA TYR E 60 19.84 -23.38 22.14
C TYR E 60 21.33 -23.39 22.44
N ALA E 61 21.69 -24.04 23.55
CA ALA E 61 23.08 -24.15 23.90
C ALA E 61 23.70 -25.39 23.25
N ASP E 62 25.02 -25.52 23.41
CA ASP E 62 25.75 -26.63 22.81
C ASP E 62 25.33 -27.96 23.44
N THR E 63 25.11 -27.98 24.75
CA THR E 63 24.60 -29.15 25.45
C THR E 63 23.09 -29.26 25.36
N VAL E 64 22.46 -28.35 24.63
CA VAL E 64 21.01 -28.30 24.49
C VAL E 64 20.56 -28.59 23.05
N LYS E 65 21.39 -28.29 22.05
CA LYS E 65 21.04 -28.52 20.65
C LYS E 65 20.82 -30.00 20.36
N GLY E 66 19.71 -30.30 19.68
CA GLY E 66 19.39 -31.65 19.26
C GLY E 66 18.71 -32.50 20.30
N ARG E 67 18.51 -32.01 21.52
CA ARG E 67 17.91 -32.80 22.57
C ARG E 67 16.72 -32.12 23.24
N PHE E 68 16.78 -30.80 23.42
CA PHE E 68 15.73 -30.06 24.12
C PHE E 68 15.01 -29.17 23.11
N THR E 69 13.86 -28.64 23.52
CA THR E 69 13.15 -27.66 22.72
C THR E 69 12.33 -26.75 23.62
N ILE E 70 12.10 -25.52 23.16
CA ILE E 70 11.41 -24.50 23.92
C ILE E 70 10.26 -23.94 23.08
N SER E 71 9.09 -23.82 23.69
CA SER E 71 7.91 -23.24 23.04
C SER E 71 7.20 -22.34 24.04
N ARG E 72 6.45 -21.37 23.51
CA ARG E 72 5.67 -20.48 24.35
C ARG E 72 4.25 -20.40 23.83
N ASP E 73 3.29 -20.26 24.74
CA ASP E 73 1.88 -20.14 24.40
C ASP E 73 1.46 -18.71 24.75
N ASP E 74 1.61 -17.81 23.78
CA ASP E 74 1.32 -16.40 24.01
C ASP E 74 -0.14 -16.09 24.36
N PRO E 75 -1.17 -16.68 23.73
CA PRO E 75 -2.55 -16.39 24.20
C PRO E 75 -2.82 -16.79 25.64
N LYS E 76 -2.19 -17.86 26.13
CA LYS E 76 -2.39 -18.30 27.50
C LYS E 76 -1.27 -17.89 28.44
N ASN E 77 -0.23 -17.22 27.93
CA ASN E 77 0.90 -16.73 28.71
C ASN E 77 1.60 -17.86 29.46
N THR E 78 2.16 -18.79 28.69
CA THR E 78 2.89 -19.92 29.25
C THR E 78 4.10 -20.23 28.39
N LEU E 79 5.24 -20.46 29.04
CA LEU E 79 6.47 -20.87 28.38
C LEU E 79 6.73 -22.34 28.69
N PHE E 80 7.11 -23.10 27.66
CA PHE E 80 7.30 -24.54 27.76
C PHE E 80 8.73 -24.90 27.45
N LEU E 81 9.29 -25.81 28.25
CA LEU E 81 10.60 -26.41 28.00
C LEU E 81 10.41 -27.91 27.92
N GLN E 82 10.53 -28.47 26.71
CA GLN E 82 10.40 -29.90 26.50
C GLN E 82 11.78 -30.49 26.32
N MET E 83 12.21 -31.31 27.27
CA MET E 83 13.52 -31.94 27.27
C MET E 83 13.37 -33.43 27.01
N THR E 84 14.27 -33.97 26.18
CA THR E 84 14.29 -35.40 25.89
C THR E 84 15.69 -35.93 26.16
N SER E 85 15.73 -37.22 26.52
CA SER E 85 16.98 -37.93 26.86
C SER E 85 17.72 -37.24 28.00
N LEU E 86 17.07 -37.24 29.16
CA LEU E 86 17.62 -36.59 30.35
C LEU E 86 18.74 -37.43 30.93
N THR E 87 19.98 -36.95 30.80
CA THR E 87 21.13 -37.62 31.41
C THR E 87 21.23 -37.20 32.88
N SER E 88 22.31 -37.60 33.54
CA SER E 88 22.53 -37.23 34.93
C SER E 88 23.19 -35.87 35.06
N GLU E 89 23.65 -35.27 33.97
CA GLU E 89 24.24 -33.94 34.01
C GLU E 89 23.19 -32.84 33.97
N ASP E 90 21.91 -33.18 33.80
CA ASP E 90 20.83 -32.21 33.78
C ASP E 90 20.19 -32.01 35.13
N THR E 91 20.76 -32.58 36.20
CA THR E 91 20.21 -32.38 37.52
C THR E 91 20.52 -30.97 37.98
N ALA E 92 19.58 -30.05 37.75
CA ALA E 92 19.83 -28.64 38.00
C ALA E 92 18.52 -27.95 38.34
N MET E 93 18.63 -26.77 38.95
CA MET E 93 17.50 -25.90 39.19
C MET E 93 17.33 -24.99 37.98
N TYR E 94 16.13 -25.00 37.39
CA TYR E 94 15.89 -24.33 36.12
C TYR E 94 15.17 -23.02 36.34
N TYR E 95 15.80 -21.92 35.93
CA TYR E 95 15.27 -20.59 36.11
C TYR E 95 14.68 -20.05 34.82
N CYS E 96 13.60 -19.29 34.96
CA CYS E 96 12.94 -18.62 33.84
C CYS E 96 13.25 -17.13 33.93
N VAL E 97 13.85 -16.58 32.88
CA VAL E 97 14.36 -15.21 32.89
C VAL E 97 13.69 -14.44 31.76
N ARG E 98 13.18 -13.25 32.06
CA ARG E 98 12.62 -12.38 31.04
C ARG E 98 13.68 -11.41 30.53
N SER E 99 13.47 -10.94 29.31
CA SER E 99 14.40 -10.01 28.69
C SER E 99 13.69 -9.24 27.58
N ILE E 100 13.91 -7.94 27.56
CA ILE E 100 13.36 -7.05 26.54
C ILE E 100 14.53 -6.38 25.83
N TYR E 101 14.34 -6.02 24.57
CA TYR E 101 15.43 -5.52 23.73
C TYR E 101 14.99 -4.31 22.94
N TYR E 102 15.43 -3.13 23.38
CA TYR E 102 15.34 -1.91 22.61
C TYR E 102 16.44 -0.98 23.11
N TYR E 103 16.50 0.21 22.52
CA TYR E 103 17.49 1.18 22.96
C TYR E 103 17.19 1.63 24.38
N GLY E 104 18.11 1.35 25.30
CA GLY E 104 17.90 1.67 26.69
C GLY E 104 17.22 0.59 27.50
N SER E 105 17.17 -0.64 27.00
CA SER E 105 16.50 -1.71 27.70
C SER E 105 17.41 -2.30 28.77
N SER E 106 16.82 -3.13 29.62
CA SER E 106 17.53 -3.85 30.67
C SER E 106 17.19 -5.33 30.55
N PRO E 107 17.93 -6.07 29.73
CA PRO E 107 17.69 -7.50 29.62
C PRO E 107 18.06 -8.23 30.90
N PHE E 108 17.43 -9.40 31.08
CA PHE E 108 17.65 -10.28 32.24
C PHE E 108 17.34 -9.55 33.55
N ASP E 109 16.22 -8.86 33.58
CA ASP E 109 15.83 -8.02 34.70
C ASP E 109 14.89 -8.69 35.68
N PHE E 110 14.45 -9.92 35.41
CA PHE E 110 13.56 -10.61 36.33
C PHE E 110 13.75 -12.11 36.18
N TRP E 111 13.86 -12.80 37.32
CA TRP E 111 14.09 -14.23 37.37
C TRP E 111 12.98 -14.90 38.16
N GLY E 112 12.52 -16.04 37.68
CA GLY E 112 11.52 -16.80 38.39
C GLY E 112 12.16 -17.82 39.32
N GLN E 113 11.39 -18.23 40.32
CA GLN E 113 11.86 -19.23 41.27
C GLN E 113 12.02 -20.57 40.55
N GLY E 114 13.16 -21.22 40.79
CA GLY E 114 13.56 -22.33 39.97
C GLY E 114 12.78 -23.61 40.22
N THR E 115 13.04 -24.58 39.34
CA THR E 115 12.46 -25.92 39.44
C THR E 115 13.59 -26.92 39.61
N THR E 116 13.59 -27.63 40.73
CA THR E 116 14.63 -28.61 41.02
C THR E 116 14.36 -29.88 40.22
N LEU E 117 15.29 -30.27 39.37
CA LEU E 117 15.19 -31.47 38.56
C LEU E 117 16.22 -32.48 39.03
N THR E 118 15.78 -33.71 39.26
CA THR E 118 16.65 -34.79 39.71
C THR E 118 16.55 -35.94 38.71
N VAL E 119 17.68 -36.32 38.14
CA VAL E 119 17.77 -37.46 37.24
C VAL E 119 18.70 -38.47 37.92
N SER E 120 18.12 -39.40 38.67
CA SER E 120 18.91 -40.38 39.41
C SER E 120 19.44 -41.47 38.50
N ASP E 137 33.74 -20.17 21.39
CA ASP E 137 32.90 -19.61 22.44
C ASP E 137 33.70 -18.66 23.32
N ILE E 138 33.00 -18.01 24.25
CA ILE E 138 33.61 -17.05 25.17
C ILE E 138 33.76 -17.72 26.52
N VAL E 139 34.96 -17.62 27.11
CA VAL E 139 35.26 -18.18 28.42
C VAL E 139 35.51 -17.04 29.38
N MET E 140 34.81 -17.06 30.51
CA MET E 140 34.91 -16.00 31.52
C MET E 140 35.21 -16.64 32.87
N THR E 141 36.28 -16.18 33.51
CA THR E 141 36.64 -16.64 34.86
C THR E 141 36.92 -15.42 35.72
N GLN E 142 36.25 -15.33 36.87
CA GLN E 142 36.27 -14.13 37.68
C GLN E 142 36.85 -14.40 39.07
N ALA E 143 37.89 -13.63 39.42
CA ALA E 143 38.34 -13.39 40.79
C ALA E 143 38.58 -14.62 41.64
N THR E 144 38.54 -14.44 42.95
CA THR E 144 38.58 -15.54 43.91
C THR E 144 37.16 -16.04 44.14
N SER E 145 36.97 -16.88 45.15
CA SER E 145 35.65 -17.41 45.44
C SER E 145 35.28 -17.41 46.91
N SER E 146 36.18 -16.98 47.80
CA SER E 146 35.91 -16.95 49.23
C SER E 146 36.47 -15.67 49.84
N VAL E 147 36.19 -14.54 49.20
CA VAL E 147 36.81 -13.28 49.64
C VAL E 147 36.25 -12.87 51.00
N PRO E 148 37.08 -12.38 51.92
CA PRO E 148 36.59 -12.02 53.26
C PRO E 148 35.97 -10.63 53.31
N VAL E 149 34.68 -10.54 53.00
CA VAL E 149 33.99 -9.26 53.03
C VAL E 149 33.79 -8.81 54.46
N ILE E 150 34.14 -7.55 54.73
CA ILE E 150 33.91 -6.91 56.03
C ILE E 150 32.73 -5.97 55.86
N PRO E 151 31.80 -5.89 56.83
CA PRO E 151 30.67 -4.96 56.68
C PRO E 151 31.10 -3.50 56.75
N GLY E 152 31.15 -2.87 55.57
CA GLY E 152 31.59 -1.50 55.41
C GLY E 152 33.03 -1.46 54.95
N GLU E 153 33.24 -1.35 53.64
CA GLU E 153 34.57 -1.42 53.04
C GLU E 153 34.42 -1.06 51.56
N SER E 154 35.53 -1.20 50.83
CA SER E 154 35.55 -1.06 49.38
C SER E 154 35.98 -2.39 48.78
N VAL E 155 35.03 -3.11 48.20
CA VAL E 155 35.26 -4.44 47.64
C VAL E 155 35.22 -4.35 46.12
N SER E 156 36.29 -4.80 45.47
CA SER E 156 36.42 -4.74 44.03
C SER E 156 36.39 -6.17 43.48
N ILE E 157 35.20 -6.66 43.19
CA ILE E 157 35.03 -7.97 42.57
C ILE E 157 35.40 -7.83 41.10
N SER E 158 36.29 -8.69 40.62
CA SER E 158 36.79 -8.58 39.27
C SER E 158 36.06 -9.53 38.34
N CYS E 159 36.45 -9.51 37.08
CA CYS E 159 35.89 -10.36 36.04
C CYS E 159 36.89 -10.40 34.89
N ARG E 160 36.67 -11.34 33.97
CA ARG E 160 37.57 -11.51 32.85
C ARG E 160 36.79 -12.15 31.70
N SER E 161 37.36 -12.05 30.50
CA SER E 161 36.69 -12.58 29.32
C SER E 161 37.73 -13.04 28.33
N SER E 162 37.29 -13.88 27.39
CA SER E 162 38.15 -14.37 26.32
C SER E 162 38.24 -13.39 25.15
N LYS E 163 37.54 -12.26 25.22
CA LYS E 163 37.54 -11.28 24.15
C LYS E 163 37.21 -9.92 24.74
N SER E 164 37.56 -8.87 24.00
CA SER E 164 37.17 -7.51 24.36
C SER E 164 35.71 -7.32 23.97
N LEU E 165 34.82 -7.19 24.96
CA LEU E 165 33.38 -7.24 24.72
C LEU E 165 32.81 -5.87 24.36
N LEU E 166 33.45 -5.22 23.38
CA LEU E 166 33.03 -3.91 22.90
C LEU E 166 32.62 -4.01 21.44
N HIS E 167 31.47 -3.45 21.11
CA HIS E 167 30.95 -3.42 19.76
C HIS E 167 31.13 -2.02 19.17
N SER E 168 30.89 -1.91 17.86
CA SER E 168 31.02 -0.62 17.18
C SER E 168 29.92 0.35 17.58
N ASN E 169 28.88 -0.11 18.28
CA ASN E 169 27.80 0.76 18.72
C ASN E 169 28.15 1.56 19.96
N GLY E 170 29.35 1.41 20.50
CA GLY E 170 29.74 2.11 21.70
C GLY E 170 29.22 1.50 22.98
N ASN E 171 28.56 0.36 22.90
CA ASN E 171 28.02 -0.35 24.06
C ASN E 171 28.92 -1.54 24.36
N THR E 172 29.60 -1.50 25.50
CA THR E 172 30.30 -2.66 26.03
C THR E 172 29.28 -3.48 26.82
N TYR E 173 29.26 -4.79 26.61
CA TYR E 173 28.21 -5.63 27.18
C TYR E 173 28.78 -6.52 28.28
N LEU E 174 28.34 -6.28 29.51
CA LEU E 174 28.66 -7.17 30.63
C LEU E 174 27.69 -6.90 31.77
N TYR E 175 27.15 -7.98 32.32
CA TYR E 175 26.06 -7.90 33.28
C TYR E 175 26.51 -8.49 34.61
N TRP E 176 26.04 -7.89 35.71
CA TRP E 176 26.39 -8.33 37.05
C TRP E 176 25.15 -8.82 37.77
N PHE E 177 25.22 -10.01 38.36
CA PHE E 177 24.11 -10.64 39.04
C PHE E 177 24.49 -10.96 40.48
N LEU E 178 23.56 -10.75 41.40
CA LEU E 178 23.74 -11.09 42.80
C LEU E 178 22.74 -12.17 43.18
N GLN E 179 23.25 -13.27 43.72
CA GLN E 179 22.42 -14.38 44.16
C GLN E 179 22.46 -14.44 45.68
N ARG E 180 21.41 -13.93 46.31
CA ARG E 180 21.27 -14.05 47.75
C ARG E 180 21.07 -15.51 48.13
N PRO E 181 21.47 -15.90 49.34
CA PRO E 181 21.31 -17.31 49.75
C PRO E 181 19.84 -17.70 49.84
N GLY E 182 19.46 -18.67 49.02
CA GLY E 182 18.09 -19.14 48.97
C GLY E 182 17.18 -18.35 48.07
N GLN E 183 17.71 -17.58 47.13
CA GLN E 183 16.90 -16.74 46.26
C GLN E 183 17.43 -16.80 44.84
N SER E 184 16.59 -16.36 43.91
CA SER E 184 16.93 -16.26 42.50
C SER E 184 17.88 -15.08 42.27
N PRO E 185 18.68 -15.12 41.22
CA PRO E 185 19.57 -13.99 40.92
C PRO E 185 18.80 -12.72 40.57
N GLN E 186 19.39 -11.59 40.94
CA GLN E 186 18.84 -10.27 40.67
C GLN E 186 19.87 -9.45 39.92
N LEU E 187 19.42 -8.72 38.90
CA LEU E 187 20.33 -7.93 38.09
C LEU E 187 20.75 -6.67 38.84
N LEU E 188 22.04 -6.35 38.76
CA LEU E 188 22.59 -5.15 39.37
C LEU E 188 23.06 -4.14 38.33
N ILE E 189 23.98 -4.54 37.46
CA ILE E 189 24.59 -3.66 36.48
C ILE E 189 24.41 -4.27 35.09
N TYR E 190 23.94 -3.46 34.14
CA TYR E 190 23.90 -3.89 32.76
C TYR E 190 24.73 -2.95 31.90
N ARG E 191 24.82 -3.28 30.62
CA ARG E 191 25.79 -2.74 29.69
C ARG E 191 27.20 -2.89 30.27
N MET E 192 27.73 -1.85 30.82
CA MET E 192 28.94 -1.96 31.64
C MET E 192 28.82 -1.23 32.96
N SER E 193 28.13 -0.09 32.98
CA SER E 193 28.09 0.78 34.14
C SER E 193 26.69 1.29 34.48
N ASN E 194 25.65 0.66 33.94
CA ASN E 194 24.29 1.14 34.11
C ASN E 194 23.63 0.42 35.27
N LEU E 195 23.15 1.19 36.25
CA LEU E 195 22.43 0.61 37.38
C LEU E 195 21.04 0.16 36.95
N ALA E 196 20.65 -1.03 37.36
CA ALA E 196 19.28 -1.49 37.14
C ALA E 196 18.35 -0.84 38.16
N SER E 197 17.06 -0.89 37.86
CA SER E 197 16.07 -0.26 38.71
C SER E 197 15.95 -1.02 40.03
N GLY E 198 15.87 -0.26 41.12
CA GLY E 198 15.76 -0.82 42.44
C GLY E 198 17.08 -1.18 43.09
N VAL E 199 18.20 -1.04 42.39
CA VAL E 199 19.51 -1.31 42.95
C VAL E 199 20.01 -0.04 43.64
N PRO E 200 20.47 -0.11 44.89
CA PRO E 200 20.92 1.09 45.59
C PRO E 200 22.19 1.67 44.97
N ASP E 201 22.42 2.95 45.29
CA ASP E 201 23.46 3.73 44.62
C ASP E 201 24.87 3.30 45.01
N ARG E 202 25.02 2.47 46.04
CA ARG E 202 26.36 2.02 46.43
C ARG E 202 26.96 1.11 45.37
N PHE E 203 26.11 0.37 44.64
CA PHE E 203 26.60 -0.50 43.59
C PHE E 203 27.02 0.33 42.39
N SER E 204 28.23 0.06 41.88
CA SER E 204 28.75 0.77 40.73
C SER E 204 29.80 -0.10 40.08
N GLY E 205 29.86 -0.03 38.76
CA GLY E 205 30.77 -0.85 38.00
C GLY E 205 31.39 -0.07 36.88
N SER E 206 32.59 -0.49 36.49
CA SER E 206 33.34 0.18 35.44
C SER E 206 34.39 -0.76 34.91
N GLY E 207 34.92 -0.44 33.74
CA GLY E 207 35.98 -1.25 33.17
C GLY E 207 36.22 -0.89 31.72
N SER E 208 36.90 -1.81 31.04
CA SER E 208 37.26 -1.68 29.64
C SER E 208 37.15 -3.06 29.01
N GLY E 209 37.74 -3.21 27.82
CA GLY E 209 37.73 -4.49 27.14
C GLY E 209 38.44 -5.59 27.90
N THR E 210 37.69 -6.65 28.21
CA THR E 210 38.19 -7.85 28.92
C THR E 210 38.76 -7.51 30.29
N ALA E 211 38.25 -6.48 30.94
CA ALA E 211 38.72 -6.08 32.26
C ALA E 211 37.58 -5.32 32.93
N PHE E 212 36.87 -5.99 33.84
CA PHE E 212 35.66 -5.46 34.43
C PHE E 212 35.72 -5.60 35.94
N THR E 213 35.20 -4.60 36.65
CA THR E 213 35.26 -4.58 38.10
C THR E 213 33.98 -3.96 38.65
N LEU E 214 33.39 -4.61 39.64
CA LEU E 214 32.26 -4.07 40.38
C LEU E 214 32.79 -3.55 41.71
N THR E 215 32.87 -2.22 41.83
CA THR E 215 33.32 -1.58 43.05
C THR E 215 32.12 -1.35 43.96
N ILE E 216 32.04 -2.12 45.03
CA ILE E 216 31.00 -1.95 46.04
C ILE E 216 31.63 -1.18 47.20
N SER E 217 31.12 0.01 47.47
CA SER E 217 31.60 0.85 48.56
C SER E 217 30.53 0.93 49.64
N ARG E 218 30.97 0.95 50.89
CA ARG E 218 30.10 0.94 52.08
C ARG E 218 29.17 -0.27 52.05
N LEU E 219 29.80 -1.45 52.17
CA LEU E 219 29.05 -2.70 52.19
C LEU E 219 28.12 -2.77 53.39
N GLU E 220 26.98 -3.41 53.20
CA GLU E 220 25.96 -3.47 54.24
C GLU E 220 25.37 -4.87 54.25
N ALA E 221 24.24 -5.02 54.92
CA ALA E 221 23.51 -6.27 54.95
C ALA E 221 22.74 -6.45 53.63
N GLU E 222 22.18 -7.65 53.46
CA GLU E 222 21.49 -8.08 52.24
C GLU E 222 22.37 -7.98 51.01
N ASP E 223 23.68 -8.10 51.19
CA ASP E 223 24.62 -8.11 50.07
C ASP E 223 25.49 -9.36 50.04
N VAL E 224 25.38 -10.24 51.05
CA VAL E 224 26.15 -11.47 51.03
C VAL E 224 25.55 -12.43 50.01
N GLY E 225 26.41 -13.13 49.29
CA GLY E 225 25.96 -14.02 48.24
C GLY E 225 27.04 -14.21 47.20
N VAL E 226 26.61 -14.71 46.04
CA VAL E 226 27.52 -15.05 44.94
C VAL E 226 27.28 -14.06 43.80
N TYR E 227 28.37 -13.57 43.22
CA TYR E 227 28.31 -12.55 42.18
C TYR E 227 28.74 -13.16 40.85
N TYR E 228 27.98 -12.88 39.79
CA TYR E 228 28.17 -13.50 38.50
C TYR E 228 28.33 -12.47 37.39
N CYS E 229 29.04 -12.87 36.34
CA CYS E 229 29.18 -12.10 35.12
C CYS E 229 28.30 -12.69 34.01
N MET E 230 28.20 -11.97 32.91
CA MET E 230 27.49 -12.41 31.71
C MET E 230 28.01 -11.62 30.52
N GLN E 231 28.23 -12.29 29.41
CA GLN E 231 28.53 -11.65 28.15
C GLN E 231 27.28 -11.67 27.28
N HIS E 232 27.09 -10.64 26.46
CA HIS E 232 25.91 -10.65 25.63
C HIS E 232 26.22 -10.12 24.22
N LEU E 233 27.48 -10.16 23.80
CA LEU E 233 27.83 -9.88 22.41
C LEU E 233 27.51 -11.07 21.51
N GLU E 234 28.31 -12.13 21.61
CA GLU E 234 28.00 -13.40 20.97
C GLU E 234 26.90 -14.06 21.78
N TYR E 235 25.97 -14.71 21.09
CA TYR E 235 24.75 -14.99 21.84
C TYR E 235 24.88 -16.20 22.79
N PRO E 236 25.61 -17.31 22.47
CA PRO E 236 25.80 -18.35 23.49
C PRO E 236 26.44 -17.83 24.76
N LEU E 237 25.66 -17.84 25.84
CA LEU E 237 25.96 -17.05 27.02
C LEU E 237 27.05 -17.69 27.86
N THR E 238 27.91 -16.85 28.43
CA THR E 238 29.00 -17.30 29.28
C THR E 238 28.92 -16.57 30.60
N PHE E 239 28.91 -17.32 31.70
CA PHE E 239 28.93 -16.75 33.03
C PHE E 239 30.35 -16.86 33.61
N GLY E 240 30.47 -16.51 34.89
CA GLY E 240 31.67 -16.78 35.65
C GLY E 240 31.39 -17.84 36.70
N ALA E 241 32.45 -18.24 37.40
CA ALA E 241 32.30 -19.24 38.45
C ALA E 241 31.53 -18.67 39.63
N GLY E 242 31.84 -17.45 40.03
CA GLY E 242 31.15 -16.88 41.18
C GLY E 242 32.12 -16.50 42.28
N THR E 243 31.97 -15.26 42.76
CA THR E 243 32.73 -14.75 43.90
C THR E 243 31.79 -14.59 45.08
N LYS E 244 32.14 -15.17 46.21
CA LYS E 244 31.24 -15.26 47.36
C LYS E 244 31.69 -14.27 48.45
N LEU E 245 30.72 -13.50 48.96
CA LEU E 245 30.97 -12.56 50.05
C LEU E 245 30.71 -13.28 51.37
N GLU E 246 31.74 -13.34 52.22
CA GLU E 246 31.63 -13.95 53.53
C GLU E 246 31.36 -12.88 54.58
N LEU E 247 30.79 -13.32 55.71
CA LEU E 247 30.40 -12.45 56.82
C LEU E 247 29.46 -11.33 56.39
N SER F 8 -17.39 43.65 31.35
CA SER F 8 -16.89 44.82 30.62
C SER F 8 -16.03 45.69 31.52
N ILE F 9 -16.57 46.06 32.70
CA ILE F 9 -15.82 46.85 33.66
C ILE F 9 -14.64 46.06 34.19
N ALA F 10 -14.84 44.77 34.47
CA ALA F 10 -13.74 43.91 34.92
C ALA F 10 -12.71 43.75 33.82
N GLN F 11 -13.14 43.59 32.56
CA GLN F 11 -12.21 43.50 31.45
C GLN F 11 -11.44 44.81 31.26
N ALA F 12 -12.12 45.94 31.43
CA ALA F 12 -11.44 47.23 31.33
C ALA F 12 -10.40 47.41 32.43
N ARG F 13 -10.74 47.00 33.65
CA ARG F 13 -9.79 47.06 34.75
C ARG F 13 -8.61 46.12 34.51
N LYS F 14 -8.87 44.94 33.96
CA LYS F 14 -7.80 44.00 33.65
C LYS F 14 -6.86 44.56 32.59
N LEU F 15 -7.42 45.19 31.55
CA LEU F 15 -6.59 45.82 30.53
C LEU F 15 -5.78 46.98 31.09
N VAL F 16 -6.40 47.76 31.98
CA VAL F 16 -5.71 48.90 32.58
C VAL F 16 -4.56 48.43 33.45
N GLU F 17 -4.78 47.36 34.22
CA GLU F 17 -3.71 46.84 35.07
C GLU F 17 -2.61 46.19 34.24
N GLN F 18 -2.99 45.42 33.21
CA GLN F 18 -2.00 44.71 32.40
C GLN F 18 -1.14 45.68 31.60
N LEU F 19 -1.74 46.74 31.05
CA LEU F 19 -0.96 47.69 30.27
C LEU F 19 -0.06 48.55 31.15
N LYS F 20 -0.26 48.53 32.47
CA LYS F 20 0.69 49.18 33.36
C LYS F 20 1.95 48.33 33.52
N MET F 21 1.84 47.02 33.35
CA MET F 21 2.96 46.11 33.61
C MET F 21 4.08 46.32 32.59
N GLU F 22 3.73 46.51 31.32
CA GLU F 22 4.76 46.84 30.34
C GLU F 22 5.20 48.29 30.44
N ALA F 23 4.37 49.14 31.05
CA ALA F 23 4.67 50.58 31.09
C ALA F 23 5.78 50.90 32.09
N ASN F 24 5.74 50.29 33.27
CA ASN F 24 6.64 50.69 34.35
C ASN F 24 7.97 49.96 34.32
N ILE F 25 8.30 49.28 33.22
CA ILE F 25 9.59 48.62 33.07
C ILE F 25 10.19 49.03 31.73
N ASP F 26 11.52 49.21 31.72
CA ASP F 26 12.28 49.34 30.50
C ASP F 26 13.70 48.91 30.83
N ARG F 27 14.41 48.41 29.82
CA ARG F 27 15.73 47.83 30.09
C ARG F 27 16.86 48.56 29.40
N ILE F 28 16.84 48.68 28.07
CA ILE F 28 18.03 49.04 27.31
C ILE F 28 17.59 49.83 26.08
N LYS F 29 18.52 50.59 25.51
CA LYS F 29 18.32 51.31 24.26
C LYS F 29 19.18 50.75 23.14
N VAL F 30 19.32 49.42 23.11
CA VAL F 30 20.10 48.67 22.13
C VAL F 30 21.54 49.20 22.19
N SER F 31 22.10 49.22 23.39
CA SER F 31 23.51 49.56 23.55
C SER F 31 24.39 48.32 23.46
N LYS F 32 23.96 47.24 24.10
CA LYS F 32 24.56 45.92 23.91
C LYS F 32 23.50 44.86 23.61
N ALA F 33 22.25 45.27 23.34
CA ALA F 33 21.19 44.31 23.10
C ALA F 33 21.35 43.61 21.76
N ALA F 34 22.16 44.19 20.86
CA ALA F 34 22.56 43.51 19.65
C ALA F 34 24.03 43.13 19.63
N ALA F 35 24.82 43.69 20.55
CA ALA F 35 26.22 43.30 20.65
C ALA F 35 26.37 41.95 21.34
N ASP F 36 25.42 41.58 22.21
CA ASP F 36 25.50 40.29 22.87
C ASP F 36 25.25 39.14 21.90
N LEU F 37 24.36 39.34 20.91
CA LEU F 37 24.15 38.32 19.88
C LEU F 37 25.42 38.06 19.09
N MET F 38 26.06 39.13 18.60
CA MET F 38 27.26 38.97 17.80
C MET F 38 28.45 38.54 18.64
N ALA F 39 28.43 38.78 19.95
CA ALA F 39 29.47 38.25 20.83
C ALA F 39 29.27 36.76 21.05
N TYR F 40 28.03 36.33 21.29
CA TYR F 40 27.76 34.93 21.60
C TYR F 40 27.95 34.03 20.39
N CYS F 41 27.52 34.50 19.22
CA CYS F 41 27.58 33.63 18.04
C CYS F 41 29.02 33.40 17.59
N GLU F 42 29.91 34.37 17.84
CA GLU F 42 31.30 34.20 17.46
C GLU F 42 32.01 33.17 18.33
N ALA F 43 31.71 33.17 19.63
CA ALA F 43 32.38 32.24 20.54
C ALA F 43 31.83 30.83 20.40
N HIS F 44 30.53 30.70 20.15
CA HIS F 44 29.87 29.40 20.10
C HIS F 44 29.76 28.83 18.69
N ALA F 45 30.37 29.48 17.70
CA ALA F 45 30.31 28.98 16.32
C ALA F 45 31.07 27.66 16.19
N LYS F 46 32.15 27.49 16.94
CA LYS F 46 32.90 26.25 16.89
C LYS F 46 32.11 25.10 17.48
N GLU F 47 31.25 25.40 18.46
CA GLU F 47 30.44 24.35 19.08
C GLU F 47 29.37 23.84 18.12
N ASP F 48 28.78 24.73 17.34
CA ASP F 48 27.69 24.35 16.44
C ASP F 48 28.23 23.63 15.21
N PRO F 49 27.81 22.40 14.95
CA PRO F 49 28.24 21.71 13.73
C PRO F 49 27.35 21.92 12.52
N LEU F 50 26.31 22.75 12.65
CA LEU F 50 25.43 23.02 11.51
C LEU F 50 26.05 23.98 10.51
N LEU F 51 27.11 24.69 10.90
CA LEU F 51 27.77 25.64 10.03
C LEU F 51 29.04 25.10 9.41
N THR F 52 29.89 24.44 10.19
CA THR F 52 31.14 23.86 9.70
C THR F 52 31.20 22.40 10.15
N PRO F 53 30.58 21.51 9.40
CA PRO F 53 30.63 20.08 9.75
C PRO F 53 31.98 19.47 9.42
N VAL F 54 32.34 18.44 10.19
CA VAL F 54 33.58 17.71 9.98
C VAL F 54 33.29 16.21 9.97
N PRO F 55 32.68 15.66 8.91
CA PRO F 55 32.37 14.23 8.87
C PRO F 55 33.52 13.39 8.32
N ALA F 56 34.72 13.60 8.84
CA ALA F 56 35.90 12.86 8.41
C ALA F 56 36.31 11.77 9.38
N SER F 57 36.13 11.98 10.68
CA SER F 57 36.48 10.98 11.68
C SER F 57 35.32 10.73 12.63
N GLU F 58 34.44 11.72 12.79
CA GLU F 58 33.32 11.58 13.71
C GLU F 58 32.22 10.72 13.10
N ASN F 59 31.63 11.18 11.99
CA ASN F 59 30.54 10.53 11.26
C ASN F 59 29.37 10.21 12.16
N PRO F 60 28.62 11.22 12.63
CA PRO F 60 27.49 10.92 13.52
C PRO F 60 26.34 10.20 12.84
N PHE F 61 26.18 10.42 11.54
CA PHE F 61 25.22 9.71 10.72
C PHE F 61 25.91 9.26 9.45
N ARG F 62 25.41 8.17 8.86
CA ARG F 62 25.95 7.69 7.60
C ARG F 62 25.08 8.13 6.43
#